data_1NE3
#
_entry.id   1NE3
#
_cell.length_a   1.000
_cell.length_b   1.000
_cell.length_c   1.000
_cell.angle_alpha   90.00
_cell.angle_beta   90.00
_cell.angle_gamma   90.00
#
_symmetry.space_group_name_H-M   'P 1'
#
_entity_poly.entity_id   1
_entity_poly.type   'polypeptide(L)'
_entity_poly.pdbx_seq_one_letter_code
;MDDATPAEVIEVLKRTGMTGEVMQVKCRILDGRDKGRILTRNVMGPIREGDILMLLDTIREAKEIRTP
;
_entity_poly.pdbx_strand_id   A
#
# COMPACT_ATOMS: atom_id res chain seq x y z
N MET A 1 18.93 -0.68 -4.09
CA MET A 1 19.60 -0.40 -2.84
C MET A 1 18.59 -0.30 -1.68
N ASP A 2 17.65 0.62 -1.85
CA ASP A 2 16.63 0.83 -0.84
C ASP A 2 15.46 -0.13 -1.09
N ASP A 3 15.33 -0.54 -2.35
CA ASP A 3 14.27 -1.45 -2.74
C ASP A 3 12.93 -0.73 -2.65
N ALA A 4 12.56 -0.38 -1.42
CA ALA A 4 11.31 0.31 -1.19
C ALA A 4 11.58 1.81 -1.05
N THR A 5 10.61 2.60 -1.49
CA THR A 5 10.72 4.05 -1.43
C THR A 5 9.99 4.58 -0.20
N PRO A 6 10.58 5.65 0.39
CA PRO A 6 10.00 6.28 1.57
C PRO A 6 8.76 7.09 1.21
N ALA A 7 7.70 6.90 2.00
CA ALA A 7 6.46 7.61 1.77
C ALA A 7 5.72 7.77 3.10
N GLU A 8 4.86 8.78 3.14
CA GLU A 8 4.08 9.04 4.34
C GLU A 8 2.59 8.87 4.06
N VAL A 9 1.93 8.15 4.94
CA VAL A 9 0.50 7.90 4.80
C VAL A 9 -0.21 9.23 4.57
N ILE A 10 -1.10 9.22 3.58
CA ILE A 10 -1.85 10.41 3.24
C ILE A 10 -3.34 10.17 3.53
N GLU A 11 -3.78 8.97 3.18
CA GLU A 11 -5.17 8.60 3.39
C GLU A 11 -5.25 7.22 4.06
N VAL A 12 -6.25 7.06 4.91
CA VAL A 12 -6.46 5.81 5.61
C VAL A 12 -7.88 5.30 5.33
N LEU A 13 -7.97 3.99 5.15
CA LEU A 13 -9.25 3.36 4.87
C LEU A 13 -9.74 2.65 6.13
N LYS A 14 -10.79 3.20 6.73
CA LYS A 14 -11.36 2.63 7.93
C LYS A 14 -12.88 2.55 7.78
N ARG A 15 -13.39 1.34 7.86
CA ARG A 15 -14.82 1.12 7.74
C ARG A 15 -15.33 0.24 8.89
N THR A 16 -16.02 0.88 9.81
CA THR A 16 -16.55 0.17 10.97
C THR A 16 -15.43 -0.32 11.87
N GLY A 17 -15.81 -0.77 13.06
CA GLY A 17 -14.84 -1.27 14.02
C GLY A 17 -14.09 -2.49 13.46
N MET A 18 -14.23 -3.60 14.16
CA MET A 18 -13.57 -4.82 13.75
C MET A 18 -14.37 -5.54 12.66
N THR A 19 -13.79 -5.59 11.47
CA THR A 19 -14.44 -6.24 10.34
C THR A 19 -13.40 -6.91 9.45
N GLY A 20 -12.60 -7.77 10.07
CA GLY A 20 -11.56 -8.48 9.33
C GLY A 20 -10.49 -9.01 10.29
N GLU A 21 -9.36 -8.33 10.28
CA GLU A 21 -8.24 -8.72 11.13
C GLU A 21 -7.08 -7.74 10.97
N VAL A 22 -6.89 -7.29 9.74
CA VAL A 22 -5.82 -6.35 9.43
C VAL A 22 -6.43 -5.04 8.92
N MET A 23 -5.78 -3.95 9.28
CA MET A 23 -6.24 -2.63 8.86
C MET A 23 -5.49 -2.16 7.62
N GLN A 24 -6.24 -1.52 6.72
CA GLN A 24 -5.65 -1.02 5.49
C GLN A 24 -5.53 0.51 5.55
N VAL A 25 -4.46 1.00 4.94
CA VAL A 25 -4.22 2.44 4.92
C VAL A 25 -3.73 2.85 3.53
N LYS A 26 -3.88 4.13 3.24
CA LYS A 26 -3.47 4.66 1.95
C LYS A 26 -2.25 5.56 2.14
N CYS A 27 -1.27 5.37 1.27
CA CYS A 27 -0.05 6.15 1.32
C CYS A 27 0.35 6.54 -0.11
N ARG A 28 1.00 7.69 -0.21
CA ARG A 28 1.43 8.19 -1.50
C ARG A 28 2.96 8.30 -1.54
N ILE A 29 3.52 7.92 -2.68
CA ILE A 29 4.96 7.97 -2.86
C ILE A 29 5.44 9.41 -2.66
N LEU A 30 6.38 9.56 -1.73
CA LEU A 30 6.93 10.87 -1.43
C LEU A 30 8.11 11.15 -2.36
N ASP A 31 8.73 10.07 -2.81
CA ASP A 31 9.87 10.19 -3.70
C ASP A 31 10.14 8.83 -4.35
N GLY A 32 10.89 8.87 -5.44
CA GLY A 32 11.22 7.65 -6.17
C GLY A 32 11.19 7.89 -7.68
N ARG A 33 11.16 6.80 -8.43
CA ARG A 33 11.12 6.87 -9.88
C ARG A 33 9.70 7.14 -10.36
N ASP A 34 8.75 6.63 -9.60
CA ASP A 34 7.35 6.81 -9.94
C ASP A 34 6.87 8.17 -9.44
N LYS A 35 7.06 8.38 -8.14
CA LYS A 35 6.67 9.63 -7.52
C LYS A 35 5.16 9.82 -7.70
N GLY A 36 4.51 10.18 -6.61
CA GLY A 36 3.08 10.40 -6.63
C GLY A 36 2.32 9.07 -6.65
N ARG A 37 3.07 7.99 -6.72
CA ARG A 37 2.50 6.66 -6.76
C ARG A 37 1.82 6.35 -5.42
N ILE A 38 0.55 5.98 -5.51
CA ILE A 38 -0.22 5.66 -4.32
C ILE A 38 -0.65 4.19 -4.37
N LEU A 39 -0.34 3.47 -3.30
CA LEU A 39 -0.68 2.06 -3.23
C LEU A 39 -1.34 1.78 -1.88
N THR A 40 -2.25 0.82 -1.88
CA THR A 40 -2.97 0.44 -0.68
C THR A 40 -2.62 -0.99 -0.28
N ARG A 41 -2.34 -1.16 1.00
CA ARG A 41 -2.00 -2.48 1.52
C ARG A 41 -2.57 -2.66 2.93
N ASN A 42 -2.79 -3.91 3.29
CA ASN A 42 -3.34 -4.24 4.59
C ASN A 42 -2.19 -4.38 5.60
N VAL A 43 -2.25 -3.54 6.62
CA VAL A 43 -1.23 -3.56 7.66
C VAL A 43 -1.89 -3.61 9.03
N MET A 44 -1.40 -4.52 9.86
CA MET A 44 -1.94 -4.68 11.20
C MET A 44 -1.38 -3.61 12.14
N GLY A 45 -2.28 -3.02 12.91
CA GLY A 45 -1.88 -1.99 13.86
C GLY A 45 -2.59 -0.67 13.56
N PRO A 46 -2.69 0.19 14.61
CA PRO A 46 -3.33 1.49 14.46
C PRO A 46 -2.42 2.47 13.71
N ILE A 47 -2.59 2.48 12.40
CA ILE A 47 -1.80 3.37 11.56
C ILE A 47 -2.73 4.22 10.69
N ARG A 48 -2.57 5.54 10.82
CA ARG A 48 -3.38 6.46 10.06
C ARG A 48 -2.50 7.48 9.34
N GLU A 49 -3.10 8.14 8.36
CA GLU A 49 -2.38 9.15 7.59
C GLU A 49 -1.37 9.87 8.48
N GLY A 50 -0.18 10.07 7.94
CA GLY A 50 0.88 10.75 8.67
C GLY A 50 2.05 9.80 8.95
N ASP A 51 1.74 8.51 8.94
CA ASP A 51 2.76 7.50 9.19
C ASP A 51 3.66 7.37 7.96
N ILE A 52 4.60 6.46 8.05
CA ILE A 52 5.54 6.22 6.96
C ILE A 52 5.49 4.75 6.56
N LEU A 53 5.32 4.53 5.26
CA LEU A 53 5.27 3.18 4.73
C LEU A 53 6.27 3.03 3.59
N MET A 54 6.60 1.78 3.29
CA MET A 54 7.54 1.49 2.23
C MET A 54 6.83 0.95 0.99
N LEU A 55 7.23 1.45 -0.16
CA LEU A 55 6.64 1.02 -1.42
C LEU A 55 7.60 0.05 -2.12
N LEU A 56 7.20 -1.21 -2.13
CA LEU A 56 8.01 -2.25 -2.76
C LEU A 56 7.36 -2.64 -4.09
N ASP A 57 8.22 -2.77 -5.10
CA ASP A 57 7.75 -3.14 -6.42
C ASP A 57 7.00 -4.47 -6.35
N THR A 58 5.74 -4.43 -6.79
CA THR A 58 4.91 -5.61 -6.77
C THR A 58 5.04 -6.38 -8.08
N ILE A 59 5.26 -7.68 -7.96
CA ILE A 59 5.40 -8.53 -9.13
C ILE A 59 4.04 -9.14 -9.49
N ARG A 60 3.72 -9.06 -10.78
CA ARG A 60 2.45 -9.59 -11.26
C ARG A 60 2.62 -11.05 -11.67
N GLU A 61 1.71 -11.88 -11.16
CA GLU A 61 1.74 -13.30 -11.45
C GLU A 61 0.87 -13.60 -12.68
N ALA A 62 1.30 -14.61 -13.42
CA ALA A 62 0.57 -15.01 -14.62
C ALA A 62 -0.41 -16.13 -14.26
N LYS A 63 -1.61 -16.01 -14.81
CA LYS A 63 -2.64 -17.00 -14.56
C LYS A 63 -2.65 -18.02 -15.69
N GLU A 64 -2.58 -19.29 -15.30
CA GLU A 64 -2.58 -20.37 -16.28
C GLU A 64 -3.95 -21.05 -16.33
N ILE A 65 -4.37 -21.36 -17.54
CA ILE A 65 -5.66 -22.02 -17.73
C ILE A 65 -5.44 -23.52 -17.89
N ARG A 66 -6.24 -24.28 -17.14
CA ARG A 66 -6.15 -25.73 -17.19
C ARG A 66 -7.35 -26.31 -17.93
N THR A 67 -7.06 -27.01 -19.01
CA THR A 67 -8.11 -27.62 -19.82
C THR A 67 -8.17 -29.13 -19.55
N PRO A 68 -9.41 -29.67 -19.63
CA PRO A 68 -9.62 -31.10 -19.41
C PRO A 68 -9.13 -31.92 -20.60
N MET A 1 17.99 0.35 0.15
CA MET A 1 17.79 1.79 0.17
C MET A 1 16.90 2.25 -0.98
N ASP A 2 17.33 1.89 -2.19
CA ASP A 2 16.59 2.25 -3.39
C ASP A 2 15.38 1.32 -3.53
N ASP A 3 15.50 0.16 -2.90
CA ASP A 3 14.43 -0.82 -2.96
C ASP A 3 13.08 -0.13 -2.72
N ALA A 4 12.79 0.11 -1.45
CA ALA A 4 11.55 0.77 -1.08
C ALA A 4 11.77 2.28 -1.03
N THR A 5 10.74 3.00 -1.41
CA THR A 5 10.80 4.46 -1.41
C THR A 5 10.18 5.03 -0.14
N PRO A 6 10.76 6.17 0.33
CA PRO A 6 10.27 6.82 1.54
C PRO A 6 8.96 7.56 1.26
N ALA A 7 7.87 7.00 1.79
CA ALA A 7 6.56 7.60 1.61
C ALA A 7 5.88 7.74 2.97
N GLU A 8 4.92 8.65 3.02
CA GLU A 8 4.18 8.89 4.25
C GLU A 8 2.68 8.69 4.03
N VAL A 9 2.07 7.95 4.94
CA VAL A 9 0.66 7.66 4.85
C VAL A 9 -0.10 8.97 4.65
N ILE A 10 -0.81 9.04 3.53
CA ILE A 10 -1.59 10.22 3.21
C ILE A 10 -3.07 9.96 3.49
N GLU A 11 -3.49 8.75 3.18
CA GLU A 11 -4.87 8.35 3.40
C GLU A 11 -4.93 6.96 4.03
N VAL A 12 -5.84 6.82 5.00
CA VAL A 12 -6.00 5.56 5.69
C VAL A 12 -7.45 5.09 5.53
N LEU A 13 -7.60 3.81 5.21
CA LEU A 13 -8.92 3.23 5.03
C LEU A 13 -9.23 2.30 6.20
N LYS A 14 -10.14 2.74 7.05
CA LYS A 14 -10.53 1.97 8.21
C LYS A 14 -12.05 1.93 8.31
N ARG A 15 -12.57 0.74 8.58
CA ARG A 15 -14.01 0.55 8.70
C ARG A 15 -14.34 -0.13 10.03
N THR A 16 -15.47 0.27 10.59
CA THR A 16 -15.92 -0.29 11.86
C THR A 16 -17.32 -0.89 11.71
N GLY A 17 -17.41 -2.19 11.97
CA GLY A 17 -18.67 -2.88 11.86
C GLY A 17 -18.60 -4.27 12.51
N MET A 18 -18.26 -4.26 13.80
CA MET A 18 -18.14 -5.50 14.55
C MET A 18 -16.84 -6.23 14.20
N THR A 19 -16.66 -6.48 12.91
CA THR A 19 -15.47 -7.17 12.44
C THR A 19 -14.40 -6.15 12.03
N GLY A 20 -13.28 -6.20 12.74
CA GLY A 20 -12.18 -5.30 12.47
C GLY A 20 -10.89 -5.79 13.13
N GLU A 21 -10.11 -6.53 12.35
CA GLU A 21 -8.85 -7.07 12.85
C GLU A 21 -7.68 -6.46 12.08
N VAL A 22 -7.75 -6.58 10.76
CA VAL A 22 -6.69 -6.05 9.90
C VAL A 22 -7.28 -4.95 9.01
N MET A 23 -6.77 -3.75 9.21
CA MET A 23 -7.23 -2.61 8.43
C MET A 23 -6.22 -2.23 7.35
N GLN A 24 -6.69 -1.51 6.35
CA GLN A 24 -5.84 -1.08 5.25
C GLN A 24 -5.54 0.41 5.38
N VAL A 25 -4.45 0.81 4.73
CA VAL A 25 -4.04 2.21 4.75
C VAL A 25 -3.59 2.62 3.36
N LYS A 26 -3.55 3.94 3.15
CA LYS A 26 -3.13 4.47 1.86
C LYS A 26 -1.93 5.39 2.06
N CYS A 27 -0.94 5.23 1.19
CA CYS A 27 0.26 6.03 1.27
C CYS A 27 0.68 6.40 -0.16
N ARG A 28 0.98 7.68 -0.35
CA ARG A 28 1.39 8.17 -1.65
C ARG A 28 2.92 8.35 -1.69
N ILE A 29 3.49 7.95 -2.81
CA ILE A 29 4.93 8.05 -3.00
C ILE A 29 5.36 9.50 -2.79
N LEU A 30 6.21 9.70 -1.79
CA LEU A 30 6.71 11.03 -1.49
C LEU A 30 7.89 11.35 -2.40
N ASP A 31 8.54 10.29 -2.86
CA ASP A 31 9.69 10.45 -3.74
C ASP A 31 10.02 9.10 -4.39
N GLY A 32 10.64 9.18 -5.55
CA GLY A 32 11.01 7.99 -6.29
C GLY A 32 11.01 8.24 -7.80
N ARG A 33 11.13 7.16 -8.55
CA ARG A 33 11.13 7.26 -10.00
C ARG A 33 9.71 7.45 -10.53
N ASP A 34 8.75 6.95 -9.75
CA ASP A 34 7.36 7.07 -10.12
C ASP A 34 6.79 8.39 -9.59
N LYS A 35 6.96 8.58 -8.29
CA LYS A 35 6.48 9.80 -7.66
C LYS A 35 4.96 9.90 -7.86
N GLY A 36 4.28 10.18 -6.76
CA GLY A 36 2.83 10.32 -6.80
C GLY A 36 2.15 8.94 -6.76
N ARG A 37 2.97 7.91 -6.88
CA ARG A 37 2.46 6.55 -6.86
C ARG A 37 1.84 6.23 -5.50
N ILE A 38 0.61 5.76 -5.54
CA ILE A 38 -0.10 5.41 -4.32
C ILE A 38 -0.48 3.92 -4.35
N LEU A 39 -0.22 3.26 -3.24
CA LEU A 39 -0.53 1.84 -3.13
C LEU A 39 -1.28 1.58 -1.82
N THR A 40 -2.12 0.57 -1.85
CA THR A 40 -2.90 0.21 -0.67
C THR A 40 -2.53 -1.20 -0.20
N ARG A 41 -2.38 -1.32 1.11
CA ARG A 41 -2.03 -2.60 1.71
C ARG A 41 -2.74 -2.78 3.04
N ASN A 42 -3.02 -4.03 3.37
CA ASN A 42 -3.71 -4.36 4.61
C ASN A 42 -2.67 -4.51 5.73
N VAL A 43 -2.82 -3.69 6.75
CA VAL A 43 -1.91 -3.73 7.88
C VAL A 43 -2.71 -3.66 9.19
N MET A 44 -2.38 -4.54 10.10
CA MET A 44 -3.06 -4.59 11.39
C MET A 44 -2.37 -3.68 12.40
N GLY A 45 -3.15 -2.79 12.99
CA GLY A 45 -2.63 -1.86 13.98
C GLY A 45 -3.18 -0.45 13.76
N PRO A 46 -3.11 0.37 14.83
CA PRO A 46 -3.59 1.74 14.77
C PRO A 46 -2.62 2.62 13.99
N ILE A 47 -2.80 2.64 12.67
CA ILE A 47 -1.95 3.44 11.81
C ILE A 47 -2.84 4.35 10.94
N ARG A 48 -2.56 5.64 11.03
CA ARG A 48 -3.32 6.62 10.27
C ARG A 48 -2.37 7.53 9.48
N GLU A 49 -2.91 8.12 8.43
CA GLU A 49 -2.12 9.00 7.59
C GLU A 49 -1.11 9.78 8.44
N GLY A 50 0.11 9.87 7.92
CA GLY A 50 1.16 10.58 8.62
C GLY A 50 2.33 9.65 8.94
N ASP A 51 2.06 8.35 8.88
CA ASP A 51 3.07 7.35 9.16
C ASP A 51 3.93 7.14 7.92
N ILE A 52 4.98 6.37 8.08
CA ILE A 52 5.90 6.08 6.98
C ILE A 52 5.64 4.66 6.48
N LEU A 53 5.81 4.49 5.17
CA LEU A 53 5.60 3.21 4.54
C LEU A 53 6.68 2.98 3.49
N MET A 54 6.85 1.71 3.14
CA MET A 54 7.85 1.34 2.14
C MET A 54 7.18 0.88 0.84
N LEU A 55 7.47 1.61 -0.23
CA LEU A 55 6.92 1.28 -1.53
C LEU A 55 7.95 0.53 -2.36
N LEU A 56 7.67 -0.75 -2.57
CA LEU A 56 8.58 -1.59 -3.34
C LEU A 56 8.08 -1.67 -4.78
N ASP A 57 9.03 -1.64 -5.70
CA ASP A 57 8.70 -1.72 -7.12
C ASP A 57 7.88 -2.98 -7.39
N THR A 58 6.70 -2.76 -7.94
CA THR A 58 5.81 -3.87 -8.24
C THR A 58 5.97 -4.29 -9.71
N ILE A 59 6.19 -5.59 -9.88
CA ILE A 59 6.37 -6.13 -11.23
C ILE A 59 5.00 -6.46 -11.81
N ARG A 60 4.78 -5.98 -13.04
CA ARG A 60 3.53 -6.23 -13.72
C ARG A 60 3.44 -7.68 -14.19
N GLU A 61 2.23 -8.22 -14.13
CA GLU A 61 2.00 -9.60 -14.54
C GLU A 61 1.42 -9.63 -15.95
N ALA A 62 2.05 -10.43 -16.80
CA ALA A 62 1.60 -10.57 -18.17
C ALA A 62 0.50 -11.64 -18.24
N LYS A 63 -0.63 -11.24 -18.80
CA LYS A 63 -1.77 -12.14 -18.93
C LYS A 63 -1.52 -13.07 -20.11
N GLU A 64 -1.53 -14.36 -19.82
CA GLU A 64 -1.31 -15.37 -20.85
C GLU A 64 -2.64 -16.04 -21.22
N ILE A 65 -3.03 -15.85 -22.47
CA ILE A 65 -4.27 -16.43 -22.97
C ILE A 65 -3.96 -17.73 -23.71
N ARG A 66 -4.47 -18.83 -23.16
CA ARG A 66 -4.26 -20.13 -23.76
C ARG A 66 -5.04 -20.24 -25.07
N THR A 67 -4.30 -20.52 -26.14
CA THR A 67 -4.91 -20.66 -27.46
C THR A 67 -5.11 -22.13 -27.79
N PRO A 68 -6.20 -22.40 -28.56
CA PRO A 68 -6.51 -23.76 -28.97
C PRO A 68 -5.57 -24.24 -30.07
N MET A 1 15.35 0.38 1.75
CA MET A 1 15.77 1.72 1.37
C MET A 1 15.76 1.89 -0.15
N ASP A 2 16.42 0.95 -0.83
CA ASP A 2 16.50 0.99 -2.27
C ASP A 2 15.35 0.16 -2.85
N ASP A 3 14.99 -0.89 -2.13
CA ASP A 3 13.92 -1.76 -2.56
C ASP A 3 12.57 -1.03 -2.45
N ALA A 4 12.32 -0.53 -1.25
CA ALA A 4 11.09 0.20 -1.00
C ALA A 4 11.39 1.69 -0.87
N THR A 5 10.46 2.50 -1.34
CA THR A 5 10.62 3.94 -1.28
C THR A 5 9.88 4.52 -0.07
N PRO A 6 10.53 5.54 0.57
CA PRO A 6 9.95 6.18 1.73
C PRO A 6 8.80 7.11 1.33
N ALA A 7 7.66 6.90 1.99
CA ALA A 7 6.48 7.71 1.71
C ALA A 7 5.71 7.93 3.01
N GLU A 8 4.92 8.99 3.02
CA GLU A 8 4.12 9.31 4.19
C GLU A 8 2.64 9.05 3.90
N VAL A 9 2.01 8.35 4.83
CA VAL A 9 0.61 8.03 4.70
C VAL A 9 -0.20 9.31 4.48
N ILE A 10 -1.11 9.25 3.51
CA ILE A 10 -1.94 10.40 3.18
C ILE A 10 -3.40 10.08 3.53
N GLU A 11 -3.78 8.85 3.22
CA GLU A 11 -5.14 8.40 3.48
C GLU A 11 -5.13 7.01 4.10
N VAL A 12 -6.02 6.82 5.08
CA VAL A 12 -6.12 5.53 5.76
C VAL A 12 -7.55 5.01 5.63
N LEU A 13 -7.64 3.74 5.25
CA LEU A 13 -8.93 3.10 5.08
C LEU A 13 -9.16 2.10 6.22
N LYS A 14 -10.08 2.47 7.11
CA LYS A 14 -10.40 1.62 8.25
C LYS A 14 -11.92 1.50 8.36
N ARG A 15 -12.34 0.35 8.87
CA ARG A 15 -13.76 0.09 9.04
C ARG A 15 -14.04 -0.43 10.45
N THR A 16 -15.11 0.09 11.04
CA THR A 16 -15.49 -0.31 12.38
C THR A 16 -16.26 -1.64 12.35
N GLY A 17 -17.33 -1.64 11.56
CA GLY A 17 -18.15 -2.83 11.43
C GLY A 17 -17.29 -4.09 11.25
N MET A 18 -17.83 -5.20 11.68
CA MET A 18 -17.13 -6.47 11.58
C MET A 18 -15.82 -6.44 12.36
N THR A 19 -15.34 -7.62 12.70
CA THR A 19 -14.10 -7.74 13.45
C THR A 19 -12.99 -6.92 12.79
N GLY A 20 -12.71 -7.27 11.55
CA GLY A 20 -11.67 -6.57 10.80
C GLY A 20 -10.30 -7.16 11.08
N GLU A 21 -9.81 -6.91 12.29
CA GLU A 21 -8.51 -7.42 12.69
C GLU A 21 -7.39 -6.69 11.93
N VAL A 22 -7.41 -6.86 10.62
CA VAL A 22 -6.41 -6.23 9.77
C VAL A 22 -7.07 -5.11 8.95
N MET A 23 -6.44 -3.95 9.00
CA MET A 23 -6.96 -2.80 8.27
C MET A 23 -5.98 -2.35 7.19
N GLN A 24 -6.51 -1.61 6.22
CA GLN A 24 -5.70 -1.12 5.12
C GLN A 24 -5.44 0.38 5.29
N VAL A 25 -4.40 0.84 4.63
CA VAL A 25 -4.03 2.25 4.69
C VAL A 25 -3.59 2.72 3.30
N LYS A 26 -3.68 4.03 3.10
CA LYS A 26 -3.30 4.63 1.84
C LYS A 26 -2.11 5.57 2.05
N CYS A 27 -1.10 5.41 1.20
CA CYS A 27 0.08 6.25 1.29
C CYS A 27 0.51 6.64 -0.12
N ARG A 28 1.04 7.84 -0.24
CA ARG A 28 1.49 8.34 -1.52
C ARG A 28 3.02 8.45 -1.55
N ILE A 29 3.59 8.04 -2.68
CA ILE A 29 5.03 8.07 -2.84
C ILE A 29 5.53 9.51 -2.64
N LEU A 30 6.67 9.62 -2.00
CA LEU A 30 7.26 10.93 -1.73
C LEU A 30 8.52 11.08 -2.57
N ASP A 31 8.98 9.98 -3.12
CA ASP A 31 10.18 9.98 -3.94
C ASP A 31 10.24 8.68 -4.75
N GLY A 32 10.89 8.76 -5.90
CA GLY A 32 11.03 7.61 -6.77
C GLY A 32 10.63 7.95 -8.20
N ARG A 33 10.80 6.97 -9.07
CA ARG A 33 10.46 7.15 -10.48
C ARG A 33 8.95 7.33 -10.64
N ASP A 34 8.22 6.78 -9.68
CA ASP A 34 6.77 6.87 -9.71
C ASP A 34 6.31 7.94 -8.73
N LYS A 35 7.24 8.81 -8.37
CA LYS A 35 6.96 9.88 -7.44
C LYS A 35 5.47 10.23 -7.51
N GLY A 36 4.81 10.12 -6.37
CA GLY A 36 3.38 10.42 -6.29
C GLY A 36 2.56 9.13 -6.34
N ARG A 37 3.24 8.03 -6.62
CA ARG A 37 2.57 6.74 -6.70
C ARG A 37 1.92 6.40 -5.37
N ILE A 38 0.66 6.00 -5.45
CA ILE A 38 -0.10 5.63 -4.26
C ILE A 38 -0.40 4.14 -4.29
N LEU A 39 -0.10 3.48 -3.19
CA LEU A 39 -0.34 2.05 -3.08
C LEU A 39 -1.10 1.77 -1.78
N THR A 40 -1.98 0.78 -1.85
CA THR A 40 -2.77 0.40 -0.70
C THR A 40 -2.49 -1.05 -0.30
N ARG A 41 -2.30 -1.26 0.99
CA ARG A 41 -2.02 -2.58 1.51
C ARG A 41 -2.70 -2.79 2.86
N ASN A 42 -3.01 -4.04 3.15
CA ASN A 42 -3.66 -4.37 4.41
C ASN A 42 -2.60 -4.60 5.49
N VAL A 43 -2.69 -3.80 6.54
CA VAL A 43 -1.75 -3.89 7.64
C VAL A 43 -2.51 -3.77 8.97
N MET A 44 -2.21 -4.67 9.88
CA MET A 44 -2.85 -4.67 11.18
C MET A 44 -2.08 -3.80 12.17
N GLY A 45 -2.81 -2.86 12.77
CA GLY A 45 -2.22 -1.94 13.73
C GLY A 45 -2.78 -0.54 13.57
N PRO A 46 -2.58 0.28 14.64
CA PRO A 46 -3.07 1.65 14.63
C PRO A 46 -2.19 2.54 13.75
N ILE A 47 -2.53 2.56 12.47
CA ILE A 47 -1.77 3.36 11.52
C ILE A 47 -2.74 4.27 10.75
N ARG A 48 -2.48 5.57 10.84
CA ARG A 48 -3.30 6.55 10.17
C ARG A 48 -2.45 7.50 9.35
N GLU A 49 -3.08 8.13 8.37
CA GLU A 49 -2.38 9.07 7.50
C GLU A 49 -1.39 9.90 8.30
N GLY A 50 -0.25 10.17 7.69
CA GLY A 50 0.79 10.95 8.34
C GLY A 50 1.99 10.07 8.72
N ASP A 51 1.73 8.77 8.79
CA ASP A 51 2.77 7.81 9.14
C ASP A 51 3.71 7.64 7.95
N ILE A 52 4.74 6.83 8.17
CA ILE A 52 5.72 6.58 7.12
C ILE A 52 5.76 5.08 6.83
N LEU A 53 5.63 4.75 5.55
CA LEU A 53 5.65 3.36 5.14
C LEU A 53 6.52 3.23 3.88
N MET A 54 6.99 2.01 3.66
CA MET A 54 7.83 1.73 2.49
C MET A 54 7.00 1.15 1.35
N LEU A 55 7.24 1.69 0.16
CA LEU A 55 6.52 1.24 -1.03
C LEU A 55 7.41 0.26 -1.80
N LEU A 56 6.99 -0.99 -1.79
CA LEU A 56 7.73 -2.04 -2.49
C LEU A 56 7.00 -2.39 -3.79
N ASP A 57 7.80 -2.60 -4.83
CA ASP A 57 7.25 -2.93 -6.14
C ASP A 57 6.38 -4.20 -6.01
N THR A 58 5.13 -4.05 -6.41
CA THR A 58 4.19 -5.16 -6.35
C THR A 58 4.53 -6.20 -7.42
N ILE A 59 4.55 -7.45 -7.00
CA ILE A 59 4.85 -8.55 -7.91
C ILE A 59 3.56 -9.03 -8.55
N ARG A 60 3.63 -9.27 -9.85
CA ARG A 60 2.47 -9.74 -10.60
C ARG A 60 2.51 -11.26 -10.74
N GLU A 61 1.33 -11.84 -10.91
CA GLU A 61 1.22 -13.29 -11.05
C GLU A 61 1.48 -13.69 -12.49
N ALA A 62 1.98 -14.91 -12.66
CA ALA A 62 2.28 -15.42 -13.98
C ALA A 62 1.07 -16.20 -14.50
N LYS A 63 0.71 -15.91 -15.74
CA LYS A 63 -0.42 -16.57 -16.37
C LYS A 63 0.07 -17.75 -17.21
N GLU A 64 -0.49 -18.92 -16.91
CA GLU A 64 -0.11 -20.12 -17.63
C GLU A 64 -1.16 -20.47 -18.68
N ILE A 65 -0.68 -20.89 -19.84
CA ILE A 65 -1.57 -21.25 -20.93
C ILE A 65 -2.02 -22.71 -20.75
N ARG A 66 -3.33 -22.89 -20.75
CA ARG A 66 -3.90 -24.22 -20.60
C ARG A 66 -4.09 -24.89 -21.96
N THR A 67 -3.40 -26.01 -22.14
CA THR A 67 -3.48 -26.75 -23.38
C THR A 67 -4.64 -27.75 -23.34
N PRO A 68 -5.26 -27.97 -24.53
CA PRO A 68 -6.37 -28.88 -24.64
C PRO A 68 -5.90 -30.34 -24.57
N MET A 1 16.73 2.71 1.12
CA MET A 1 16.61 1.49 0.31
C MET A 1 15.96 1.79 -1.05
N ASP A 2 16.51 1.16 -2.08
CA ASP A 2 16.00 1.35 -3.42
C ASP A 2 14.79 0.44 -3.63
N ASP A 3 14.85 -0.73 -3.01
CA ASP A 3 13.77 -1.69 -3.13
C ASP A 3 12.43 -0.98 -2.94
N ALA A 4 12.27 -0.39 -1.76
CA ALA A 4 11.06 0.33 -1.45
C ALA A 4 11.37 1.81 -1.23
N THR A 5 10.43 2.66 -1.64
CA THR A 5 10.60 4.08 -1.49
C THR A 5 9.88 4.59 -0.24
N PRO A 6 10.52 5.58 0.43
CA PRO A 6 9.94 6.15 1.65
C PRO A 6 8.78 7.09 1.31
N ALA A 7 7.65 6.83 1.93
CA ALA A 7 6.46 7.64 1.71
C ALA A 7 5.70 7.78 3.03
N GLU A 8 4.91 8.85 3.10
CA GLU A 8 4.12 9.12 4.28
C GLU A 8 2.63 8.87 4.01
N VAL A 9 2.01 8.15 4.93
CA VAL A 9 0.60 7.84 4.80
C VAL A 9 -0.19 9.13 4.57
N ILE A 10 -0.93 9.15 3.48
CA ILE A 10 -1.73 10.31 3.13
C ILE A 10 -3.20 10.03 3.45
N GLU A 11 -3.61 8.81 3.14
CA GLU A 11 -4.99 8.41 3.39
C GLU A 11 -5.02 7.01 4.03
N VAL A 12 -5.90 6.87 5.01
CA VAL A 12 -6.05 5.62 5.71
C VAL A 12 -7.46 5.08 5.52
N LEU A 13 -7.53 3.84 5.05
CA LEU A 13 -8.81 3.20 4.82
C LEU A 13 -9.10 2.20 5.95
N LYS A 14 -10.06 2.55 6.78
CA LYS A 14 -10.44 1.70 7.89
C LYS A 14 -11.96 1.60 7.96
N ARG A 15 -12.43 0.38 8.23
CA ARG A 15 -13.86 0.14 8.32
C ARG A 15 -14.27 -0.05 9.78
N THR A 16 -15.27 0.70 10.18
CA THR A 16 -15.78 0.62 11.55
C THR A 16 -16.75 -0.56 11.70
N GLY A 17 -16.55 -1.31 12.77
CA GLY A 17 -17.39 -2.47 13.03
C GLY A 17 -16.56 -3.69 13.40
N MET A 18 -16.73 -4.74 12.60
CA MET A 18 -16.00 -5.98 12.83
C MET A 18 -14.50 -5.71 12.96
N THR A 19 -14.01 -5.89 14.18
CA THR A 19 -12.59 -5.67 14.45
C THR A 19 -11.87 -7.00 14.60
N GLY A 20 -11.52 -7.59 13.47
CA GLY A 20 -10.82 -8.87 13.47
C GLY A 20 -9.62 -8.84 12.53
N GLU A 21 -9.93 -8.66 11.24
CA GLU A 21 -8.88 -8.62 10.23
C GLU A 21 -8.07 -7.33 10.37
N VAL A 22 -6.98 -7.27 9.62
CA VAL A 22 -6.11 -6.11 9.65
C VAL A 22 -6.67 -5.03 8.72
N MET A 23 -6.49 -3.79 9.13
CA MET A 23 -6.98 -2.67 8.35
C MET A 23 -5.94 -2.24 7.31
N GLN A 24 -6.43 -1.54 6.28
CA GLN A 24 -5.56 -1.07 5.22
C GLN A 24 -5.33 0.43 5.35
N VAL A 25 -4.24 0.90 4.74
CA VAL A 25 -3.90 2.31 4.78
C VAL A 25 -3.40 2.74 3.41
N LYS A 26 -3.63 4.01 3.11
CA LYS A 26 -3.22 4.57 1.83
C LYS A 26 -2.02 5.50 2.04
N CYS A 27 -0.99 5.27 1.25
CA CYS A 27 0.22 6.07 1.35
C CYS A 27 0.68 6.43 -0.06
N ARG A 28 0.94 7.71 -0.27
CA ARG A 28 1.39 8.19 -1.56
C ARG A 28 2.91 8.38 -1.57
N ILE A 29 3.52 7.98 -2.68
CA ILE A 29 4.96 8.10 -2.82
C ILE A 29 5.37 9.56 -2.59
N LEU A 30 6.52 9.71 -1.95
CA LEU A 30 7.04 11.05 -1.66
C LEU A 30 8.28 11.30 -2.51
N ASP A 31 8.84 10.22 -3.03
CA ASP A 31 10.03 10.31 -3.86
C ASP A 31 10.21 9.00 -4.62
N GLY A 32 10.83 9.12 -5.79
CA GLY A 32 11.06 7.96 -6.63
C GLY A 32 10.66 8.23 -8.08
N ARG A 33 11.04 7.31 -8.96
CA ARG A 33 10.72 7.44 -10.36
C ARG A 33 9.20 7.36 -10.57
N ASP A 34 8.53 6.84 -9.55
CA ASP A 34 7.08 6.71 -9.62
C ASP A 34 6.43 7.81 -8.76
N LYS A 35 7.26 8.76 -8.35
CA LYS A 35 6.79 9.86 -7.53
C LYS A 35 5.29 10.06 -7.77
N GLY A 36 4.57 10.20 -6.67
CA GLY A 36 3.13 10.39 -6.75
C GLY A 36 2.39 9.05 -6.72
N ARG A 37 3.17 7.99 -6.83
CA ARG A 37 2.60 6.65 -6.82
C ARG A 37 1.93 6.37 -5.47
N ILE A 38 0.68 5.93 -5.56
CA ILE A 38 -0.09 5.62 -4.36
C ILE A 38 -0.43 4.13 -4.35
N LEU A 39 -0.20 3.51 -3.21
CA LEU A 39 -0.47 2.09 -3.05
C LEU A 39 -1.14 1.85 -1.69
N THR A 40 -1.97 0.82 -1.65
CA THR A 40 -2.68 0.48 -0.43
C THR A 40 -2.36 -0.97 -0.03
N ARG A 41 -2.19 -1.16 1.27
CA ARG A 41 -1.88 -2.48 1.80
C ARG A 41 -2.60 -2.69 3.14
N ASN A 42 -2.84 -3.96 3.45
CA ASN A 42 -3.51 -4.31 4.68
C ASN A 42 -2.47 -4.48 5.80
N VAL A 43 -2.63 -3.66 6.83
CA VAL A 43 -1.72 -3.71 7.96
C VAL A 43 -2.53 -3.64 9.26
N MET A 44 -2.14 -4.51 10.19
CA MET A 44 -2.82 -4.57 11.48
C MET A 44 -2.16 -3.62 12.48
N GLY A 45 -2.99 -2.77 13.07
CA GLY A 45 -2.51 -1.80 14.05
C GLY A 45 -3.10 -0.41 13.78
N PRO A 46 -3.06 0.44 14.84
CA PRO A 46 -3.58 1.79 14.73
C PRO A 46 -2.62 2.68 13.94
N ILE A 47 -2.83 2.69 12.63
CA ILE A 47 -2.01 3.49 11.75
C ILE A 47 -2.90 4.39 10.89
N ARG A 48 -2.64 5.68 10.97
CA ARG A 48 -3.41 6.65 10.21
C ARG A 48 -2.48 7.57 9.42
N GLU A 49 -3.05 8.19 8.39
CA GLU A 49 -2.28 9.09 7.55
C GLU A 49 -1.26 9.87 8.39
N GLY A 50 -0.08 10.01 7.84
CA GLY A 50 0.99 10.72 8.53
C GLY A 50 2.15 9.78 8.88
N ASP A 51 1.84 8.49 8.88
CA ASP A 51 2.83 7.49 9.20
C ASP A 51 3.78 7.31 8.00
N ILE A 52 4.72 6.39 8.16
CA ILE A 52 5.69 6.13 7.11
C ILE A 52 5.64 4.63 6.75
N LEU A 53 5.56 4.38 5.45
CA LEU A 53 5.51 3.01 4.97
C LEU A 53 6.43 2.87 3.75
N MET A 54 6.77 1.63 3.44
CA MET A 54 7.63 1.34 2.31
C MET A 54 6.81 0.94 1.08
N LEU A 55 7.12 1.58 -0.04
CA LEU A 55 6.43 1.30 -1.28
C LEU A 55 7.30 0.38 -2.15
N LEU A 56 6.83 -0.86 -2.28
CA LEU A 56 7.56 -1.84 -3.07
C LEU A 56 6.85 -2.03 -4.42
N ASP A 57 7.65 -2.17 -5.47
CA ASP A 57 7.11 -2.35 -6.80
C ASP A 57 6.17 -3.56 -6.80
N THR A 58 4.93 -3.31 -7.21
CA THR A 58 3.94 -4.36 -7.26
C THR A 58 3.90 -4.99 -8.65
N ILE A 59 4.11 -6.30 -8.68
CA ILE A 59 4.11 -7.03 -9.93
C ILE A 59 2.82 -7.86 -10.03
N ARG A 60 2.21 -7.79 -11.21
CA ARG A 60 0.97 -8.52 -11.44
C ARG A 60 1.28 -9.91 -12.01
N GLU A 61 0.39 -10.84 -11.70
CA GLU A 61 0.56 -12.21 -12.17
C GLU A 61 0.04 -12.35 -13.61
N ALA A 62 0.78 -13.10 -14.40
CA ALA A 62 0.42 -13.31 -15.80
C ALA A 62 -0.20 -14.71 -15.94
N LYS A 63 -1.27 -14.76 -16.73
CA LYS A 63 -1.96 -16.02 -16.96
C LYS A 63 -1.30 -16.75 -18.14
N GLU A 64 -0.83 -17.95 -17.87
CA GLU A 64 -0.19 -18.75 -18.90
C GLU A 64 -1.14 -19.83 -19.41
N ILE A 65 -1.12 -20.00 -20.73
CA ILE A 65 -1.98 -20.99 -21.36
C ILE A 65 -1.37 -22.38 -21.19
N ARG A 66 -2.19 -23.31 -20.73
CA ARG A 66 -1.74 -24.68 -20.54
C ARG A 66 -1.64 -25.41 -21.87
N THR A 67 -0.59 -26.22 -21.98
CA THR A 67 -0.37 -26.98 -23.20
C THR A 67 -0.37 -28.48 -22.90
N PRO A 68 -0.86 -29.26 -23.90
CA PRO A 68 -0.92 -30.71 -23.76
C PRO A 68 0.46 -31.34 -23.89
N MET A 1 17.58 3.69 -5.80
CA MET A 1 17.48 3.71 -4.36
C MET A 1 17.92 2.36 -3.76
N ASP A 2 17.57 2.18 -2.49
CA ASP A 2 17.91 0.95 -1.80
C ASP A 2 16.91 -0.15 -2.18
N ASP A 3 15.70 0.30 -2.47
CA ASP A 3 14.64 -0.63 -2.86
C ASP A 3 13.28 0.01 -2.59
N ALA A 4 13.01 0.25 -1.32
CA ALA A 4 11.76 0.86 -0.92
C ALA A 4 11.93 2.38 -0.83
N THR A 5 10.88 3.09 -1.20
CA THR A 5 10.90 4.54 -1.17
C THR A 5 10.20 5.06 0.09
N PRO A 6 10.79 6.14 0.67
CA PRO A 6 10.23 6.74 1.87
C PRO A 6 8.97 7.56 1.55
N ALA A 7 7.85 7.03 2.00
CA ALA A 7 6.56 7.69 1.76
C ALA A 7 5.80 7.80 3.08
N GLU A 8 4.90 8.76 3.13
CA GLU A 8 4.10 8.98 4.32
C GLU A 8 2.62 8.75 4.02
N VAL A 9 1.98 8.00 4.91
CA VAL A 9 0.56 7.70 4.74
C VAL A 9 -0.21 9.00 4.52
N ILE A 10 -0.88 9.06 3.38
CA ILE A 10 -1.66 10.24 3.03
C ILE A 10 -3.14 9.98 3.35
N GLU A 11 -3.56 8.75 3.07
CA GLU A 11 -4.94 8.36 3.32
C GLU A 11 -4.99 7.00 4.00
N VAL A 12 -5.90 6.88 4.96
CA VAL A 12 -6.06 5.64 5.69
C VAL A 12 -7.50 5.14 5.53
N LEU A 13 -7.61 3.88 5.13
CA LEU A 13 -8.91 3.27 4.92
C LEU A 13 -9.19 2.29 6.06
N LYS A 14 -10.11 2.68 6.93
CA LYS A 14 -10.48 1.85 8.06
C LYS A 14 -12.00 1.80 8.19
N ARG A 15 -12.52 0.59 8.23
CA ARG A 15 -13.96 0.39 8.34
C ARG A 15 -14.27 -0.63 9.43
N THR A 16 -15.22 -0.28 10.28
CA THR A 16 -15.62 -1.16 11.37
C THR A 16 -16.99 -1.77 11.09
N GLY A 17 -17.05 -3.09 11.20
CA GLY A 17 -18.29 -3.82 10.95
C GLY A 17 -18.04 -5.04 10.08
N MET A 18 -18.55 -6.17 10.55
CA MET A 18 -18.40 -7.42 9.81
C MET A 18 -17.02 -8.03 10.05
N THR A 19 -16.00 -7.34 9.55
CA THR A 19 -14.64 -7.81 9.70
C THR A 19 -13.78 -6.72 10.36
N GLY A 20 -13.68 -6.81 11.68
CA GLY A 20 -12.89 -5.85 12.44
C GLY A 20 -11.64 -6.50 13.03
N GLU A 21 -10.63 -6.66 12.19
CA GLU A 21 -9.39 -7.27 12.62
C GLU A 21 -8.20 -6.54 11.99
N VAL A 22 -8.10 -6.66 10.67
CA VAL A 22 -7.01 -6.03 9.94
C VAL A 22 -7.57 -4.84 9.15
N MET A 23 -6.79 -3.77 9.13
CA MET A 23 -7.19 -2.57 8.40
C MET A 23 -6.16 -2.19 7.35
N GLN A 24 -6.61 -1.45 6.35
CA GLN A 24 -5.73 -1.01 5.28
C GLN A 24 -5.46 0.48 5.39
N VAL A 25 -4.35 0.90 4.80
CA VAL A 25 -3.96 2.30 4.83
C VAL A 25 -3.42 2.70 3.45
N LYS A 26 -3.70 3.95 3.09
CA LYS A 26 -3.26 4.47 1.80
C LYS A 26 -2.04 5.37 2.02
N CYS A 27 -1.05 5.18 1.17
CA CYS A 27 0.17 5.97 1.25
C CYS A 27 0.62 6.33 -0.17
N ARG A 28 1.02 7.57 -0.33
CA ARG A 28 1.47 8.05 -1.63
C ARG A 28 2.98 8.28 -1.62
N ILE A 29 3.61 7.89 -2.71
CA ILE A 29 5.06 8.05 -2.84
C ILE A 29 5.44 9.50 -2.56
N LEU A 30 6.57 9.66 -1.90
CA LEU A 30 7.06 10.98 -1.56
C LEU A 30 8.34 11.28 -2.35
N ASP A 31 8.89 10.21 -2.92
CA ASP A 31 10.11 10.34 -3.71
C ASP A 31 10.30 9.08 -4.56
N GLY A 32 10.79 9.29 -5.77
CA GLY A 32 11.02 8.18 -6.67
C GLY A 32 10.46 8.50 -8.08
N ARG A 33 10.94 7.73 -9.04
CA ARG A 33 10.49 7.91 -10.42
C ARG A 33 8.98 7.66 -10.53
N ASP A 34 8.45 6.99 -9.51
CA ASP A 34 7.03 6.67 -9.49
C ASP A 34 6.29 7.75 -8.69
N LYS A 35 7.04 8.79 -8.32
CA LYS A 35 6.47 9.88 -7.57
C LYS A 35 4.95 9.95 -7.81
N GLY A 36 4.22 10.11 -6.73
CA GLY A 36 2.77 10.19 -6.82
C GLY A 36 2.14 8.79 -6.76
N ARG A 37 2.99 7.79 -6.82
CA ARG A 37 2.54 6.41 -6.76
C ARG A 37 1.88 6.13 -5.41
N ILE A 38 0.66 5.61 -5.48
CA ILE A 38 -0.10 5.29 -4.28
C ILE A 38 -0.44 3.79 -4.28
N LEU A 39 -0.10 3.14 -3.19
CA LEU A 39 -0.36 1.72 -3.05
C LEU A 39 -0.98 1.45 -1.67
N THR A 40 -2.15 0.83 -1.69
CA THR A 40 -2.85 0.51 -0.46
C THR A 40 -2.66 -0.96 -0.10
N ARG A 41 -2.46 -1.21 1.18
CA ARG A 41 -2.26 -2.56 1.67
C ARG A 41 -2.92 -2.74 3.03
N ASN A 42 -3.24 -3.99 3.34
CA ASN A 42 -3.88 -4.30 4.61
C ASN A 42 -2.81 -4.51 5.68
N VAL A 43 -2.87 -3.69 6.71
CA VAL A 43 -1.92 -3.77 7.80
C VAL A 43 -2.66 -3.66 9.14
N MET A 44 -2.31 -4.57 10.04
CA MET A 44 -2.94 -4.59 11.35
C MET A 44 -2.19 -3.66 12.32
N GLY A 45 -2.96 -2.76 12.93
CA GLY A 45 -2.38 -1.82 13.89
C GLY A 45 -2.97 -0.42 13.68
N PRO A 46 -2.89 0.40 14.77
CA PRO A 46 -3.40 1.75 14.72
C PRO A 46 -2.46 2.67 13.93
N ILE A 47 -2.67 2.69 12.62
CA ILE A 47 -1.85 3.51 11.75
C ILE A 47 -2.76 4.40 10.89
N ARG A 48 -2.51 5.70 10.98
CA ARG A 48 -3.28 6.66 10.23
C ARG A 48 -2.37 7.59 9.44
N GLU A 49 -2.92 8.16 8.37
CA GLU A 49 -2.16 9.07 7.53
C GLU A 49 -1.09 9.79 8.34
N GLY A 50 0.11 9.83 7.79
CA GLY A 50 1.22 10.49 8.46
C GLY A 50 2.35 9.50 8.76
N ASP A 51 1.97 8.22 8.80
CA ASP A 51 2.93 7.16 9.07
C ASP A 51 3.83 6.97 7.85
N ILE A 52 4.90 6.22 8.06
CA ILE A 52 5.84 5.95 6.99
C ILE A 52 5.59 4.55 6.43
N LEU A 53 5.77 4.42 5.13
CA LEU A 53 5.55 3.15 4.46
C LEU A 53 6.68 2.92 3.44
N MET A 54 6.82 1.66 3.04
CA MET A 54 7.84 1.30 2.07
C MET A 54 7.21 0.79 0.77
N LEU A 55 7.58 1.44 -0.32
CA LEU A 55 7.06 1.07 -1.63
C LEU A 55 8.11 0.22 -2.37
N LEU A 56 7.81 -1.06 -2.52
CA LEU A 56 8.71 -1.96 -3.20
C LEU A 56 8.16 -2.28 -4.58
N ASP A 57 9.06 -2.32 -5.56
CA ASP A 57 8.67 -2.60 -6.93
C ASP A 57 7.94 -3.96 -6.97
N THR A 58 6.73 -3.92 -7.48
CA THR A 58 5.92 -5.12 -7.59
C THR A 58 6.13 -5.79 -8.95
N ILE A 59 6.29 -7.10 -8.92
CA ILE A 59 6.49 -7.86 -10.14
C ILE A 59 5.14 -8.35 -10.66
N ARG A 60 4.86 -7.99 -11.91
CA ARG A 60 3.61 -8.38 -12.54
C ARG A 60 3.60 -9.88 -12.81
N GLU A 61 2.40 -10.46 -12.78
CA GLU A 61 2.25 -11.88 -13.01
C GLU A 61 1.71 -12.13 -14.42
N ALA A 62 2.14 -13.22 -15.01
CA ALA A 62 1.72 -13.59 -16.35
C ALA A 62 0.27 -14.09 -16.30
N LYS A 63 -0.50 -13.68 -17.31
CA LYS A 63 -1.89 -14.07 -17.40
C LYS A 63 -2.00 -15.39 -18.17
N GLU A 64 -2.85 -16.27 -17.65
CA GLU A 64 -3.06 -17.57 -18.27
C GLU A 64 -4.40 -17.59 -19.01
N ILE A 65 -4.43 -18.36 -20.08
CA ILE A 65 -5.64 -18.49 -20.88
C ILE A 65 -6.41 -19.74 -20.45
N ARG A 66 -7.70 -19.57 -20.28
CA ARG A 66 -8.56 -20.68 -19.87
C ARG A 66 -9.43 -21.14 -21.04
N THR A 67 -9.41 -22.44 -21.28
CA THR A 67 -10.19 -23.01 -22.37
C THR A 67 -11.38 -23.78 -21.80
N PRO A 68 -12.49 -23.77 -22.59
CA PRO A 68 -13.70 -24.46 -22.19
C PRO A 68 -13.57 -25.97 -22.37
N MET A 1 15.12 -0.38 1.54
CA MET A 1 15.53 0.99 1.30
C MET A 1 15.39 1.38 -0.17
N ASP A 2 16.05 0.59 -1.01
CA ASP A 2 16.00 0.83 -2.45
C ASP A 2 14.80 0.10 -3.04
N ASP A 3 14.51 -1.06 -2.47
CA ASP A 3 13.40 -1.87 -2.93
C ASP A 3 12.09 -1.11 -2.69
N ALA A 4 11.93 -0.63 -1.46
CA ALA A 4 10.74 0.11 -1.10
C ALA A 4 11.09 1.60 -0.96
N THR A 5 10.14 2.44 -1.35
CA THR A 5 10.33 3.88 -1.27
C THR A 5 9.65 4.44 -0.03
N PRO A 6 10.31 5.46 0.58
CA PRO A 6 9.79 6.09 1.77
C PRO A 6 8.61 7.01 1.44
N ALA A 7 7.44 6.63 1.93
CA ALA A 7 6.24 7.40 1.69
C ALA A 7 5.50 7.62 3.02
N GLU A 8 4.71 8.68 3.05
CA GLU A 8 3.94 9.00 4.24
C GLU A 8 2.45 8.85 3.98
N VAL A 9 1.79 8.17 4.91
CA VAL A 9 0.36 7.95 4.78
C VAL A 9 -0.35 9.27 4.51
N ILE A 10 -1.23 9.24 3.53
CA ILE A 10 -1.97 10.43 3.15
C ILE A 10 -3.47 10.20 3.39
N GLU A 11 -3.89 8.97 3.14
CA GLU A 11 -5.29 8.60 3.33
C GLU A 11 -5.38 7.28 4.08
N VAL A 12 -6.46 7.14 4.84
CA VAL A 12 -6.69 5.93 5.61
C VAL A 12 -8.02 5.30 5.19
N LEU A 13 -7.98 3.99 5.00
CA LEU A 13 -9.17 3.25 4.59
C LEU A 13 -9.69 2.44 5.78
N LYS A 14 -10.85 2.84 6.27
CA LYS A 14 -11.45 2.15 7.40
C LYS A 14 -12.94 1.91 7.10
N ARG A 15 -13.38 0.69 7.40
CA ARG A 15 -14.76 0.32 7.16
C ARG A 15 -15.37 -0.28 8.44
N THR A 16 -16.30 0.47 9.02
CA THR A 16 -16.97 0.03 10.24
C THR A 16 -17.55 -1.37 10.04
N GLY A 17 -17.43 -2.17 11.10
CA GLY A 17 -17.93 -3.53 11.06
C GLY A 17 -17.16 -4.42 12.03
N MET A 18 -17.22 -4.06 13.30
CA MET A 18 -16.53 -4.83 14.33
C MET A 18 -15.03 -4.94 14.02
N THR A 19 -14.40 -3.78 13.90
CA THR A 19 -12.98 -3.73 13.60
C THR A 19 -12.62 -4.75 12.51
N GLY A 20 -11.34 -5.00 12.38
CA GLY A 20 -10.85 -5.94 11.38
C GLY A 20 -9.46 -6.46 11.74
N GLU A 21 -9.24 -7.73 11.44
CA GLU A 21 -7.97 -8.36 11.73
C GLU A 21 -6.82 -7.43 11.34
N VAL A 22 -6.79 -7.06 10.07
CA VAL A 22 -5.76 -6.18 9.56
C VAL A 22 -6.40 -4.91 9.02
N MET A 23 -5.71 -3.80 9.21
CA MET A 23 -6.19 -2.51 8.75
C MET A 23 -5.39 -2.03 7.54
N GLN A 24 -6.11 -1.48 6.56
CA GLN A 24 -5.48 -0.98 5.36
C GLN A 24 -5.44 0.55 5.39
N VAL A 25 -4.35 1.09 4.86
CA VAL A 25 -4.18 2.53 4.83
C VAL A 25 -3.71 2.95 3.43
N LYS A 26 -3.95 4.20 3.10
CA LYS A 26 -3.56 4.74 1.81
C LYS A 26 -2.36 5.68 1.99
N CYS A 27 -1.30 5.38 1.26
CA CYS A 27 -0.09 6.20 1.33
C CYS A 27 0.32 6.56 -0.09
N ARG A 28 0.88 7.75 -0.23
CA ARG A 28 1.33 8.23 -1.52
C ARG A 28 2.86 8.35 -1.56
N ILE A 29 3.42 7.95 -2.69
CA ILE A 29 4.86 8.00 -2.87
C ILE A 29 5.35 9.43 -2.68
N LEU A 30 6.19 9.61 -1.68
CA LEU A 30 6.74 10.93 -1.39
C LEU A 30 7.99 11.16 -2.26
N ASP A 31 8.59 10.07 -2.66
CA ASP A 31 9.79 10.14 -3.49
C ASP A 31 10.05 8.77 -4.13
N GLY A 32 10.81 8.80 -5.21
CA GLY A 32 11.15 7.57 -5.92
C GLY A 32 11.22 7.81 -7.43
N ARG A 33 11.15 6.72 -8.17
CA ARG A 33 11.21 6.80 -9.62
C ARG A 33 9.83 7.12 -10.18
N ASP A 34 8.81 6.64 -9.49
CA ASP A 34 7.44 6.88 -9.92
C ASP A 34 6.98 8.24 -9.39
N LYS A 35 7.14 8.43 -8.09
CA LYS A 35 6.75 9.68 -7.47
C LYS A 35 5.26 9.90 -7.67
N GLY A 36 4.58 10.23 -6.57
CA GLY A 36 3.15 10.47 -6.62
C GLY A 36 2.37 9.15 -6.66
N ARG A 37 3.12 8.05 -6.77
CA ARG A 37 2.52 6.74 -6.82
C ARG A 37 1.82 6.43 -5.49
N ILE A 38 0.55 6.08 -5.59
CA ILE A 38 -0.24 5.75 -4.42
C ILE A 38 -0.64 4.27 -4.46
N LEU A 39 -0.26 3.55 -3.42
CA LEU A 39 -0.56 2.14 -3.33
C LEU A 39 -1.21 1.84 -1.98
N THR A 40 -2.13 0.89 -1.98
CA THR A 40 -2.83 0.51 -0.76
C THR A 40 -2.40 -0.90 -0.34
N ARG A 41 -2.01 -1.01 0.93
CA ARG A 41 -1.58 -2.28 1.47
C ARG A 41 -2.21 -2.51 2.85
N ASN A 42 -2.44 -3.78 3.17
CA ASN A 42 -3.02 -4.14 4.44
C ASN A 42 -1.91 -4.30 5.49
N VAL A 43 -2.05 -3.55 6.57
CA VAL A 43 -1.08 -3.61 7.65
C VAL A 43 -1.80 -3.68 8.99
N MET A 44 -1.21 -4.44 9.90
CA MET A 44 -1.78 -4.61 11.23
C MET A 44 -1.16 -3.63 12.22
N GLY A 45 -2.02 -2.87 12.88
CA GLY A 45 -1.57 -1.90 13.86
C GLY A 45 -2.22 -0.54 13.64
N PRO A 46 -2.16 0.31 14.69
CA PRO A 46 -2.74 1.65 14.61
C PRO A 46 -1.89 2.57 13.75
N ILE A 47 -2.20 2.59 12.46
CA ILE A 47 -1.47 3.43 11.53
C ILE A 47 -2.46 4.32 10.77
N ARG A 48 -2.23 5.62 10.90
CA ARG A 48 -3.09 6.59 10.23
C ARG A 48 -2.25 7.60 9.46
N GLU A 49 -2.92 8.34 8.58
CA GLU A 49 -2.25 9.34 7.77
C GLU A 49 -1.15 10.04 8.59
N GLY A 50 0.01 10.17 7.96
CA GLY A 50 1.15 10.80 8.60
C GLY A 50 2.27 9.80 8.86
N ASP A 51 1.88 8.54 8.95
CA ASP A 51 2.84 7.47 9.19
C ASP A 51 3.64 7.22 7.91
N ILE A 52 4.69 6.43 8.05
CA ILE A 52 5.55 6.10 6.92
C ILE A 52 5.41 4.61 6.60
N LEU A 53 5.19 4.33 5.33
CA LEU A 53 5.04 2.96 4.88
C LEU A 53 6.01 2.69 3.72
N MET A 54 6.25 1.41 3.47
CA MET A 54 7.15 1.02 2.41
C MET A 54 6.37 0.69 1.13
N LEU A 55 6.76 1.36 0.05
CA LEU A 55 6.11 1.15 -1.24
C LEU A 55 6.98 0.24 -2.10
N LEU A 56 6.49 -0.97 -2.32
CA LEU A 56 7.21 -1.94 -3.12
C LEU A 56 6.56 -2.03 -4.50
N ASP A 57 7.41 -2.15 -5.51
CA ASP A 57 6.93 -2.24 -6.88
C ASP A 57 5.95 -3.40 -6.99
N THR A 58 4.75 -3.08 -7.46
CA THR A 58 3.71 -4.10 -7.62
C THR A 58 3.76 -4.68 -9.02
N ILE A 59 3.77 -6.01 -9.07
CA ILE A 59 3.81 -6.71 -10.35
C ILE A 59 2.41 -6.72 -10.97
N ARG A 60 2.34 -6.30 -12.22
CA ARG A 60 1.08 -6.25 -12.93
C ARG A 60 0.81 -7.60 -13.62
N GLU A 61 -0.47 -7.95 -13.68
CA GLU A 61 -0.87 -9.20 -14.30
C GLU A 61 -1.20 -8.97 -15.78
N ALA A 62 -0.78 -9.91 -16.60
CA ALA A 62 -1.03 -9.83 -18.03
C ALA A 62 -2.41 -10.40 -18.33
N LYS A 63 -3.26 -9.53 -18.86
CA LYS A 63 -4.62 -9.93 -19.21
C LYS A 63 -4.62 -10.60 -20.58
N GLU A 64 -5.20 -11.80 -20.62
CA GLU A 64 -5.26 -12.56 -21.86
C GLU A 64 -6.62 -12.34 -22.54
N ILE A 65 -6.63 -12.52 -23.85
CA ILE A 65 -7.84 -12.34 -24.62
C ILE A 65 -8.55 -13.69 -24.74
N ARG A 66 -9.87 -13.66 -24.53
CA ARG A 66 -10.66 -14.86 -24.61
C ARG A 66 -11.00 -15.18 -26.08
N THR A 67 -11.16 -16.46 -26.35
CA THR A 67 -11.49 -16.92 -27.69
C THR A 67 -12.79 -17.71 -27.69
N PRO A 68 -13.53 -17.60 -28.83
CA PRO A 68 -14.79 -18.29 -28.97
C PRO A 68 -14.58 -19.79 -29.22
N MET A 1 14.08 1.22 -7.34
CA MET A 1 12.91 0.99 -8.17
C MET A 1 12.14 -0.24 -7.72
N ASP A 2 12.84 -1.36 -7.68
CA ASP A 2 12.23 -2.61 -7.27
C ASP A 2 12.01 -2.59 -5.75
N ASP A 3 12.91 -1.90 -5.06
CA ASP A 3 12.82 -1.78 -3.63
C ASP A 3 11.64 -0.89 -3.25
N ALA A 4 11.37 -0.83 -1.96
CA ALA A 4 10.26 -0.02 -1.46
C ALA A 4 10.76 1.42 -1.25
N THR A 5 9.87 2.36 -1.55
CA THR A 5 10.20 3.77 -1.41
C THR A 5 9.58 4.32 -0.12
N PRO A 6 10.31 5.29 0.50
CA PRO A 6 9.85 5.91 1.73
C PRO A 6 8.71 6.88 1.46
N ALA A 7 7.52 6.50 1.89
CA ALA A 7 6.34 7.33 1.70
C ALA A 7 5.59 7.46 3.03
N GLU A 8 4.82 8.53 3.14
CA GLU A 8 4.04 8.78 4.34
C GLU A 8 2.55 8.65 4.05
N VAL A 9 1.87 7.92 4.93
CA VAL A 9 0.43 7.72 4.77
C VAL A 9 -0.24 9.06 4.53
N ILE A 10 -1.12 9.08 3.55
CA ILE A 10 -1.85 10.30 3.20
C ILE A 10 -3.35 10.07 3.45
N GLU A 11 -3.80 8.89 3.09
CA GLU A 11 -5.21 8.54 3.26
C GLU A 11 -5.34 7.18 3.96
N VAL A 12 -6.43 7.05 4.70
CA VAL A 12 -6.68 5.81 5.43
C VAL A 12 -7.99 5.20 4.94
N LEU A 13 -7.99 3.88 4.82
CA LEU A 13 -9.17 3.16 4.37
C LEU A 13 -9.82 2.45 5.55
N LYS A 14 -10.96 2.97 5.96
CA LYS A 14 -11.68 2.40 7.08
C LYS A 14 -13.16 2.23 6.70
N ARG A 15 -13.81 1.30 7.37
CA ARG A 15 -15.21 1.03 7.12
C ARG A 15 -16.03 1.15 8.41
N THR A 16 -16.78 2.24 8.50
CA THR A 16 -17.60 2.47 9.67
C THR A 16 -16.72 2.71 10.90
N GLY A 17 -16.22 1.61 11.46
CA GLY A 17 -15.37 1.68 12.63
C GLY A 17 -14.12 0.82 12.45
N MET A 18 -14.28 -0.46 12.76
CA MET A 18 -13.17 -1.39 12.64
C MET A 18 -13.65 -2.83 12.83
N THR A 19 -13.36 -3.66 11.84
CA THR A 19 -13.75 -5.05 11.87
C THR A 19 -12.86 -5.88 10.94
N GLY A 20 -12.46 -7.04 11.43
CA GLY A 20 -11.61 -7.94 10.66
C GLY A 20 -10.43 -8.44 11.50
N GLU A 21 -9.24 -8.08 11.05
CA GLU A 21 -8.03 -8.48 11.74
C GLU A 21 -6.88 -7.52 11.42
N VAL A 22 -6.77 -7.21 10.13
CA VAL A 22 -5.73 -6.31 9.68
C VAL A 22 -6.37 -5.07 9.05
N MET A 23 -5.73 -3.93 9.29
CA MET A 23 -6.22 -2.66 8.76
C MET A 23 -5.35 -2.18 7.60
N GLN A 24 -6.01 -1.57 6.62
CA GLN A 24 -5.31 -1.05 5.45
C GLN A 24 -5.23 0.47 5.52
N VAL A 25 -4.20 1.00 4.89
CA VAL A 25 -4.00 2.44 4.87
C VAL A 25 -3.50 2.86 3.48
N LYS A 26 -3.71 4.13 3.16
CA LYS A 26 -3.30 4.67 1.87
C LYS A 26 -2.11 5.62 2.08
N CYS A 27 -1.06 5.38 1.32
CA CYS A 27 0.12 6.21 1.41
C CYS A 27 0.61 6.52 -0.01
N ARG A 28 0.85 7.79 -0.26
CA ARG A 28 1.31 8.22 -1.57
C ARG A 28 2.83 8.37 -1.57
N ILE A 29 3.43 7.94 -2.68
CA ILE A 29 4.88 8.01 -2.81
C ILE A 29 5.34 9.45 -2.56
N LEU A 30 6.41 9.56 -1.77
CA LEU A 30 6.95 10.86 -1.44
C LEU A 30 8.15 11.16 -2.35
N ASP A 31 8.74 10.09 -2.86
CA ASP A 31 9.88 10.22 -3.75
C ASP A 31 10.14 8.89 -4.46
N GLY A 32 10.63 8.98 -5.68
CA GLY A 32 10.91 7.80 -6.47
C GLY A 32 10.66 8.06 -7.96
N ARG A 33 11.01 7.06 -8.76
CA ARG A 33 10.82 7.17 -10.20
C ARG A 33 9.33 7.36 -10.54
N ASP A 34 8.49 7.01 -9.57
CA ASP A 34 7.06 7.13 -9.75
C ASP A 34 6.54 8.25 -8.85
N LYS A 35 7.47 8.94 -8.21
CA LYS A 35 7.12 10.03 -7.32
C LYS A 35 5.65 10.41 -7.55
N GLY A 36 4.83 10.08 -6.56
CA GLY A 36 3.41 10.38 -6.63
C GLY A 36 2.58 9.10 -6.66
N ARG A 37 3.28 7.98 -6.82
CA ARG A 37 2.62 6.68 -6.87
C ARG A 37 1.91 6.40 -5.55
N ILE A 38 0.66 5.98 -5.66
CA ILE A 38 -0.14 5.67 -4.48
C ILE A 38 -0.49 4.18 -4.49
N LEU A 39 -0.27 3.54 -3.35
CA LEU A 39 -0.57 2.12 -3.21
C LEU A 39 -1.20 1.87 -1.84
N THR A 40 -1.93 0.77 -1.76
CA THR A 40 -2.59 0.40 -0.52
C THR A 40 -2.03 -0.92 0.01
N ARG A 41 -1.87 -0.97 1.33
CA ARG A 41 -1.34 -2.16 1.97
C ARG A 41 -2.12 -2.44 3.26
N ASN A 42 -2.23 -3.72 3.59
CA ASN A 42 -2.93 -4.14 4.78
C ASN A 42 -1.92 -4.36 5.91
N VAL A 43 -2.11 -3.61 6.99
CA VAL A 43 -1.22 -3.71 8.14
C VAL A 43 -2.06 -3.66 9.42
N MET A 44 -1.76 -4.60 10.32
CA MET A 44 -2.48 -4.67 11.58
C MET A 44 -1.88 -3.70 12.60
N GLY A 45 -2.75 -2.85 13.15
CA GLY A 45 -2.33 -1.87 14.12
C GLY A 45 -2.93 -0.50 13.82
N PRO A 46 -2.91 0.38 14.86
CA PRO A 46 -3.44 1.72 14.71
C PRO A 46 -2.50 2.61 13.91
N ILE A 47 -2.70 2.60 12.59
CA ILE A 47 -1.88 3.40 11.70
C ILE A 47 -2.77 4.29 10.84
N ARG A 48 -2.52 5.59 10.92
CA ARG A 48 -3.29 6.56 10.17
C ARG A 48 -2.35 7.50 9.41
N GLU A 49 -2.94 8.21 8.45
CA GLU A 49 -2.17 9.15 7.64
C GLU A 49 -1.10 9.82 8.50
N GLY A 50 0.11 9.88 7.94
CA GLY A 50 1.23 10.50 8.64
C GLY A 50 2.35 9.48 8.89
N ASP A 51 1.96 8.22 8.92
CA ASP A 51 2.91 7.14 9.14
C ASP A 51 3.74 6.93 7.89
N ILE A 52 4.99 6.56 8.10
CA ILE A 52 5.91 6.32 6.99
C ILE A 52 5.89 4.83 6.63
N LEU A 53 5.63 4.57 5.35
CA LEU A 53 5.58 3.20 4.86
C LEU A 53 6.45 3.09 3.62
N MET A 54 6.80 1.84 3.30
CA MET A 54 7.63 1.58 2.14
C MET A 54 6.78 1.16 0.94
N LEU A 55 6.94 1.90 -0.14
CA LEU A 55 6.19 1.62 -1.36
C LEU A 55 7.09 0.87 -2.35
N LEU A 56 6.77 -0.40 -2.55
CA LEU A 56 7.53 -1.24 -3.47
C LEU A 56 6.74 -1.44 -4.75
N ASP A 57 7.47 -1.51 -5.85
CA ASP A 57 6.84 -1.70 -7.16
C ASP A 57 5.94 -2.94 -7.10
N THR A 58 4.66 -2.72 -7.41
CA THR A 58 3.69 -3.79 -7.40
C THR A 58 3.74 -4.56 -8.72
N ILE A 59 4.01 -5.86 -8.61
CA ILE A 59 4.09 -6.71 -9.79
C ILE A 59 2.68 -7.15 -10.17
N ARG A 60 2.32 -6.86 -11.41
CA ARG A 60 1.00 -7.23 -11.92
C ARG A 60 0.93 -8.75 -12.14
N GLU A 61 -0.28 -9.27 -11.98
CA GLU A 61 -0.50 -10.69 -12.17
C GLU A 61 -0.68 -11.02 -13.65
N ALA A 62 -0.29 -12.22 -14.01
CA ALA A 62 -0.41 -12.67 -15.38
C ALA A 62 -1.87 -12.98 -15.70
N LYS A 63 -2.33 -12.47 -16.83
CA LYS A 63 -3.71 -12.69 -17.25
C LYS A 63 -3.74 -13.80 -18.30
N GLU A 64 -4.51 -14.84 -17.99
CA GLU A 64 -4.64 -15.96 -18.90
C GLU A 64 -5.86 -15.78 -19.80
N ILE A 65 -5.74 -16.27 -21.02
CA ILE A 65 -6.82 -16.17 -21.98
C ILE A 65 -7.66 -17.45 -21.94
N ARG A 66 -8.96 -17.27 -21.88
CA ARG A 66 -9.88 -18.40 -21.83
C ARG A 66 -10.33 -18.79 -23.24
N THR A 67 -10.49 -20.08 -23.45
CA THR A 67 -10.91 -20.59 -24.74
C THR A 67 -12.37 -21.05 -24.68
N PRO A 68 -13.07 -20.88 -25.84
CA PRO A 68 -14.47 -21.28 -25.93
C PRO A 68 -14.60 -22.80 -26.02
N MET A 1 15.35 1.49 1.33
CA MET A 1 15.69 2.76 0.70
C MET A 1 15.77 2.60 -0.82
N ASP A 2 16.69 1.74 -1.24
CA ASP A 2 16.88 1.48 -2.65
C ASP A 2 15.81 0.52 -3.16
N ASP A 3 15.36 -0.34 -2.25
CA ASP A 3 14.34 -1.32 -2.58
C ASP A 3 12.96 -0.71 -2.32
N ALA A 4 12.86 0.00 -1.20
CA ALA A 4 11.61 0.63 -0.82
C ALA A 4 11.80 2.15 -0.77
N THR A 5 10.76 2.86 -1.15
CA THR A 5 10.80 4.31 -1.15
C THR A 5 10.12 4.86 0.11
N PRO A 6 10.74 5.95 0.66
CA PRO A 6 10.20 6.57 1.87
C PRO A 6 8.94 7.40 1.54
N ALA A 7 7.81 6.90 2.01
CA ALA A 7 6.54 7.57 1.79
C ALA A 7 5.80 7.69 3.11
N GLU A 8 4.91 8.68 3.15
CA GLU A 8 4.11 8.92 4.35
C GLU A 8 2.62 8.75 4.05
N VAL A 9 1.96 8.02 4.93
CA VAL A 9 0.53 7.79 4.77
C VAL A 9 -0.18 9.11 4.54
N ILE A 10 -0.98 9.14 3.47
CA ILE A 10 -1.72 10.33 3.13
C ILE A 10 -3.21 10.11 3.40
N GLU A 11 -3.66 8.90 3.10
CA GLU A 11 -5.06 8.54 3.30
C GLU A 11 -5.15 7.20 4.04
N VAL A 12 -6.17 7.09 4.87
CA VAL A 12 -6.39 5.87 5.63
C VAL A 12 -7.80 5.34 5.34
N LEU A 13 -7.88 4.03 5.17
CA LEU A 13 -9.16 3.39 4.90
C LEU A 13 -9.61 2.61 6.14
N LYS A 14 -10.72 3.07 6.70
CA LYS A 14 -11.26 2.44 7.89
C LYS A 14 -12.74 2.09 7.64
N ARG A 15 -13.06 0.84 7.91
CA ARG A 15 -14.42 0.36 7.72
C ARG A 15 -14.94 -0.33 8.99
N THR A 16 -15.75 0.41 9.73
CA THR A 16 -16.31 -0.11 10.97
C THR A 16 -15.26 -0.93 11.73
N GLY A 17 -14.56 -0.24 12.63
CA GLY A 17 -13.54 -0.89 13.42
C GLY A 17 -14.09 -2.12 14.15
N MET A 18 -14.05 -3.24 13.45
CA MET A 18 -14.53 -4.49 14.00
C MET A 18 -14.39 -5.63 13.00
N THR A 19 -14.96 -5.41 11.82
CA THR A 19 -14.90 -6.42 10.76
C THR A 19 -13.53 -6.40 10.09
N GLY A 20 -12.93 -7.58 10.01
CA GLY A 20 -11.62 -7.72 9.39
C GLY A 20 -10.56 -8.09 10.43
N GLU A 21 -9.35 -8.30 9.95
CA GLU A 21 -8.24 -8.66 10.82
C GLU A 21 -7.25 -7.50 10.92
N VAL A 22 -6.74 -7.09 9.77
CA VAL A 22 -5.79 -5.99 9.72
C VAL A 22 -6.43 -4.80 9.00
N MET A 23 -6.08 -3.62 9.47
CA MET A 23 -6.60 -2.39 8.90
C MET A 23 -5.78 -1.97 7.68
N GLN A 24 -6.49 -1.45 6.68
CA GLN A 24 -5.84 -1.01 5.45
C GLN A 24 -5.72 0.51 5.44
N VAL A 25 -4.55 0.98 5.02
CA VAL A 25 -4.29 2.41 4.96
C VAL A 25 -3.76 2.77 3.57
N LYS A 26 -3.88 4.05 3.24
CA LYS A 26 -3.41 4.53 1.95
C LYS A 26 -2.18 5.40 2.15
N CYS A 27 -1.22 5.21 1.27
CA CYS A 27 0.02 5.97 1.34
C CYS A 27 0.44 6.35 -0.08
N ARG A 28 0.99 7.55 -0.21
CA ARG A 28 1.43 8.04 -1.51
C ARG A 28 2.95 8.21 -1.52
N ILE A 29 3.55 7.83 -2.64
CA ILE A 29 4.99 7.94 -2.79
C ILE A 29 5.42 9.39 -2.53
N LEU A 30 6.54 9.53 -1.84
CA LEU A 30 7.06 10.85 -1.52
C LEU A 30 8.34 11.10 -2.34
N ASP A 31 8.85 10.02 -2.91
CA ASP A 31 10.06 10.11 -3.71
C ASP A 31 10.20 8.84 -4.56
N GLY A 32 10.83 9.01 -5.71
CA GLY A 32 11.02 7.89 -6.63
C GLY A 32 10.54 8.24 -8.03
N ARG A 33 10.97 7.43 -8.99
CA ARG A 33 10.58 7.64 -10.37
C ARG A 33 9.06 7.51 -10.53
N ASP A 34 8.45 6.90 -9.53
CA ASP A 34 7.00 6.71 -9.55
C ASP A 34 6.35 7.79 -8.68
N LYS A 35 7.16 8.75 -8.27
CA LYS A 35 6.67 9.83 -7.44
C LYS A 35 5.17 10.02 -7.67
N GLY A 36 4.45 10.15 -6.57
CA GLY A 36 3.00 10.33 -6.64
C GLY A 36 2.28 8.97 -6.64
N ARG A 37 3.07 7.92 -6.76
CA ARG A 37 2.53 6.58 -6.76
C ARG A 37 1.82 6.27 -5.43
N ILE A 38 0.57 5.85 -5.54
CA ILE A 38 -0.21 5.52 -4.37
C ILE A 38 -0.62 4.05 -4.41
N LEU A 39 -0.28 3.34 -3.34
CA LEU A 39 -0.60 1.93 -3.24
C LEU A 39 -1.20 1.63 -1.87
N THR A 40 -2.27 0.84 -1.88
CA THR A 40 -2.95 0.48 -0.65
C THR A 40 -2.62 -0.97 -0.26
N ARG A 41 -2.37 -1.15 1.03
CA ARG A 41 -2.06 -2.47 1.54
C ARG A 41 -2.67 -2.67 2.92
N ASN A 42 -2.89 -3.94 3.26
CA ASN A 42 -3.49 -4.27 4.54
C ASN A 42 -2.37 -4.43 5.58
N VAL A 43 -2.57 -3.76 6.71
CA VAL A 43 -1.60 -3.82 7.79
C VAL A 43 -2.33 -3.83 9.13
N MET A 44 -1.77 -4.59 10.07
CA MET A 44 -2.36 -4.70 11.39
C MET A 44 -1.75 -3.67 12.35
N GLY A 45 -2.62 -2.88 12.95
CA GLY A 45 -2.18 -1.86 13.88
C GLY A 45 -2.83 -0.51 13.57
N PRO A 46 -2.89 0.36 14.62
CA PRO A 46 -3.47 1.68 14.46
C PRO A 46 -2.52 2.61 13.70
N ILE A 47 -2.67 2.60 12.38
CA ILE A 47 -1.83 3.43 11.54
C ILE A 47 -2.72 4.29 10.64
N ARG A 48 -2.54 5.59 10.74
CA ARG A 48 -3.31 6.53 9.93
C ARG A 48 -2.40 7.51 9.22
N GLU A 49 -2.96 8.20 8.23
CA GLU A 49 -2.20 9.17 7.47
C GLU A 49 -1.18 9.87 8.36
N GLY A 50 0.05 9.94 7.86
CA GLY A 50 1.12 10.58 8.60
C GLY A 50 2.24 9.58 8.90
N ASP A 51 1.89 8.31 8.86
CA ASP A 51 2.84 7.25 9.14
C ASP A 51 3.73 7.04 7.90
N ILE A 52 4.78 6.26 8.10
CA ILE A 52 5.70 5.97 7.02
C ILE A 52 5.44 4.56 6.49
N LEU A 53 5.65 4.41 5.18
CA LEU A 53 5.43 3.12 4.54
C LEU A 53 6.55 2.87 3.52
N MET A 54 6.67 1.60 3.13
CA MET A 54 7.69 1.23 2.17
C MET A 54 7.05 0.69 0.88
N LEU A 55 7.42 1.34 -0.22
CA LEU A 55 6.90 0.94 -1.52
C LEU A 55 7.94 0.09 -2.25
N LEU A 56 7.63 -1.19 -2.39
CA LEU A 56 8.52 -2.11 -3.06
C LEU A 56 7.97 -2.41 -4.47
N ASP A 57 8.90 -2.46 -5.42
CA ASP A 57 8.53 -2.74 -6.80
C ASP A 57 7.78 -4.07 -6.86
N THR A 58 6.57 -4.02 -7.39
CA THR A 58 5.76 -5.21 -7.52
C THR A 58 5.92 -5.82 -8.91
N ILE A 59 6.33 -7.08 -8.92
CA ILE A 59 6.53 -7.80 -10.17
C ILE A 59 5.19 -8.37 -10.65
N ARG A 60 4.96 -8.25 -11.95
CA ARG A 60 3.74 -8.75 -12.54
C ARG A 60 3.85 -10.26 -12.82
N GLU A 61 2.72 -10.92 -12.75
CA GLU A 61 2.68 -12.35 -13.00
C GLU A 61 2.07 -12.65 -14.37
N ALA A 62 2.59 -13.68 -15.01
CA ALA A 62 2.09 -14.07 -16.33
C ALA A 62 0.66 -14.57 -16.20
N LYS A 63 -0.13 -14.25 -17.22
CA LYS A 63 -1.53 -14.66 -17.24
C LYS A 63 -1.63 -16.12 -17.69
N GLU A 64 -2.31 -16.92 -16.88
CA GLU A 64 -2.47 -18.33 -17.20
C GLU A 64 -3.86 -18.57 -17.81
N ILE A 65 -3.86 -19.32 -18.90
CA ILE A 65 -5.10 -19.63 -19.59
C ILE A 65 -5.69 -20.92 -19.02
N ARG A 66 -6.99 -20.88 -18.77
CA ARG A 66 -7.68 -22.03 -18.22
C ARG A 66 -7.79 -23.14 -19.28
N THR A 67 -7.51 -24.35 -18.84
CA THR A 67 -7.57 -25.50 -19.73
C THR A 67 -8.93 -26.19 -19.62
N PRO A 68 -9.38 -26.76 -20.77
CA PRO A 68 -10.66 -27.45 -20.81
C PRO A 68 -10.58 -28.81 -20.13
N MET A 1 17.62 -2.90 -8.63
CA MET A 1 16.93 -2.89 -7.36
C MET A 1 16.00 -1.68 -7.24
N ASP A 2 14.75 -1.96 -6.94
CA ASP A 2 13.76 -0.90 -6.80
C ASP A 2 13.73 -0.42 -5.34
N ASP A 3 13.97 -1.36 -4.44
CA ASP A 3 13.98 -1.04 -3.02
C ASP A 3 12.61 -0.50 -2.61
N ALA A 4 12.55 0.01 -1.40
CA ALA A 4 11.31 0.56 -0.87
C ALA A 4 11.33 2.08 -1.01
N THR A 5 10.16 2.64 -1.26
CA THR A 5 10.03 4.08 -1.42
C THR A 5 9.57 4.72 -0.11
N PRO A 6 10.33 5.77 0.30
CA PRO A 6 10.01 6.47 1.53
C PRO A 6 8.79 7.38 1.36
N ALA A 7 7.64 6.84 1.71
CA ALA A 7 6.40 7.60 1.60
C ALA A 7 5.68 7.60 2.95
N GLU A 8 4.84 8.60 3.12
CA GLU A 8 4.08 8.72 4.37
C GLU A 8 2.58 8.62 4.08
N VAL A 9 1.90 7.85 4.91
CA VAL A 9 0.47 7.66 4.76
C VAL A 9 -0.20 9.03 4.60
N ILE A 10 -1.08 9.10 3.61
CA ILE A 10 -1.80 10.33 3.33
C ILE A 10 -3.29 10.12 3.59
N GLU A 11 -3.75 8.94 3.20
CA GLU A 11 -5.16 8.60 3.38
C GLU A 11 -5.28 7.23 4.05
N VAL A 12 -6.36 7.10 4.83
CA VAL A 12 -6.60 5.86 5.54
C VAL A 12 -7.97 5.30 5.12
N LEU A 13 -8.01 4.00 4.91
CA LEU A 13 -9.25 3.34 4.51
C LEU A 13 -9.82 2.57 5.70
N LYS A 14 -10.93 3.09 6.21
CA LYS A 14 -11.58 2.45 7.36
C LYS A 14 -13.08 2.34 7.08
N ARG A 15 -13.63 1.19 7.43
CA ARG A 15 -15.04 0.94 7.22
C ARG A 15 -15.83 1.23 8.51
N THR A 16 -16.84 2.08 8.36
CA THR A 16 -17.67 2.45 9.49
C THR A 16 -18.52 1.26 9.94
N GLY A 17 -17.91 0.42 10.77
CA GLY A 17 -18.61 -0.76 11.28
C GLY A 17 -17.62 -1.90 11.52
N MET A 18 -17.94 -2.70 12.53
CA MET A 18 -17.10 -3.83 12.88
C MET A 18 -15.69 -3.37 13.24
N THR A 19 -14.98 -4.25 13.95
CA THR A 19 -13.63 -3.94 14.37
C THR A 19 -12.62 -4.57 13.41
N GLY A 20 -12.64 -5.90 13.36
CA GLY A 20 -11.74 -6.63 12.49
C GLY A 20 -10.43 -6.96 13.20
N GLU A 21 -9.37 -7.08 12.42
CA GLU A 21 -8.07 -7.39 12.96
C GLU A 21 -6.98 -6.61 12.21
N VAL A 22 -7.08 -6.66 10.88
CA VAL A 22 -6.12 -5.97 10.04
C VAL A 22 -6.85 -4.91 9.21
N MET A 23 -6.26 -3.72 9.17
CA MET A 23 -6.84 -2.63 8.42
C MET A 23 -5.88 -2.16 7.31
N GLN A 24 -6.46 -1.51 6.32
CA GLN A 24 -5.69 -1.00 5.20
C GLN A 24 -5.51 0.51 5.30
N VAL A 25 -4.43 0.99 4.71
CA VAL A 25 -4.14 2.41 4.72
C VAL A 25 -3.64 2.85 3.35
N LYS A 26 -3.78 4.14 3.08
CA LYS A 26 -3.36 4.69 1.80
C LYS A 26 -2.13 5.57 2.02
N CYS A 27 -1.10 5.32 1.23
CA CYS A 27 0.13 6.08 1.33
C CYS A 27 0.62 6.39 -0.10
N ARG A 28 0.84 7.67 -0.34
CA ARG A 28 1.31 8.11 -1.65
C ARG A 28 2.82 8.35 -1.62
N ILE A 29 3.47 7.95 -2.70
CA ILE A 29 4.91 8.12 -2.81
C ILE A 29 5.27 9.58 -2.56
N LEU A 30 6.26 9.77 -1.70
CA LEU A 30 6.71 11.12 -1.38
C LEU A 30 7.94 11.46 -2.23
N ASP A 31 8.59 10.41 -2.73
CA ASP A 31 9.77 10.59 -3.56
C ASP A 31 10.06 9.29 -4.30
N GLY A 32 10.68 9.44 -5.46
CA GLY A 32 11.02 8.29 -6.29
C GLY A 32 10.78 8.59 -7.77
N ARG A 33 10.94 7.54 -8.58
CA ARG A 33 10.74 7.67 -10.01
C ARG A 33 9.25 7.78 -10.33
N ASP A 34 8.46 7.08 -9.53
CA ASP A 34 7.02 7.08 -9.71
C ASP A 34 6.41 8.25 -8.93
N LYS A 35 7.27 8.96 -8.22
CA LYS A 35 6.83 10.09 -7.43
C LYS A 35 5.32 10.31 -7.64
N GLY A 36 4.56 9.91 -6.63
CA GLY A 36 3.11 10.06 -6.70
C GLY A 36 2.43 8.69 -6.66
N ARG A 37 3.25 7.66 -6.75
CA ARG A 37 2.73 6.30 -6.74
C ARG A 37 2.05 6.01 -5.41
N ILE A 38 0.82 5.52 -5.50
CA ILE A 38 0.05 5.18 -4.31
C ILE A 38 -0.25 3.69 -4.30
N LEU A 39 0.13 3.06 -3.19
CA LEU A 39 -0.09 1.63 -3.04
C LEU A 39 -0.81 1.36 -1.72
N THR A 40 -1.91 0.61 -1.82
CA THR A 40 -2.69 0.28 -0.64
C THR A 40 -2.41 -1.15 -0.19
N ARG A 41 -2.20 -1.29 1.11
CA ARG A 41 -1.91 -2.59 1.69
C ARG A 41 -2.59 -2.73 3.06
N ASN A 42 -2.86 -3.98 3.42
CA ASN A 42 -3.51 -4.26 4.69
C ASN A 42 -2.45 -4.40 5.77
N VAL A 43 -2.56 -3.54 6.78
CA VAL A 43 -1.62 -3.55 7.89
C VAL A 43 -2.40 -3.50 9.21
N MET A 44 -1.93 -4.31 10.16
CA MET A 44 -2.56 -4.37 11.46
C MET A 44 -1.89 -3.41 12.45
N GLY A 45 -2.71 -2.75 13.24
CA GLY A 45 -2.20 -1.80 14.22
C GLY A 45 -2.74 -0.40 13.97
N PRO A 46 -2.58 0.47 15.00
CA PRO A 46 -3.04 1.85 14.90
C PRO A 46 -2.12 2.68 14.00
N ILE A 47 -2.41 2.65 12.71
CA ILE A 47 -1.63 3.39 11.74
C ILE A 47 -2.54 4.28 10.92
N ARG A 48 -2.25 5.57 10.96
CA ARG A 48 -3.04 6.54 10.22
C ARG A 48 -2.13 7.46 9.41
N GLU A 49 -2.74 8.17 8.47
CA GLU A 49 -2.00 9.09 7.62
C GLU A 49 -0.88 9.77 8.42
N GLY A 50 0.31 9.72 7.87
CA GLY A 50 1.47 10.32 8.52
C GLY A 50 2.55 9.27 8.80
N ASP A 51 2.15 8.02 8.69
CA ASP A 51 3.06 6.91 8.92
C ASP A 51 3.87 6.64 7.65
N ILE A 52 5.12 6.27 7.86
CA ILE A 52 6.01 5.98 6.75
C ILE A 52 5.83 4.52 6.33
N LEU A 53 5.60 4.33 5.04
CA LEU A 53 5.41 2.99 4.50
C LEU A 53 6.49 2.72 3.43
N MET A 54 6.65 1.45 3.13
CA MET A 54 7.64 1.04 2.14
C MET A 54 6.96 0.56 0.85
N LEU A 55 7.27 1.26 -0.23
CA LEU A 55 6.70 0.92 -1.53
C LEU A 55 7.64 -0.04 -2.26
N LEU A 56 7.20 -1.28 -2.38
CA LEU A 56 7.99 -2.30 -3.06
C LEU A 56 7.41 -2.55 -4.45
N ASP A 57 8.30 -2.75 -5.41
CA ASP A 57 7.90 -2.99 -6.77
C ASP A 57 6.90 -4.15 -6.80
N THR A 58 5.73 -3.87 -7.34
CA THR A 58 4.68 -4.87 -7.44
C THR A 58 4.69 -5.53 -8.82
N ILE A 59 5.00 -6.81 -8.83
CA ILE A 59 5.05 -7.57 -10.08
C ILE A 59 3.63 -7.79 -10.59
N ARG A 60 3.39 -7.31 -11.80
CA ARG A 60 2.07 -7.44 -12.41
C ARG A 60 1.94 -8.81 -13.07
N GLU A 61 0.70 -9.25 -13.21
CA GLU A 61 0.42 -10.54 -13.83
C GLU A 61 0.68 -10.48 -15.32
N ALA A 62 1.11 -11.61 -15.87
CA ALA A 62 1.40 -11.72 -17.29
C ALA A 62 0.17 -12.27 -18.01
N LYS A 63 -0.29 -11.52 -19.01
CA LYS A 63 -1.44 -11.92 -19.79
C LYS A 63 -0.96 -12.56 -21.10
N GLU A 64 -1.42 -13.77 -21.34
CA GLU A 64 -1.05 -14.49 -22.54
C GLU A 64 -2.13 -14.31 -23.61
N ILE A 65 -1.67 -14.31 -24.86
CA ILE A 65 -2.59 -14.15 -25.99
C ILE A 65 -3.00 -15.52 -26.51
N ARG A 66 -4.30 -15.77 -26.47
CA ARG A 66 -4.84 -17.03 -26.93
C ARG A 66 -5.12 -16.98 -28.44
N THR A 67 -4.75 -18.05 -29.12
CA THR A 67 -4.95 -18.13 -30.56
C THR A 67 -6.05 -19.14 -30.89
N PRO A 68 -6.79 -18.86 -31.98
CA PRO A 68 -7.88 -19.73 -32.41
C PRO A 68 -7.32 -20.99 -33.08
N MET A 1 14.48 -7.91 -3.30
CA MET A 1 14.73 -6.48 -3.43
C MET A 1 14.10 -5.71 -2.27
N ASP A 2 14.91 -4.89 -1.64
CA ASP A 2 14.45 -4.09 -0.51
C ASP A 2 14.24 -2.65 -0.97
N ASP A 3 14.69 -2.38 -2.19
CA ASP A 3 14.56 -1.05 -2.76
C ASP A 3 13.13 -0.55 -2.57
N ALA A 4 12.94 0.19 -1.48
CA ALA A 4 11.63 0.74 -1.17
C ALA A 4 11.73 2.26 -1.03
N THR A 5 10.66 2.93 -1.42
CA THR A 5 10.63 4.38 -1.34
C THR A 5 9.89 4.83 -0.07
N PRO A 6 10.55 5.77 0.66
CA PRO A 6 9.97 6.28 1.89
C PRO A 6 8.83 7.25 1.60
N ALA A 7 7.63 6.84 1.96
CA ALA A 7 6.46 7.66 1.75
C ALA A 7 5.65 7.75 3.05
N GLU A 8 4.85 8.80 3.14
CA GLU A 8 4.03 9.03 4.33
C GLU A 8 2.56 8.78 4.00
N VAL A 9 1.91 8.02 4.86
CA VAL A 9 0.50 7.71 4.68
C VAL A 9 -0.29 9.01 4.51
N ILE A 10 -0.98 9.10 3.38
CA ILE A 10 -1.77 10.28 3.08
C ILE A 10 -3.23 10.00 3.41
N GLU A 11 -3.66 8.80 3.06
CA GLU A 11 -5.03 8.39 3.31
C GLU A 11 -5.07 7.01 3.98
N VAL A 12 -5.95 6.89 4.95
CA VAL A 12 -6.10 5.64 5.67
C VAL A 12 -7.54 5.15 5.57
N LEU A 13 -7.69 3.89 5.21
CA LEU A 13 -9.01 3.30 5.08
C LEU A 13 -9.27 2.37 6.26
N LYS A 14 -10.15 2.83 7.14
CA LYS A 14 -10.50 2.05 8.32
C LYS A 14 -12.02 2.06 8.51
N ARG A 15 -12.55 0.90 8.89
CA ARG A 15 -13.98 0.76 9.10
C ARG A 15 -14.26 0.36 10.55
N THR A 16 -15.03 1.21 11.22
CA THR A 16 -15.38 0.95 12.61
C THR A 16 -14.12 0.80 13.46
N GLY A 17 -13.84 1.84 14.24
CA GLY A 17 -12.68 1.84 15.10
C GLY A 17 -12.77 0.72 16.15
N MET A 18 -11.61 0.19 16.52
CA MET A 18 -11.56 -0.88 17.50
C MET A 18 -12.42 -2.07 17.07
N THR A 19 -12.13 -2.58 15.89
CA THR A 19 -12.87 -3.71 15.36
C THR A 19 -12.05 -5.00 15.51
N GLY A 20 -10.84 -4.84 16.03
CA GLY A 20 -9.96 -5.97 16.22
C GLY A 20 -9.84 -6.80 14.95
N GLU A 21 -8.93 -6.37 14.08
CA GLU A 21 -8.70 -7.05 12.82
C GLU A 21 -7.61 -6.35 12.01
N VAL A 22 -7.54 -6.69 10.74
CA VAL A 22 -6.56 -6.10 9.85
C VAL A 22 -7.22 -4.98 9.04
N MET A 23 -6.61 -3.81 9.08
CA MET A 23 -7.12 -2.67 8.36
C MET A 23 -6.15 -2.24 7.24
N GLN A 24 -6.70 -1.53 6.27
CA GLN A 24 -5.90 -1.06 5.15
C GLN A 24 -5.62 0.43 5.29
N VAL A 25 -4.54 0.86 4.64
CA VAL A 25 -4.15 2.26 4.69
C VAL A 25 -3.65 2.68 3.30
N LYS A 26 -3.79 3.97 3.03
CA LYS A 26 -3.36 4.52 1.75
C LYS A 26 -2.12 5.39 1.97
N CYS A 27 -1.15 5.21 1.10
CA CYS A 27 0.10 5.97 1.19
C CYS A 27 0.53 6.36 -0.23
N ARG A 28 0.94 7.61 -0.36
CA ARG A 28 1.38 8.11 -1.65
C ARG A 28 2.89 8.34 -1.65
N ILE A 29 3.53 7.93 -2.73
CA ILE A 29 4.97 8.09 -2.86
C ILE A 29 5.34 9.56 -2.64
N LEU A 30 6.40 9.75 -1.88
CA LEU A 30 6.88 11.09 -1.58
C LEU A 30 8.09 11.41 -2.45
N ASP A 31 8.70 10.35 -2.98
CA ASP A 31 9.87 10.50 -3.82
C ASP A 31 10.11 9.19 -4.58
N GLY A 32 10.74 9.33 -5.75
CA GLY A 32 11.03 8.17 -6.58
C GLY A 32 10.61 8.42 -8.03
N ARG A 33 11.06 7.53 -8.90
CA ARG A 33 10.74 7.64 -10.31
C ARG A 33 9.22 7.51 -10.53
N ASP A 34 8.56 6.97 -9.53
CA ASP A 34 7.12 6.79 -9.59
C ASP A 34 6.44 7.87 -8.75
N LYS A 35 7.23 8.85 -8.35
CA LYS A 35 6.71 9.95 -7.54
C LYS A 35 5.21 10.09 -7.78
N GLY A 36 4.47 10.16 -6.68
CA GLY A 36 3.03 10.30 -6.76
C GLY A 36 2.34 8.93 -6.72
N ARG A 37 3.16 7.89 -6.84
CA ARG A 37 2.65 6.53 -6.82
C ARG A 37 1.99 6.23 -5.48
N ILE A 38 0.75 5.77 -5.55
CA ILE A 38 0.00 5.43 -4.35
C ILE A 38 -0.29 3.93 -4.34
N LEU A 39 -0.09 3.34 -3.17
CA LEU A 39 -0.33 1.92 -3.02
C LEU A 39 -1.12 1.67 -1.73
N THR A 40 -1.98 0.66 -1.78
CA THR A 40 -2.80 0.32 -0.62
C THR A 40 -2.55 -1.13 -0.21
N ARG A 41 -2.37 -1.32 1.09
CA ARG A 41 -2.12 -2.65 1.63
C ARG A 41 -2.81 -2.81 2.99
N ASN A 42 -3.09 -4.05 3.34
CA ASN A 42 -3.74 -4.34 4.60
C ASN A 42 -2.67 -4.48 5.69
N VAL A 43 -2.80 -3.64 6.70
CA VAL A 43 -1.87 -3.66 7.81
C VAL A 43 -2.64 -3.64 9.12
N MET A 44 -2.13 -4.40 10.09
CA MET A 44 -2.77 -4.48 11.40
C MET A 44 -2.09 -3.54 12.39
N GLY A 45 -2.90 -2.69 13.01
CA GLY A 45 -2.40 -1.74 13.99
C GLY A 45 -2.99 -0.35 13.75
N PRO A 46 -2.96 0.47 14.83
CA PRO A 46 -3.49 1.83 14.76
C PRO A 46 -2.54 2.75 13.99
N ILE A 47 -2.71 2.75 12.68
CA ILE A 47 -1.87 3.57 11.81
C ILE A 47 -2.76 4.44 10.92
N ARG A 48 -2.52 5.74 10.99
CA ARG A 48 -3.29 6.69 10.20
C ARG A 48 -2.37 7.59 9.39
N GLU A 49 -2.92 8.16 8.33
CA GLU A 49 -2.15 9.04 7.47
C GLU A 49 -1.08 9.78 8.28
N GLY A 50 0.14 9.76 7.76
CA GLY A 50 1.25 10.42 8.42
C GLY A 50 2.36 9.42 8.78
N ASP A 51 1.99 8.15 8.73
CA ASP A 51 2.93 7.09 9.04
C ASP A 51 3.84 6.85 7.83
N ILE A 52 4.97 6.21 8.10
CA ILE A 52 5.93 5.92 7.05
C ILE A 52 5.77 4.46 6.59
N LEU A 53 5.85 4.27 5.29
CA LEU A 53 5.70 2.95 4.71
C LEU A 53 6.76 2.75 3.63
N MET A 54 6.99 1.49 3.29
CA MET A 54 7.97 1.15 2.27
C MET A 54 7.28 0.70 0.97
N LEU A 55 7.55 1.44 -0.09
CA LEU A 55 6.96 1.13 -1.38
C LEU A 55 8.00 0.41 -2.25
N LEU A 56 7.73 -0.86 -2.48
CA LEU A 56 8.62 -1.67 -3.28
C LEU A 56 8.09 -1.76 -4.71
N ASP A 57 9.01 -1.68 -5.67
CA ASP A 57 8.64 -1.75 -7.07
C ASP A 57 7.85 -3.02 -7.32
N THR A 58 6.64 -2.83 -7.85
CA THR A 58 5.77 -3.96 -8.14
C THR A 58 6.12 -4.56 -9.50
N ILE A 59 6.39 -5.86 -9.48
CA ILE A 59 6.74 -6.57 -10.70
C ILE A 59 5.48 -6.82 -11.52
N ARG A 60 5.62 -6.65 -12.83
CA ARG A 60 4.50 -6.85 -13.73
C ARG A 60 4.39 -8.33 -14.14
N GLU A 61 3.23 -8.89 -13.87
CA GLU A 61 2.98 -10.29 -14.19
C GLU A 61 2.26 -10.41 -15.54
N ALA A 62 2.73 -11.36 -16.34
CA ALA A 62 2.14 -11.59 -17.64
C ALA A 62 1.14 -12.73 -17.56
N LYS A 63 0.06 -12.59 -18.32
CA LYS A 63 -0.99 -13.61 -18.34
C LYS A 63 -0.63 -14.68 -19.37
N GLU A 64 -0.59 -15.91 -18.91
CA GLU A 64 -0.26 -17.03 -19.78
C GLU A 64 -1.54 -17.69 -20.29
N ILE A 65 -1.41 -18.36 -21.43
CA ILE A 65 -2.55 -19.03 -22.03
C ILE A 65 -2.63 -20.46 -21.49
N ARG A 66 -3.85 -20.90 -21.25
CA ARG A 66 -4.08 -22.24 -20.74
C ARG A 66 -4.38 -23.22 -21.88
N THR A 67 -3.77 -24.38 -21.80
CA THR A 67 -3.95 -25.41 -22.83
C THR A 67 -5.18 -26.25 -22.52
N PRO A 68 -5.86 -26.71 -23.61
CA PRO A 68 -7.05 -27.52 -23.46
C PRO A 68 -6.69 -28.95 -23.04
N MET A 1 16.45 0.38 0.48
CA MET A 1 16.47 1.78 0.10
C MET A 1 15.90 1.99 -1.31
N ASP A 2 16.33 1.11 -2.21
CA ASP A 2 15.88 1.18 -3.59
C ASP A 2 14.68 0.25 -3.77
N ASP A 3 14.67 -0.82 -3.01
CA ASP A 3 13.59 -1.79 -3.08
C ASP A 3 12.26 -1.08 -2.81
N ALA A 4 12.21 -0.40 -1.68
CA ALA A 4 11.01 0.33 -1.30
C ALA A 4 11.34 1.81 -1.12
N THR A 5 10.38 2.65 -1.50
CA THR A 5 10.57 4.08 -1.38
C THR A 5 9.90 4.62 -0.11
N PRO A 6 10.55 5.64 0.50
CA PRO A 6 10.03 6.24 1.72
C PRO A 6 8.83 7.13 1.42
N ALA A 7 7.66 6.67 1.86
CA ALA A 7 6.43 7.41 1.64
C ALA A 7 5.69 7.55 2.97
N GLU A 8 4.87 8.59 3.05
CA GLU A 8 4.09 8.84 4.25
C GLU A 8 2.60 8.69 3.97
N VAL A 9 1.94 7.93 4.85
CA VAL A 9 0.52 7.70 4.70
C VAL A 9 -0.21 9.03 4.51
N ILE A 10 -1.10 9.06 3.53
CA ILE A 10 -1.85 10.26 3.24
C ILE A 10 -3.33 10.01 3.53
N GLU A 11 -3.78 8.82 3.17
CA GLU A 11 -5.18 8.45 3.38
C GLU A 11 -5.25 7.08 4.06
N VAL A 12 -6.27 6.92 4.89
CA VAL A 12 -6.47 5.67 5.61
C VAL A 12 -7.82 5.07 5.20
N LEU A 13 -7.78 3.78 4.91
CA LEU A 13 -8.98 3.06 4.50
C LEU A 13 -9.39 2.10 5.61
N LYS A 14 -10.43 2.50 6.34
CA LYS A 14 -10.93 1.68 7.44
C LYS A 14 -12.46 1.66 7.38
N ARG A 15 -13.00 0.47 7.59
CA ARG A 15 -14.45 0.30 7.57
C ARG A 15 -14.91 -0.40 8.85
N THR A 16 -15.56 0.38 9.72
CA THR A 16 -16.05 -0.16 10.97
C THR A 16 -14.91 -0.74 11.80
N GLY A 17 -14.43 0.07 12.74
CA GLY A 17 -13.34 -0.35 13.60
C GLY A 17 -13.87 -1.03 14.87
N MET A 18 -13.57 -2.31 14.99
CA MET A 18 -14.00 -3.07 16.14
C MET A 18 -12.98 -4.17 16.49
N THR A 19 -12.51 -4.12 17.73
CA THR A 19 -11.54 -5.10 18.19
C THR A 19 -10.28 -5.05 17.33
N GLY A 20 -9.19 -5.52 17.92
CA GLY A 20 -7.91 -5.53 17.23
C GLY A 20 -8.00 -6.33 15.93
N GLU A 21 -8.03 -5.61 14.82
CA GLU A 21 -8.11 -6.24 13.51
C GLU A 21 -7.06 -5.64 12.56
N VAL A 22 -7.04 -6.17 11.35
CA VAL A 22 -6.11 -5.70 10.35
C VAL A 22 -6.82 -4.75 9.40
N MET A 23 -6.25 -3.57 9.26
CA MET A 23 -6.82 -2.55 8.38
C MET A 23 -5.82 -2.11 7.32
N GLN A 24 -6.35 -1.51 6.26
CA GLN A 24 -5.51 -1.04 5.17
C GLN A 24 -5.35 0.47 5.24
N VAL A 25 -4.20 0.94 4.78
CA VAL A 25 -3.91 2.36 4.79
C VAL A 25 -3.44 2.79 3.39
N LYS A 26 -3.61 4.08 3.12
CA LYS A 26 -3.22 4.62 1.84
C LYS A 26 -2.01 5.55 2.02
N CYS A 27 -0.98 5.28 1.25
CA CYS A 27 0.24 6.08 1.33
C CYS A 27 0.68 6.42 -0.10
N ARG A 28 1.05 7.69 -0.28
CA ARG A 28 1.48 8.15 -1.58
C ARG A 28 3.00 8.35 -1.59
N ILE A 29 3.61 7.95 -2.69
CA ILE A 29 5.05 8.08 -2.84
C ILE A 29 5.47 9.52 -2.54
N LEU A 30 6.51 9.65 -1.74
CA LEU A 30 7.02 10.95 -1.37
C LEU A 30 8.29 11.25 -2.18
N ASP A 31 8.83 10.21 -2.79
CA ASP A 31 10.03 10.35 -3.59
C ASP A 31 10.21 9.10 -4.46
N GLY A 32 10.82 9.30 -5.62
CA GLY A 32 11.06 8.21 -6.53
C GLY A 32 10.61 8.58 -7.95
N ARG A 33 11.08 7.79 -8.91
CA ARG A 33 10.73 8.02 -10.30
C ARG A 33 9.22 7.87 -10.50
N ASP A 34 8.59 7.22 -9.54
CA ASP A 34 7.15 7.00 -9.59
C ASP A 34 6.44 8.06 -8.74
N LYS A 35 7.23 9.03 -8.28
CA LYS A 35 6.69 10.10 -7.45
C LYS A 35 5.20 10.25 -7.72
N GLY A 36 4.44 10.30 -6.65
CA GLY A 36 2.99 10.44 -6.76
C GLY A 36 2.30 9.08 -6.74
N ARG A 37 3.11 8.04 -6.88
CA ARG A 37 2.60 6.68 -6.88
C ARG A 37 1.96 6.36 -5.53
N ILE A 38 0.73 5.89 -5.58
CA ILE A 38 0.00 5.55 -4.37
C ILE A 38 -0.33 4.05 -4.40
N LEU A 39 -0.10 3.41 -3.27
CA LEU A 39 -0.36 1.98 -3.15
C LEU A 39 -1.09 1.72 -1.83
N THR A 40 -1.86 0.63 -1.81
CA THR A 40 -2.60 0.26 -0.63
C THR A 40 -2.12 -1.11 -0.11
N ARG A 41 -1.98 -1.18 1.20
CA ARG A 41 -1.54 -2.42 1.83
C ARG A 41 -2.28 -2.63 3.16
N ASN A 42 -2.42 -3.90 3.53
CA ASN A 42 -3.10 -4.25 4.76
C ASN A 42 -2.08 -4.26 5.91
N VAL A 43 -2.51 -3.67 7.02
CA VAL A 43 -1.65 -3.61 8.20
C VAL A 43 -2.51 -3.66 9.46
N MET A 44 -1.99 -4.33 10.47
CA MET A 44 -2.69 -4.45 11.74
C MET A 44 -2.17 -3.46 12.76
N GLY A 45 -3.09 -2.72 13.36
CA GLY A 45 -2.73 -1.72 14.36
C GLY A 45 -3.29 -0.35 13.99
N PRO A 46 -3.30 0.55 15.01
CA PRO A 46 -3.79 1.91 14.81
C PRO A 46 -2.79 2.75 14.02
N ILE A 47 -2.95 2.73 12.71
CA ILE A 47 -2.07 3.49 11.84
C ILE A 47 -2.90 4.43 10.96
N ARG A 48 -2.57 5.70 11.03
CA ARG A 48 -3.28 6.71 10.24
C ARG A 48 -2.29 7.55 9.44
N GLU A 49 -2.83 8.25 8.45
CA GLU A 49 -2.01 9.10 7.60
C GLU A 49 -0.89 9.75 8.43
N GLY A 50 0.30 9.77 7.84
CA GLY A 50 1.45 10.36 8.51
C GLY A 50 2.52 9.31 8.81
N ASP A 51 2.10 8.05 8.73
CA ASP A 51 3.01 6.94 8.99
C ASP A 51 3.80 6.64 7.72
N ILE A 52 5.01 6.12 7.93
CA ILE A 52 5.88 5.78 6.81
C ILE A 52 5.54 4.37 6.31
N LEU A 53 5.52 4.24 5.00
CA LEU A 53 5.21 2.96 4.38
C LEU A 53 6.22 2.69 3.26
N MET A 54 6.42 1.40 3.00
CA MET A 54 7.36 1.00 1.96
C MET A 54 6.61 0.67 0.66
N LEU A 55 6.99 1.37 -0.39
CA LEU A 55 6.38 1.16 -1.69
C LEU A 55 7.30 0.31 -2.56
N LEU A 56 6.87 -0.91 -2.81
CA LEU A 56 7.64 -1.84 -3.62
C LEU A 56 7.01 -1.94 -5.01
N ASP A 57 7.89 -1.97 -6.01
CA ASP A 57 7.44 -2.07 -7.38
C ASP A 57 6.56 -3.31 -7.55
N THR A 58 5.34 -3.08 -8.01
CA THR A 58 4.39 -4.17 -8.22
C THR A 58 4.83 -5.03 -9.40
N ILE A 59 4.76 -6.34 -9.20
CA ILE A 59 5.15 -7.28 -10.25
C ILE A 59 3.89 -7.92 -10.82
N ARG A 60 3.86 -7.99 -12.15
CA ARG A 60 2.73 -8.59 -12.84
C ARG A 60 2.71 -10.11 -12.63
N GLU A 61 1.49 -10.64 -12.57
CA GLU A 61 1.32 -12.07 -12.36
C GLU A 61 0.94 -12.75 -13.68
N ALA A 62 1.43 -13.97 -13.85
CA ALA A 62 1.16 -14.73 -15.06
C ALA A 62 -0.26 -15.30 -14.97
N LYS A 63 -0.95 -15.25 -16.11
CA LYS A 63 -2.31 -15.77 -16.18
C LYS A 63 -2.27 -17.28 -16.35
N GLU A 64 -3.06 -17.96 -15.53
CA GLU A 64 -3.13 -19.40 -15.57
C GLU A 64 -4.34 -19.86 -16.39
N ILE A 65 -4.20 -21.03 -16.99
CA ILE A 65 -5.27 -21.59 -17.81
C ILE A 65 -6.38 -22.13 -16.89
N ARG A 66 -7.61 -21.87 -17.30
CA ARG A 66 -8.76 -22.32 -16.53
C ARG A 66 -8.90 -23.84 -16.64
N THR A 67 -9.37 -24.44 -15.54
CA THR A 67 -9.57 -25.88 -15.50
C THR A 67 -11.03 -26.22 -15.21
N PRO A 68 -11.48 -27.36 -15.79
CA PRO A 68 -12.85 -27.81 -15.61
C PRO A 68 -13.05 -28.40 -14.20
N MET A 1 16.37 1.42 2.94
CA MET A 1 16.82 0.77 1.72
C MET A 1 16.37 1.56 0.49
N ASP A 2 17.00 1.24 -0.63
CA ASP A 2 16.69 1.91 -1.88
C ASP A 2 15.52 1.18 -2.56
N ASP A 3 15.46 -0.12 -2.33
CA ASP A 3 14.41 -0.93 -2.91
C ASP A 3 13.05 -0.24 -2.71
N ALA A 4 12.68 -0.11 -1.44
CA ALA A 4 11.42 0.53 -1.09
C ALA A 4 11.65 2.03 -0.94
N THR A 5 10.64 2.80 -1.32
CA THR A 5 10.71 4.23 -1.23
C THR A 5 9.99 4.74 0.02
N PRO A 6 10.60 5.78 0.66
CA PRO A 6 10.03 6.34 1.87
C PRO A 6 8.80 7.21 1.55
N ALA A 7 7.66 6.79 2.07
CA ALA A 7 6.42 7.50 1.85
C ALA A 7 5.65 7.62 3.18
N GLU A 8 4.78 8.61 3.23
CA GLU A 8 3.99 8.84 4.43
C GLU A 8 2.50 8.67 4.11
N VAL A 9 1.83 7.93 4.98
CA VAL A 9 0.41 7.68 4.82
C VAL A 9 -0.32 9.01 4.58
N ILE A 10 -1.00 9.08 3.45
CA ILE A 10 -1.74 10.28 3.10
C ILE A 10 -3.23 10.06 3.37
N GLU A 11 -3.68 8.87 3.03
CA GLU A 11 -5.08 8.51 3.23
C GLU A 11 -5.19 7.17 3.93
N VAL A 12 -6.18 7.07 4.83
CA VAL A 12 -6.40 5.84 5.56
C VAL A 12 -7.83 5.36 5.31
N LEU A 13 -7.95 4.05 5.17
CA LEU A 13 -9.26 3.44 4.92
C LEU A 13 -9.77 2.80 6.21
N LYS A 14 -10.81 3.39 6.76
CA LYS A 14 -11.40 2.89 7.99
C LYS A 14 -12.91 2.81 7.83
N ARG A 15 -13.44 1.62 8.07
CA ARG A 15 -14.87 1.38 7.95
C ARG A 15 -15.41 0.79 9.26
N THR A 16 -16.38 1.50 9.83
CA THR A 16 -16.99 1.06 11.07
C THR A 16 -15.99 1.11 12.22
N GLY A 17 -15.14 0.09 12.26
CA GLY A 17 -14.12 0.01 13.29
C GLY A 17 -14.66 -0.71 14.54
N MET A 18 -14.00 -1.81 14.87
CA MET A 18 -14.42 -2.60 16.03
C MET A 18 -13.60 -3.89 16.13
N THR A 19 -13.59 -4.63 15.04
CA THR A 19 -12.86 -5.88 14.99
C THR A 19 -11.36 -5.62 14.84
N GLY A 20 -10.57 -6.58 15.31
CA GLY A 20 -9.13 -6.47 15.24
C GLY A 20 -8.63 -6.63 13.80
N GLU A 21 -7.96 -7.76 13.56
CA GLU A 21 -7.43 -8.05 12.24
C GLU A 21 -6.49 -6.93 11.78
N VAL A 22 -6.12 -7.00 10.52
CA VAL A 22 -5.24 -6.00 9.95
C VAL A 22 -6.07 -4.88 9.31
N MET A 23 -5.53 -3.67 9.38
CA MET A 23 -6.21 -2.52 8.81
C MET A 23 -5.52 -2.05 7.53
N GLN A 24 -6.33 -1.56 6.61
CA GLN A 24 -5.80 -1.07 5.34
C GLN A 24 -5.68 0.46 5.37
N VAL A 25 -4.57 0.95 4.84
CA VAL A 25 -4.33 2.38 4.80
C VAL A 25 -3.78 2.76 3.42
N LYS A 26 -3.90 4.04 3.11
CA LYS A 26 -3.42 4.55 1.83
C LYS A 26 -2.19 5.42 2.06
N CYS A 27 -1.19 5.21 1.22
CA CYS A 27 0.05 5.96 1.32
C CYS A 27 0.51 6.33 -0.10
N ARG A 28 0.92 7.58 -0.25
CA ARG A 28 1.37 8.06 -1.54
C ARG A 28 2.89 8.23 -1.54
N ILE A 29 3.50 7.83 -2.65
CA ILE A 29 4.95 7.93 -2.78
C ILE A 29 5.39 9.37 -2.51
N LEU A 30 6.47 9.49 -1.76
CA LEU A 30 7.00 10.80 -1.42
C LEU A 30 8.26 11.06 -2.25
N ASP A 31 8.79 9.99 -2.81
CA ASP A 31 9.99 10.09 -3.63
C ASP A 31 10.15 8.81 -4.45
N GLY A 32 10.84 8.94 -5.57
CA GLY A 32 11.08 7.81 -6.44
C GLY A 32 10.71 8.15 -7.89
N ARG A 33 11.05 7.23 -8.79
CA ARG A 33 10.77 7.41 -10.20
C ARG A 33 9.26 7.38 -10.44
N ASP A 34 8.54 6.82 -9.47
CA ASP A 34 7.10 6.72 -9.56
C ASP A 34 6.46 7.81 -8.70
N LYS A 35 7.29 8.72 -8.24
CA LYS A 35 6.82 9.82 -7.41
C LYS A 35 5.33 10.05 -7.67
N GLY A 36 4.58 10.15 -6.58
CA GLY A 36 3.15 10.38 -6.69
C GLY A 36 2.39 9.05 -6.72
N ARG A 37 3.15 7.97 -6.82
CA ARG A 37 2.56 6.64 -6.86
C ARG A 37 1.83 6.34 -5.56
N ILE A 38 0.56 5.98 -5.70
CA ILE A 38 -0.25 5.67 -4.54
C ILE A 38 -0.70 4.21 -4.62
N LEU A 39 -0.49 3.50 -3.52
CA LEU A 39 -0.86 2.09 -3.44
C LEU A 39 -1.38 1.78 -2.04
N THR A 40 -2.38 0.90 -2.00
CA THR A 40 -2.97 0.51 -0.73
C THR A 40 -2.44 -0.86 -0.29
N ARG A 41 -2.19 -0.98 1.00
CA ARG A 41 -1.69 -2.22 1.56
C ARG A 41 -2.33 -2.49 2.91
N ASN A 42 -2.33 -3.77 3.29
CA ASN A 42 -2.91 -4.18 4.56
C ASN A 42 -1.87 -4.01 5.66
N VAL A 43 -2.24 -3.22 6.66
CA VAL A 43 -1.35 -2.97 7.78
C VAL A 43 -2.07 -3.32 9.08
N MET A 44 -1.38 -4.08 9.91
CA MET A 44 -1.94 -4.50 11.19
C MET A 44 -1.56 -3.52 12.30
N GLY A 45 -2.58 -2.94 12.91
CA GLY A 45 -2.36 -1.98 13.98
C GLY A 45 -2.99 -0.64 13.65
N PRO A 46 -3.07 0.24 14.69
CA PRO A 46 -3.64 1.57 14.53
C PRO A 46 -2.69 2.49 13.77
N ILE A 47 -2.85 2.51 12.46
CA ILE A 47 -2.01 3.33 11.61
C ILE A 47 -2.90 4.22 10.73
N ARG A 48 -2.67 5.52 10.84
CA ARG A 48 -3.43 6.49 10.07
C ARG A 48 -2.49 7.44 9.33
N GLU A 49 -3.06 8.13 8.35
CA GLU A 49 -2.29 9.08 7.56
C GLU A 49 -1.23 9.76 8.43
N GLY A 50 -0.02 9.82 7.89
CA GLY A 50 1.09 10.43 8.60
C GLY A 50 2.19 9.41 8.91
N ASP A 51 1.79 8.15 8.90
CA ASP A 51 2.72 7.06 9.17
C ASP A 51 3.62 6.85 7.95
N ILE A 52 4.67 6.08 8.16
CA ILE A 52 5.61 5.79 7.09
C ILE A 52 5.34 4.39 6.53
N LEU A 53 5.50 4.27 5.22
CA LEU A 53 5.27 2.99 4.56
C LEU A 53 6.37 2.76 3.52
N MET A 54 6.50 1.51 3.11
CA MET A 54 7.49 1.15 2.11
C MET A 54 6.83 0.68 0.82
N LEU A 55 7.23 1.31 -0.28
CA LEU A 55 6.68 0.97 -1.58
C LEU A 55 7.68 0.08 -2.33
N LEU A 56 7.32 -1.18 -2.47
CA LEU A 56 8.17 -2.13 -3.17
C LEU A 56 7.58 -2.41 -4.55
N ASP A 57 8.48 -2.54 -5.52
CA ASP A 57 8.07 -2.82 -6.89
C ASP A 57 7.17 -4.05 -6.91
N THR A 58 5.96 -3.85 -7.41
CA THR A 58 5.00 -4.94 -7.50
C THR A 58 4.98 -5.53 -8.90
N ILE A 59 5.43 -6.78 -8.99
CA ILE A 59 5.47 -7.47 -10.26
C ILE A 59 4.04 -7.84 -10.70
N ARG A 60 3.81 -7.73 -11.99
CA ARG A 60 2.50 -8.04 -12.54
C ARG A 60 2.40 -9.53 -12.85
N GLU A 61 1.24 -10.09 -12.53
CA GLU A 61 1.00 -11.51 -12.76
C GLU A 61 0.67 -11.75 -14.24
N ALA A 62 1.22 -12.85 -14.75
CA ALA A 62 1.00 -13.21 -16.14
C ALA A 62 -0.23 -14.10 -16.25
N LYS A 63 -1.15 -13.68 -17.10
CA LYS A 63 -2.38 -14.43 -17.30
C LYS A 63 -2.17 -15.46 -18.42
N GLU A 64 -2.54 -16.69 -18.11
CA GLU A 64 -2.39 -17.77 -19.07
C GLU A 64 -3.75 -18.12 -19.70
N ILE A 65 -3.83 -17.92 -21.00
CA ILE A 65 -5.07 -18.21 -21.72
C ILE A 65 -5.11 -19.69 -22.08
N ARG A 66 -6.25 -20.30 -21.82
CA ARG A 66 -6.44 -21.72 -22.11
C ARG A 66 -6.90 -21.91 -23.56
N THR A 67 -6.12 -22.69 -24.28
CA THR A 67 -6.44 -22.96 -25.68
C THR A 67 -6.88 -24.42 -25.85
N PRO A 68 -7.80 -24.63 -26.84
CA PRO A 68 -8.31 -25.96 -27.11
C PRO A 68 -7.27 -26.79 -27.87
N MET A 1 16.68 1.81 1.89
CA MET A 1 16.65 0.83 0.82
C MET A 1 16.00 1.42 -0.44
N ASP A 2 16.48 0.97 -1.58
CA ASP A 2 15.95 1.43 -2.86
C ASP A 2 14.71 0.61 -3.21
N ASP A 3 14.74 -0.66 -2.83
CA ASP A 3 13.62 -1.54 -3.11
C ASP A 3 12.31 -0.80 -2.84
N ALA A 4 12.18 -0.30 -1.62
CA ALA A 4 10.99 0.42 -1.23
C ALA A 4 11.32 1.91 -1.07
N THR A 5 10.36 2.75 -1.44
CA THR A 5 10.55 4.18 -1.34
C THR A 5 9.88 4.71 -0.07
N PRO A 6 10.54 5.74 0.54
CA PRO A 6 10.02 6.34 1.75
C PRO A 6 8.83 7.25 1.45
N ALA A 7 7.67 6.82 1.90
CA ALA A 7 6.45 7.59 1.67
C ALA A 7 5.70 7.74 3.01
N GLU A 8 4.88 8.78 3.07
CA GLU A 8 4.11 9.05 4.26
C GLU A 8 2.62 8.83 4.00
N VAL A 9 1.98 8.11 4.90
CA VAL A 9 0.57 7.82 4.77
C VAL A 9 -0.19 9.12 4.50
N ILE A 10 -1.12 9.04 3.55
CA ILE A 10 -1.91 10.20 3.18
C ILE A 10 -3.38 9.93 3.51
N GLU A 11 -3.81 8.71 3.22
CA GLU A 11 -5.18 8.31 3.48
C GLU A 11 -5.22 6.97 4.22
N VAL A 12 -6.26 6.80 5.02
CA VAL A 12 -6.43 5.58 5.78
C VAL A 12 -7.77 4.95 5.43
N LEU A 13 -7.70 3.71 4.95
CA LEU A 13 -8.89 2.97 4.58
C LEU A 13 -9.16 1.88 5.61
N LYS A 14 -10.17 2.13 6.43
CA LYS A 14 -10.54 1.18 7.47
C LYS A 14 -12.06 1.02 7.48
N ARG A 15 -12.50 -0.08 8.07
CA ARG A 15 -13.92 -0.38 8.15
C ARG A 15 -14.31 -0.75 9.59
N THR A 16 -15.13 0.09 10.18
CA THR A 16 -15.58 -0.13 11.55
C THR A 16 -17.06 -0.49 11.57
N GLY A 17 -17.46 -1.24 12.59
CA GLY A 17 -18.84 -1.65 12.73
C GLY A 17 -18.98 -2.78 13.76
N MET A 18 -18.63 -3.98 13.30
CA MET A 18 -18.70 -5.15 14.16
C MET A 18 -17.43 -6.00 14.05
N THR A 19 -17.08 -6.29 12.80
CA THR A 19 -15.89 -7.08 12.54
C THR A 19 -14.75 -6.20 12.00
N GLY A 20 -13.55 -6.50 12.45
CA GLY A 20 -12.38 -5.75 12.02
C GLY A 20 -11.12 -6.23 12.76
N GLU A 21 -10.32 -7.00 12.04
CA GLU A 21 -9.08 -7.53 12.60
C GLU A 21 -7.88 -6.80 12.00
N VAL A 22 -7.86 -6.75 10.68
CA VAL A 22 -6.76 -6.09 9.97
C VAL A 22 -7.32 -4.92 9.16
N MET A 23 -6.57 -3.83 9.17
CA MET A 23 -6.98 -2.64 8.44
C MET A 23 -5.91 -2.24 7.41
N GLN A 24 -6.35 -1.47 6.41
CA GLN A 24 -5.45 -1.01 5.38
C GLN A 24 -5.29 0.51 5.45
N VAL A 25 -4.19 0.98 4.88
CA VAL A 25 -3.91 2.41 4.88
C VAL A 25 -3.44 2.82 3.48
N LYS A 26 -3.70 4.08 3.15
CA LYS A 26 -3.31 4.61 1.85
C LYS A 26 -2.11 5.54 2.03
N CYS A 27 -1.05 5.23 1.30
CA CYS A 27 0.16 6.02 1.37
C CYS A 27 0.58 6.38 -0.06
N ARG A 28 0.96 7.64 -0.23
CA ARG A 28 1.39 8.11 -1.54
C ARG A 28 2.91 8.32 -1.56
N ILE A 29 3.51 7.92 -2.67
CA ILE A 29 4.95 8.06 -2.83
C ILE A 29 5.34 9.52 -2.59
N LEU A 30 6.44 9.70 -1.89
CA LEU A 30 6.94 11.03 -1.59
C LEU A 30 8.19 11.30 -2.43
N ASP A 31 8.79 10.22 -2.90
CA ASP A 31 9.99 10.34 -3.71
C ASP A 31 10.25 9.00 -4.42
N GLY A 32 10.63 9.10 -5.68
CA GLY A 32 10.90 7.90 -6.47
C GLY A 32 10.64 8.17 -7.96
N ARG A 33 11.00 7.18 -8.77
CA ARG A 33 10.81 7.28 -10.20
C ARG A 33 9.32 7.41 -10.53
N ASP A 34 8.50 7.03 -9.57
CA ASP A 34 7.06 7.10 -9.73
C ASP A 34 6.49 8.20 -8.85
N LYS A 35 7.40 8.97 -8.26
CA LYS A 35 7.01 10.06 -7.39
C LYS A 35 5.53 10.37 -7.59
N GLY A 36 4.75 10.10 -6.56
CA GLY A 36 3.32 10.34 -6.61
C GLY A 36 2.54 9.02 -6.63
N ARG A 37 3.28 7.94 -6.79
CA ARG A 37 2.68 6.62 -6.83
C ARG A 37 2.00 6.31 -5.50
N ILE A 38 0.76 5.85 -5.59
CA ILE A 38 0.00 5.51 -4.40
C ILE A 38 -0.37 4.03 -4.44
N LEU A 39 -0.24 3.39 -3.28
CA LEU A 39 -0.55 1.98 -3.17
C LEU A 39 -1.32 1.73 -1.87
N THR A 40 -2.09 0.64 -1.87
CA THR A 40 -2.88 0.29 -0.71
C THR A 40 -2.50 -1.12 -0.23
N ARG A 41 -2.34 -1.24 1.07
CA ARG A 41 -1.99 -2.51 1.68
C ARG A 41 -2.68 -2.67 3.03
N ASN A 42 -2.95 -3.93 3.38
CA ASN A 42 -3.60 -4.23 4.65
C ASN A 42 -2.54 -4.45 5.72
N VAL A 43 -2.62 -3.64 6.77
CA VAL A 43 -1.68 -3.74 7.87
C VAL A 43 -2.43 -3.61 9.19
N MET A 44 -2.14 -4.53 10.10
CA MET A 44 -2.77 -4.53 11.41
C MET A 44 -2.03 -3.60 12.39
N GLY A 45 -2.78 -2.69 12.96
CA GLY A 45 -2.22 -1.75 13.91
C GLY A 45 -2.79 -0.34 13.70
N PRO A 46 -2.69 0.49 14.78
CA PRO A 46 -3.20 1.85 14.71
C PRO A 46 -2.26 2.75 13.90
N ILE A 47 -2.51 2.77 12.60
CA ILE A 47 -1.69 3.58 11.70
C ILE A 47 -2.61 4.49 10.88
N ARG A 48 -2.31 5.79 10.96
CA ARG A 48 -3.09 6.77 10.23
C ARG A 48 -2.17 7.67 9.40
N GLU A 49 -2.79 8.38 8.47
CA GLU A 49 -2.04 9.27 7.59
C GLU A 49 -0.96 10.01 8.39
N GLY A 50 0.23 10.06 7.80
CA GLY A 50 1.35 10.73 8.45
C GLY A 50 2.45 9.72 8.79
N ASP A 51 2.08 8.45 8.81
CA ASP A 51 3.02 7.39 9.12
C ASP A 51 3.83 7.05 7.87
N ILE A 52 5.05 6.59 8.09
CA ILE A 52 5.93 6.22 7.00
C ILE A 52 5.64 4.78 6.58
N LEU A 53 5.62 4.56 5.27
CA LEU A 53 5.36 3.23 4.74
C LEU A 53 6.34 2.95 3.61
N MET A 54 6.49 1.66 3.31
CA MET A 54 7.39 1.24 2.25
C MET A 54 6.61 0.84 0.99
N LEU A 55 6.97 1.48 -0.10
CA LEU A 55 6.32 1.21 -1.38
C LEU A 55 7.21 0.31 -2.22
N LEU A 56 6.78 -0.94 -2.37
CA LEU A 56 7.54 -1.90 -3.16
C LEU A 56 6.84 -2.12 -4.50
N ASP A 57 7.66 -2.23 -5.54
CA ASP A 57 7.13 -2.44 -6.88
C ASP A 57 6.27 -3.70 -6.89
N THR A 58 5.02 -3.52 -7.30
CA THR A 58 4.08 -4.63 -7.36
C THR A 58 4.42 -5.55 -8.53
N ILE A 59 4.26 -6.84 -8.30
CA ILE A 59 4.55 -7.83 -9.33
C ILE A 59 3.26 -8.14 -10.11
N ARG A 60 3.30 -7.81 -11.39
CA ARG A 60 2.14 -8.04 -12.25
C ARG A 60 2.21 -9.44 -12.86
N GLU A 61 1.15 -10.20 -12.65
CA GLU A 61 1.07 -11.55 -13.18
C GLU A 61 0.17 -11.60 -14.40
N ALA A 62 0.40 -12.60 -15.23
CA ALA A 62 -0.40 -12.78 -16.44
C ALA A 62 -1.84 -13.10 -16.06
N LYS A 63 -2.76 -12.58 -16.86
CA LYS A 63 -4.18 -12.81 -16.62
C LYS A 63 -4.62 -14.08 -17.33
N GLU A 64 -5.12 -15.03 -16.56
CA GLU A 64 -5.57 -16.29 -17.10
C GLU A 64 -7.11 -16.33 -17.13
N ILE A 65 -7.63 -17.15 -18.04
CA ILE A 65 -9.06 -17.28 -18.18
C ILE A 65 -9.60 -18.18 -17.06
N ARG A 66 -10.47 -17.59 -16.24
CA ARG A 66 -11.06 -18.31 -15.13
C ARG A 66 -12.14 -19.26 -15.63
N THR A 67 -11.93 -20.54 -15.37
CA THR A 67 -12.89 -21.56 -15.80
C THR A 67 -13.90 -21.84 -14.68
N PRO A 68 -15.15 -22.17 -15.11
CA PRO A 68 -16.21 -22.46 -14.16
C PRO A 68 -16.01 -23.84 -13.52
N MET A 1 16.90 4.66 -0.13
CA MET A 1 16.07 4.24 -1.26
C MET A 1 16.81 3.23 -2.13
N ASP A 2 16.96 2.03 -1.58
CA ASP A 2 17.65 0.96 -2.30
C ASP A 2 16.62 -0.03 -2.84
N ASP A 3 15.45 0.00 -2.23
CA ASP A 3 14.37 -0.89 -2.63
C ASP A 3 13.02 -0.19 -2.43
N ALA A 4 12.67 -0.03 -1.16
CA ALA A 4 11.42 0.63 -0.80
C ALA A 4 11.62 2.14 -0.79
N THR A 5 10.57 2.86 -1.15
CA THR A 5 10.61 4.31 -1.18
C THR A 5 10.01 4.89 0.10
N PRO A 6 10.69 5.92 0.64
CA PRO A 6 10.23 6.58 1.86
C PRO A 6 9.02 7.47 1.56
N ALA A 7 7.85 6.99 1.97
CA ALA A 7 6.62 7.74 1.76
C ALA A 7 5.86 7.83 3.08
N GLU A 8 4.98 8.83 3.15
CA GLU A 8 4.19 9.04 4.35
C GLU A 8 2.71 8.83 4.04
N VAL A 9 2.05 8.08 4.91
CA VAL A 9 0.64 7.80 4.75
C VAL A 9 -0.12 9.12 4.57
N ILE A 10 -0.94 9.15 3.52
CA ILE A 10 -1.72 10.34 3.22
C ILE A 10 -3.19 10.06 3.54
N GLU A 11 -3.63 8.86 3.20
CA GLU A 11 -5.00 8.47 3.44
C GLU A 11 -5.06 7.07 4.07
N VAL A 12 -5.94 6.93 5.04
CA VAL A 12 -6.10 5.65 5.74
C VAL A 12 -7.55 5.19 5.61
N LEU A 13 -7.69 3.93 5.25
CA LEU A 13 -9.02 3.34 5.09
C LEU A 13 -9.30 2.41 6.26
N LYS A 14 -10.20 2.84 7.13
CA LYS A 14 -10.56 2.06 8.30
C LYS A 14 -12.08 2.07 8.45
N ARG A 15 -12.61 0.91 8.83
CA ARG A 15 -14.04 0.78 9.02
C ARG A 15 -14.39 0.79 10.51
N THR A 16 -15.52 1.40 10.82
CA THR A 16 -15.97 1.49 12.20
C THR A 16 -15.68 0.18 12.94
N GLY A 17 -16.24 -0.90 12.44
CA GLY A 17 -16.04 -2.21 13.04
C GLY A 17 -16.83 -3.28 12.29
N MET A 18 -17.55 -4.08 13.06
CA MET A 18 -18.36 -5.15 12.49
C MET A 18 -17.50 -6.11 11.67
N THR A 19 -16.96 -7.11 12.35
CA THR A 19 -16.11 -8.09 11.69
C THR A 19 -14.92 -7.40 11.02
N GLY A 20 -13.79 -7.43 11.70
CA GLY A 20 -12.59 -6.82 11.18
C GLY A 20 -11.38 -7.12 12.08
N GLU A 21 -10.28 -7.49 11.45
CA GLU A 21 -9.07 -7.81 12.18
C GLU A 21 -7.89 -6.97 11.64
N VAL A 22 -7.82 -6.88 10.33
CA VAL A 22 -6.76 -6.12 9.68
C VAL A 22 -7.38 -4.97 8.89
N MET A 23 -6.75 -3.82 8.98
CA MET A 23 -7.23 -2.63 8.27
C MET A 23 -6.24 -2.21 7.19
N GLN A 24 -6.76 -1.49 6.21
CA GLN A 24 -5.94 -1.03 5.11
C GLN A 24 -5.64 0.47 5.26
N VAL A 25 -4.57 0.90 4.61
CA VAL A 25 -4.17 2.29 4.67
C VAL A 25 -3.70 2.75 3.28
N LYS A 26 -3.75 4.04 3.07
CA LYS A 26 -3.33 4.62 1.80
C LYS A 26 -2.09 5.48 2.02
N CYS A 27 -1.10 5.27 1.16
CA CYS A 27 0.14 6.02 1.25
C CYS A 27 0.59 6.39 -0.17
N ARG A 28 0.94 7.64 -0.34
CA ARG A 28 1.39 8.13 -1.64
C ARG A 28 2.90 8.34 -1.63
N ILE A 29 3.53 7.94 -2.73
CA ILE A 29 4.97 8.08 -2.87
C ILE A 29 5.35 9.54 -2.65
N LEU A 30 6.44 9.73 -1.91
CA LEU A 30 6.92 11.06 -1.61
C LEU A 30 8.13 11.36 -2.50
N ASP A 31 8.70 10.31 -3.04
CA ASP A 31 9.87 10.45 -3.92
C ASP A 31 10.08 9.14 -4.69
N GLY A 32 10.66 9.28 -5.86
CA GLY A 32 10.93 8.14 -6.71
C GLY A 32 10.46 8.39 -8.14
N ARG A 33 10.92 7.53 -9.04
CA ARG A 33 10.55 7.65 -10.45
C ARG A 33 9.04 7.46 -10.62
N ASP A 34 8.42 6.90 -9.59
CA ASP A 34 6.98 6.68 -9.61
C ASP A 34 6.29 7.76 -8.79
N LYS A 35 7.06 8.75 -8.40
CA LYS A 35 6.54 9.85 -7.61
C LYS A 35 5.02 9.95 -7.83
N GLY A 36 4.29 10.05 -6.72
CA GLY A 36 2.85 10.15 -6.79
C GLY A 36 2.20 8.77 -6.71
N ARG A 37 3.04 7.74 -6.81
CA ARG A 37 2.56 6.37 -6.76
C ARG A 37 1.93 6.09 -5.40
N ILE A 38 0.72 5.56 -5.45
CA ILE A 38 -0.01 5.23 -4.23
C ILE A 38 -0.32 3.73 -4.20
N LEU A 39 0.16 3.08 -3.16
CA LEU A 39 -0.07 1.65 -3.01
C LEU A 39 -0.79 1.38 -1.69
N THR A 40 -1.93 0.71 -1.81
CA THR A 40 -2.72 0.39 -0.64
C THR A 40 -2.51 -1.07 -0.23
N ARG A 41 -2.23 -1.26 1.05
CA ARG A 41 -2.01 -2.60 1.57
C ARG A 41 -2.72 -2.77 2.92
N ASN A 42 -3.01 -4.02 3.23
CA ASN A 42 -3.68 -4.34 4.48
C ASN A 42 -2.65 -4.49 5.60
N VAL A 43 -2.79 -3.66 6.61
CA VAL A 43 -1.87 -3.68 7.74
C VAL A 43 -2.68 -3.66 9.04
N MET A 44 -2.23 -4.45 10.00
CA MET A 44 -2.89 -4.54 11.29
C MET A 44 -2.19 -3.65 12.32
N GLY A 45 -2.99 -2.79 12.94
CA GLY A 45 -2.46 -1.87 13.94
C GLY A 45 -3.01 -0.46 13.73
N PRO A 46 -2.87 0.37 14.81
CA PRO A 46 -3.34 1.74 14.76
C PRO A 46 -2.41 2.62 13.92
N ILE A 47 -2.65 2.62 12.62
CA ILE A 47 -1.84 3.40 11.70
C ILE A 47 -2.75 4.31 10.87
N ARG A 48 -2.47 5.61 10.95
CA ARG A 48 -3.26 6.58 10.20
C ARG A 48 -2.33 7.50 9.41
N GLU A 49 -2.92 8.14 8.40
CA GLU A 49 -2.16 9.05 7.56
C GLU A 49 -1.10 9.79 8.38
N GLY A 50 0.08 9.89 7.80
CA GLY A 50 1.18 10.56 8.46
C GLY A 50 2.31 9.59 8.78
N ASP A 51 1.95 8.31 8.84
CA ASP A 51 2.93 7.27 9.13
C ASP A 51 3.83 7.06 7.92
N ILE A 52 4.89 6.31 8.14
CA ILE A 52 5.84 6.03 7.07
C ILE A 52 5.58 4.62 6.51
N LEU A 53 5.85 4.48 5.22
CA LEU A 53 5.65 3.20 4.56
C LEU A 53 6.82 2.93 3.62
N MET A 54 6.97 1.67 3.24
CA MET A 54 8.04 1.27 2.33
C MET A 54 7.48 0.75 1.02
N LEU A 55 7.68 1.53 -0.04
CA LEU A 55 7.21 1.15 -1.34
C LEU A 55 8.39 0.67 -2.20
N LEU A 56 8.44 -0.64 -2.41
CA LEU A 56 9.51 -1.23 -3.20
C LEU A 56 8.96 -1.62 -4.57
N ASP A 57 9.83 -1.50 -5.56
CA ASP A 57 9.45 -1.85 -6.93
C ASP A 57 8.77 -3.22 -6.94
N THR A 58 7.53 -3.22 -7.40
CA THR A 58 6.76 -4.45 -7.46
C THR A 58 6.88 -5.08 -8.85
N ILE A 59 7.10 -6.39 -8.86
CA ILE A 59 7.22 -7.11 -10.12
C ILE A 59 5.95 -7.90 -10.38
N ARG A 60 5.44 -7.75 -11.59
CA ARG A 60 4.22 -8.44 -11.98
C ARG A 60 4.44 -9.96 -11.98
N GLU A 61 3.37 -10.67 -11.67
CA GLU A 61 3.43 -12.12 -11.61
C GLU A 61 2.83 -12.73 -12.90
N ALA A 62 3.25 -13.95 -13.18
CA ALA A 62 2.77 -14.64 -14.36
C ALA A 62 1.33 -15.11 -14.13
N LYS A 63 0.43 -14.56 -14.93
CA LYS A 63 -0.98 -14.91 -14.83
C LYS A 63 -1.24 -16.21 -15.58
N GLU A 64 -2.04 -17.07 -14.96
CA GLU A 64 -2.38 -18.35 -15.55
C GLU A 64 -3.80 -18.31 -16.12
N ILE A 65 -4.00 -19.08 -17.19
CA ILE A 65 -5.30 -19.13 -17.83
C ILE A 65 -6.15 -20.20 -17.13
N ARG A 66 -7.45 -19.94 -17.09
CA ARG A 66 -8.38 -20.87 -16.45
C ARG A 66 -8.96 -21.83 -17.50
N THR A 67 -8.70 -23.12 -17.29
CA THR A 67 -9.18 -24.13 -18.19
C THR A 67 -10.50 -24.72 -17.68
N PRO A 68 -11.37 -25.11 -18.66
CA PRO A 68 -12.67 -25.68 -18.31
C PRO A 68 -12.51 -27.12 -17.82
N MET A 1 16.16 0.24 1.21
CA MET A 1 16.65 1.48 0.63
C MET A 1 16.19 1.63 -0.82
N ASP A 2 16.44 0.60 -1.61
CA ASP A 2 16.04 0.61 -3.00
C ASP A 2 14.83 -0.29 -3.20
N ASP A 3 14.72 -1.27 -2.32
CA ASP A 3 13.60 -2.21 -2.38
C ASP A 3 12.29 -1.44 -2.26
N ALA A 4 12.15 -0.74 -1.14
CA ALA A 4 10.95 0.04 -0.90
C ALA A 4 11.32 1.52 -0.83
N THR A 5 10.40 2.36 -1.29
CA THR A 5 10.61 3.80 -1.27
C THR A 5 9.95 4.42 -0.05
N PRO A 6 10.55 5.54 0.42
CA PRO A 6 10.03 6.25 1.59
C PRO A 6 8.77 7.04 1.23
N ALA A 7 7.74 6.86 2.04
CA ALA A 7 6.48 7.54 1.81
C ALA A 7 5.75 7.71 3.15
N GLU A 8 4.83 8.66 3.16
CA GLU A 8 4.05 8.93 4.37
C GLU A 8 2.56 8.74 4.09
N VAL A 9 1.92 8.01 5.00
CA VAL A 9 0.49 7.74 4.87
C VAL A 9 -0.24 9.07 4.65
N ILE A 10 -0.95 9.14 3.53
CA ILE A 10 -1.70 10.34 3.19
C ILE A 10 -3.19 10.08 3.44
N GLU A 11 -3.62 8.88 3.07
CA GLU A 11 -5.01 8.50 3.24
C GLU A 11 -5.10 7.12 3.90
N VAL A 12 -6.12 6.96 4.73
CA VAL A 12 -6.33 5.71 5.42
C VAL A 12 -7.75 5.20 5.13
N LEU A 13 -7.83 3.91 4.83
CA LEU A 13 -9.11 3.29 4.53
C LEU A 13 -9.55 2.42 5.71
N LYS A 14 -10.66 2.81 6.30
CA LYS A 14 -11.20 2.08 7.44
C LYS A 14 -12.69 1.82 7.23
N ARG A 15 -13.03 0.54 7.22
CA ARG A 15 -14.42 0.15 7.02
C ARG A 15 -15.13 0.00 8.37
N THR A 16 -16.08 0.88 8.60
CA THR A 16 -16.85 0.86 9.84
C THR A 16 -15.91 1.07 11.03
N GLY A 17 -16.51 1.51 12.13
CA GLY A 17 -15.75 1.76 13.34
C GLY A 17 -15.55 0.47 14.14
N MET A 18 -14.87 -0.48 13.51
CA MET A 18 -14.60 -1.76 14.14
C MET A 18 -13.14 -2.16 13.98
N THR A 19 -12.56 -2.61 15.09
CA THR A 19 -11.17 -3.01 15.09
C THR A 19 -11.05 -4.52 14.82
N GLY A 20 -11.48 -4.91 13.63
CA GLY A 20 -11.43 -6.31 13.25
C GLY A 20 -10.09 -6.95 13.63
N GLU A 21 -9.09 -6.69 12.81
CA GLU A 21 -7.76 -7.22 13.05
C GLU A 21 -6.73 -6.53 12.16
N VAL A 22 -6.95 -6.64 10.86
CA VAL A 22 -6.06 -6.03 9.90
C VAL A 22 -6.81 -4.93 9.14
N MET A 23 -6.14 -3.80 8.99
CA MET A 23 -6.73 -2.66 8.30
C MET A 23 -5.85 -2.23 7.11
N GLN A 24 -6.48 -1.53 6.18
CA GLN A 24 -5.78 -1.05 5.00
C GLN A 24 -5.62 0.46 5.06
N VAL A 25 -4.43 0.92 4.71
CA VAL A 25 -4.13 2.34 4.70
C VAL A 25 -3.62 2.76 3.32
N LYS A 26 -3.68 4.05 3.06
CA LYS A 26 -3.23 4.59 1.78
C LYS A 26 -2.02 5.50 2.02
N CYS A 27 -0.99 5.28 1.21
CA CYS A 27 0.23 6.06 1.33
C CYS A 27 0.70 6.41 -0.09
N ARG A 28 1.08 7.67 -0.26
CA ARG A 28 1.55 8.14 -1.55
C ARG A 28 3.08 8.29 -1.53
N ILE A 29 3.70 7.90 -2.64
CA ILE A 29 5.14 7.98 -2.76
C ILE A 29 5.59 9.41 -2.43
N LEU A 30 6.72 9.50 -1.76
CA LEU A 30 7.27 10.79 -1.37
C LEU A 30 8.53 11.07 -2.20
N ASP A 31 9.03 10.02 -2.83
CA ASP A 31 10.22 10.13 -3.64
C ASP A 31 10.33 8.91 -4.57
N GLY A 32 10.94 9.14 -5.72
CA GLY A 32 11.11 8.07 -6.69
C GLY A 32 10.55 8.48 -8.07
N ARG A 33 10.98 7.75 -9.08
CA ARG A 33 10.54 8.04 -10.43
C ARG A 33 9.02 7.86 -10.55
N ASP A 34 8.47 7.15 -9.57
CA ASP A 34 7.03 6.90 -9.55
C ASP A 34 6.36 7.93 -8.67
N LYS A 35 7.15 8.89 -8.22
CA LYS A 35 6.64 9.95 -7.36
C LYS A 35 5.13 10.12 -7.61
N GLY A 36 4.41 10.21 -6.50
CA GLY A 36 2.96 10.37 -6.58
C GLY A 36 2.26 9.01 -6.58
N ARG A 37 3.07 7.96 -6.71
CA ARG A 37 2.55 6.61 -6.73
C ARG A 37 1.90 6.27 -5.40
N ILE A 38 0.65 5.83 -5.46
CA ILE A 38 -0.08 5.47 -4.26
C ILE A 38 -0.38 3.97 -4.29
N LEU A 39 -0.20 3.34 -3.13
CA LEU A 39 -0.45 1.92 -3.00
C LEU A 39 -1.26 1.65 -1.74
N THR A 40 -2.08 0.62 -1.81
CA THR A 40 -2.92 0.25 -0.69
C THR A 40 -2.63 -1.19 -0.25
N ARG A 41 -2.35 -1.34 1.04
CA ARG A 41 -2.05 -2.66 1.59
C ARG A 41 -2.66 -2.80 2.98
N ASN A 42 -2.90 -4.05 3.36
CA ASN A 42 -3.49 -4.33 4.66
C ASN A 42 -2.37 -4.45 5.70
N VAL A 43 -2.47 -3.61 6.73
CA VAL A 43 -1.48 -3.61 7.79
C VAL A 43 -2.19 -3.66 9.14
N MET A 44 -1.55 -4.32 10.09
CA MET A 44 -2.10 -4.45 11.43
C MET A 44 -1.45 -3.45 12.39
N GLY A 45 -2.29 -2.69 13.06
CA GLY A 45 -1.82 -1.69 14.01
C GLY A 45 -2.51 -0.35 13.80
N PRO A 46 -2.57 0.45 14.90
CA PRO A 46 -3.20 1.75 14.84
C PRO A 46 -2.31 2.76 14.11
N ILE A 47 -2.40 2.74 12.78
CA ILE A 47 -1.62 3.63 11.96
C ILE A 47 -2.54 4.36 10.98
N ARG A 48 -2.47 5.69 11.02
CA ARG A 48 -3.30 6.51 10.15
C ARG A 48 -2.43 7.52 9.40
N GLU A 49 -3.01 8.09 8.35
CA GLU A 49 -2.31 9.07 7.55
C GLU A 49 -1.32 9.86 8.41
N GLY A 50 -0.10 9.95 7.93
CA GLY A 50 0.95 10.67 8.65
C GLY A 50 2.11 9.74 8.99
N ASP A 51 1.83 8.44 8.96
CA ASP A 51 2.84 7.44 9.27
C ASP A 51 3.70 7.19 8.03
N ILE A 52 4.80 6.47 8.24
CA ILE A 52 5.71 6.16 7.16
C ILE A 52 5.40 4.76 6.62
N LEU A 53 5.49 4.63 5.30
CA LEU A 53 5.23 3.36 4.66
C LEU A 53 6.25 3.14 3.54
N MET A 54 6.36 1.88 3.13
CA MET A 54 7.30 1.53 2.08
C MET A 54 6.57 0.97 0.86
N LEU A 55 7.01 1.40 -0.31
CA LEU A 55 6.40 0.95 -1.56
C LEU A 55 7.30 -0.10 -2.21
N LEU A 56 6.82 -1.33 -2.19
CA LEU A 56 7.57 -2.44 -2.77
C LEU A 56 6.95 -2.81 -4.13
N ASP A 57 7.82 -3.09 -5.08
CA ASP A 57 7.37 -3.47 -6.41
C ASP A 57 6.43 -4.67 -6.31
N THR A 58 5.23 -4.49 -6.84
CA THR A 58 4.24 -5.54 -6.81
C THR A 58 4.46 -6.51 -7.97
N ILE A 59 4.72 -7.76 -7.62
CA ILE A 59 4.95 -8.80 -8.61
C ILE A 59 3.62 -9.15 -9.30
N ARG A 60 3.64 -9.08 -10.62
CA ARG A 60 2.45 -9.40 -11.39
C ARG A 60 2.32 -10.90 -11.58
N GLU A 61 1.13 -11.41 -11.25
CA GLU A 61 0.86 -12.83 -11.37
C GLU A 61 0.71 -13.21 -12.85
N ALA A 62 1.18 -14.42 -13.17
CA ALA A 62 1.10 -14.92 -14.53
C ALA A 62 -0.27 -15.57 -14.74
N LYS A 63 -1.03 -14.97 -15.65
CA LYS A 63 -2.36 -15.47 -15.96
C LYS A 63 -2.23 -16.63 -16.97
N GLU A 64 -2.74 -17.79 -16.55
CA GLU A 64 -2.70 -18.96 -17.40
C GLU A 64 -4.02 -19.13 -18.16
N ILE A 65 -3.90 -19.40 -19.44
CA ILE A 65 -5.07 -19.59 -20.28
C ILE A 65 -5.26 -21.09 -20.56
N ARG A 66 -6.42 -21.59 -20.16
CA ARG A 66 -6.73 -22.99 -20.36
C ARG A 66 -7.09 -23.25 -21.82
N THR A 67 -6.35 -24.17 -22.42
CA THR A 67 -6.58 -24.52 -23.82
C THR A 67 -7.52 -25.73 -23.92
N PRO A 68 -8.33 -25.72 -25.01
CA PRO A 68 -9.27 -26.81 -25.24
C PRO A 68 -8.56 -28.07 -25.72
N MET A 1 16.90 3.58 -0.98
CA MET A 1 16.04 2.86 -1.90
C MET A 1 16.65 1.51 -2.29
N ASP A 2 16.42 0.52 -1.45
CA ASP A 2 16.95 -0.81 -1.71
C ASP A 2 15.82 -1.71 -2.21
N ASP A 3 14.60 -1.37 -1.82
CA ASP A 3 13.44 -2.13 -2.22
C ASP A 3 12.19 -1.26 -2.10
N ALA A 4 11.90 -0.85 -0.87
CA ALA A 4 10.75 -0.02 -0.60
C ALA A 4 11.17 1.45 -0.64
N THR A 5 10.24 2.28 -1.12
CA THR A 5 10.51 3.71 -1.20
C THR A 5 9.95 4.44 0.02
N PRO A 6 10.60 5.58 0.36
CA PRO A 6 10.17 6.37 1.50
C PRO A 6 8.90 7.16 1.18
N ALA A 7 7.79 6.69 1.75
CA ALA A 7 6.52 7.35 1.54
C ALA A 7 5.86 7.62 2.88
N GLU A 8 4.92 8.56 2.87
CA GLU A 8 4.21 8.93 4.08
C GLU A 8 2.70 8.70 3.89
N VAL A 9 2.10 8.08 4.90
CA VAL A 9 0.68 7.80 4.86
C VAL A 9 -0.08 9.09 4.59
N ILE A 10 -0.90 9.06 3.55
CA ILE A 10 -1.69 10.22 3.18
C ILE A 10 -3.17 9.92 3.42
N GLU A 11 -3.55 8.69 3.12
CA GLU A 11 -4.93 8.27 3.30
C GLU A 11 -4.98 6.88 3.94
N VAL A 12 -5.84 6.75 4.94
CA VAL A 12 -6.00 5.48 5.64
C VAL A 12 -7.44 5.00 5.48
N LEU A 13 -7.56 3.72 5.15
CA LEU A 13 -8.87 3.13 4.97
C LEU A 13 -9.16 2.17 6.14
N LYS A 14 -10.07 2.60 6.99
CA LYS A 14 -10.44 1.82 8.15
C LYS A 14 -11.97 1.78 8.27
N ARG A 15 -12.49 0.58 8.47
CA ARG A 15 -13.93 0.40 8.61
C ARG A 15 -14.25 -0.35 9.90
N THR A 16 -15.41 -0.02 10.46
CA THR A 16 -15.85 -0.65 11.70
C THR A 16 -14.93 -0.25 12.86
N GLY A 17 -13.74 -0.83 12.86
CA GLY A 17 -12.77 -0.53 13.90
C GLY A 17 -12.01 -1.80 14.30
N MET A 18 -11.50 -1.78 15.53
CA MET A 18 -10.75 -2.91 16.05
C MET A 18 -11.55 -4.21 15.92
N THR A 19 -10.97 -5.28 16.43
CA THR A 19 -11.61 -6.58 16.38
C THR A 19 -11.89 -6.99 14.93
N GLY A 20 -11.19 -8.02 14.49
CA GLY A 20 -11.36 -8.53 13.14
C GLY A 20 -10.01 -8.63 12.43
N GLU A 21 -10.07 -8.61 11.11
CA GLU A 21 -8.86 -8.70 10.31
C GLU A 21 -8.03 -7.43 10.43
N VAL A 22 -7.00 -7.34 9.61
CA VAL A 22 -6.12 -6.19 9.62
C VAL A 22 -6.70 -5.10 8.71
N MET A 23 -6.51 -3.86 9.14
CA MET A 23 -7.02 -2.73 8.38
C MET A 23 -6.03 -2.32 7.29
N GLN A 24 -6.55 -1.62 6.29
CA GLN A 24 -5.73 -1.17 5.18
C GLN A 24 -5.45 0.34 5.31
N VAL A 25 -4.37 0.75 4.67
CA VAL A 25 -3.98 2.15 4.70
C VAL A 25 -3.50 2.57 3.30
N LYS A 26 -3.46 3.88 3.10
CA LYS A 26 -3.02 4.43 1.83
C LYS A 26 -1.87 5.41 2.05
N CYS A 27 -0.83 5.25 1.27
CA CYS A 27 0.33 6.12 1.38
C CYS A 27 0.82 6.46 -0.03
N ARG A 28 1.03 7.75 -0.25
CA ARG A 28 1.48 8.23 -1.55
C ARG A 28 3.02 8.35 -1.55
N ILE A 29 3.59 7.93 -2.67
CA ILE A 29 5.03 7.98 -2.83
C ILE A 29 5.53 9.41 -2.55
N LEU A 30 6.65 9.49 -1.85
CA LEU A 30 7.23 10.77 -1.51
C LEU A 30 8.50 10.99 -2.34
N ASP A 31 8.97 9.90 -2.94
CA ASP A 31 10.17 9.94 -3.75
C ASP A 31 10.24 8.69 -4.62
N GLY A 32 10.84 8.86 -5.79
CA GLY A 32 10.97 7.75 -6.73
C GLY A 32 10.52 8.15 -8.13
N ARG A 33 10.90 7.35 -9.10
CA ARG A 33 10.54 7.60 -10.49
C ARG A 33 9.01 7.58 -10.65
N ASP A 34 8.36 6.99 -9.66
CA ASP A 34 6.91 6.90 -9.69
C ASP A 34 6.32 7.96 -8.76
N LYS A 35 7.19 8.86 -8.30
CA LYS A 35 6.77 9.92 -7.41
C LYS A 35 5.27 10.18 -7.61
N GLY A 36 4.57 10.25 -6.49
CA GLY A 36 3.13 10.49 -6.52
C GLY A 36 2.36 9.17 -6.55
N ARG A 37 3.10 8.09 -6.74
CA ARG A 37 2.49 6.77 -6.80
C ARG A 37 1.85 6.42 -5.46
N ILE A 38 0.60 6.00 -5.52
CA ILE A 38 -0.14 5.63 -4.33
C ILE A 38 -0.54 4.16 -4.41
N LEU A 39 -0.32 3.46 -3.32
CA LEU A 39 -0.66 2.04 -3.25
C LEU A 39 -1.42 1.77 -1.95
N THR A 40 -2.20 0.69 -1.97
CA THR A 40 -2.98 0.30 -0.81
C THR A 40 -2.60 -1.12 -0.38
N ARG A 41 -2.39 -1.27 0.93
CA ARG A 41 -2.03 -2.56 1.48
C ARG A 41 -2.70 -2.76 2.85
N ASN A 42 -2.88 -4.02 3.20
CA ASN A 42 -3.49 -4.35 4.47
C ASN A 42 -2.42 -4.45 5.55
N VAL A 43 -2.67 -3.79 6.66
CA VAL A 43 -1.73 -3.80 7.78
C VAL A 43 -2.51 -3.73 9.09
N MET A 44 -2.10 -4.58 10.03
CA MET A 44 -2.74 -4.63 11.33
C MET A 44 -2.04 -3.69 12.32
N GLY A 45 -2.83 -2.81 12.93
CA GLY A 45 -2.30 -1.87 13.89
C GLY A 45 -2.88 -0.47 13.67
N PRO A 46 -2.77 0.36 14.74
CA PRO A 46 -3.27 1.72 14.67
C PRO A 46 -2.35 2.62 13.83
N ILE A 47 -2.62 2.62 12.53
CA ILE A 47 -1.84 3.43 11.62
C ILE A 47 -2.77 4.33 10.81
N ARG A 48 -2.50 5.63 10.88
CA ARG A 48 -3.31 6.61 10.17
C ARG A 48 -2.40 7.54 9.36
N GLU A 49 -3.00 8.16 8.36
CA GLU A 49 -2.27 9.07 7.50
C GLU A 49 -1.35 9.96 8.33
N GLY A 50 -0.15 10.18 7.82
CA GLY A 50 0.83 11.01 8.51
C GLY A 50 2.06 10.19 8.89
N ASP A 51 1.87 8.88 8.92
CA ASP A 51 2.96 7.98 9.27
C ASP A 51 3.83 7.72 8.04
N ILE A 52 4.95 7.05 8.27
CA ILE A 52 5.87 6.74 7.20
C ILE A 52 5.68 5.27 6.79
N LEU A 53 5.45 5.08 5.50
CA LEU A 53 5.25 3.74 4.97
C LEU A 53 6.12 3.56 3.72
N MET A 54 6.70 2.38 3.61
CA MET A 54 7.55 2.07 2.48
C MET A 54 6.74 1.44 1.35
N LEU A 55 7.05 1.87 0.12
CA LEU A 55 6.36 1.37 -1.04
C LEU A 55 7.25 0.33 -1.74
N LEU A 56 6.81 -0.92 -1.68
CA LEU A 56 7.55 -2.00 -2.30
C LEU A 56 7.06 -2.19 -3.74
N ASP A 57 8.01 -2.44 -4.63
CA ASP A 57 7.69 -2.63 -6.03
C ASP A 57 6.67 -3.77 -6.15
N THR A 58 5.54 -3.44 -6.77
CA THR A 58 4.48 -4.41 -6.96
C THR A 58 4.56 -5.02 -8.37
N ILE A 59 4.66 -6.33 -8.40
CA ILE A 59 4.75 -7.05 -9.66
C ILE A 59 3.34 -7.20 -10.25
N ARG A 60 3.17 -6.66 -11.45
CA ARG A 60 1.88 -6.72 -12.12
C ARG A 60 1.87 -7.89 -13.12
N GLU A 61 0.85 -8.73 -13.00
CA GLU A 61 0.72 -9.87 -13.87
C GLU A 61 0.36 -9.42 -15.29
N ALA A 62 1.10 -9.95 -16.25
CA ALA A 62 0.88 -9.61 -17.65
C ALA A 62 0.09 -10.73 -18.31
N LYS A 63 -0.91 -10.34 -19.10
CA LYS A 63 -1.74 -11.30 -19.80
C LYS A 63 -1.23 -11.45 -21.24
N GLU A 64 -0.97 -12.70 -21.61
CA GLU A 64 -0.49 -13.00 -22.94
C GLU A 64 -1.64 -13.45 -23.85
N ILE A 65 -1.45 -13.23 -25.14
CA ILE A 65 -2.47 -13.61 -26.11
C ILE A 65 -2.29 -15.08 -26.48
N ARG A 66 -3.40 -15.81 -26.42
CA ARG A 66 -3.39 -17.22 -26.73
C ARG A 66 -3.63 -17.43 -28.23
N THR A 67 -2.69 -18.13 -28.85
CA THR A 67 -2.79 -18.40 -30.27
C THR A 67 -2.86 -19.91 -30.52
N PRO A 68 -3.60 -20.28 -31.60
CA PRO A 68 -3.76 -21.69 -31.96
C PRO A 68 -2.49 -22.23 -32.60
N MET A 1 18.24 2.78 0.95
CA MET A 1 16.91 2.33 0.63
C MET A 1 16.55 2.67 -0.81
N ASP A 2 16.89 1.75 -1.71
CA ASP A 2 16.61 1.94 -3.12
C ASP A 2 15.41 1.07 -3.52
N ASP A 3 15.29 -0.06 -2.85
CA ASP A 3 14.20 -0.98 -3.12
C ASP A 3 12.87 -0.28 -2.81
N ALA A 4 12.67 -0.01 -1.54
CA ALA A 4 11.44 0.65 -1.10
C ALA A 4 11.70 2.14 -0.95
N THR A 5 10.68 2.92 -1.27
CA THR A 5 10.79 4.37 -1.18
C THR A 5 10.08 4.87 0.09
N PRO A 6 10.71 5.91 0.71
CA PRO A 6 10.17 6.48 1.93
C PRO A 6 8.94 7.36 1.62
N ALA A 7 7.78 6.87 2.01
CA ALA A 7 6.55 7.60 1.78
C ALA A 7 5.76 7.69 3.10
N GLU A 8 4.88 8.68 3.14
CA GLU A 8 4.08 8.89 4.33
C GLU A 8 2.59 8.73 3.99
N VAL A 9 1.91 7.96 4.85
CA VAL A 9 0.49 7.72 4.65
C VAL A 9 -0.23 9.05 4.43
N ILE A 10 -1.17 9.03 3.50
CA ILE A 10 -1.94 10.23 3.19
C ILE A 10 -3.41 9.98 3.53
N GLU A 11 -3.87 8.78 3.22
CA GLU A 11 -5.25 8.42 3.47
C GLU A 11 -5.31 7.06 4.19
N VAL A 12 -6.35 6.91 5.02
CA VAL A 12 -6.52 5.69 5.77
C VAL A 12 -7.89 5.09 5.44
N LEU A 13 -7.87 3.82 5.04
CA LEU A 13 -9.09 3.12 4.69
C LEU A 13 -9.43 2.11 5.79
N LYS A 14 -10.43 2.44 6.58
CA LYS A 14 -10.85 1.57 7.67
C LYS A 14 -12.38 1.47 7.68
N ARG A 15 -12.86 0.36 8.18
CA ARG A 15 -14.31 0.14 8.26
C ARG A 15 -14.69 -0.36 9.65
N THR A 16 -15.48 0.44 10.34
CA THR A 16 -15.93 0.08 11.68
C THR A 16 -16.79 -1.18 11.64
N GLY A 17 -16.25 -2.25 12.20
CA GLY A 17 -16.96 -3.52 12.23
C GLY A 17 -16.78 -4.28 10.92
N MET A 18 -17.69 -5.21 10.68
CA MET A 18 -17.65 -6.01 9.47
C MET A 18 -16.37 -6.83 9.39
N THR A 19 -16.25 -7.77 10.32
CA THR A 19 -15.09 -8.63 10.38
C THR A 19 -13.86 -7.84 10.83
N GLY A 20 -13.16 -8.38 11.81
CA GLY A 20 -11.97 -7.74 12.34
C GLY A 20 -10.89 -7.61 11.26
N GLU A 21 -9.93 -8.52 11.32
CA GLU A 21 -8.84 -8.52 10.35
C GLU A 21 -8.02 -7.24 10.49
N VAL A 22 -7.01 -7.13 9.63
CA VAL A 22 -6.14 -5.97 9.64
C VAL A 22 -6.71 -4.91 8.70
N MET A 23 -6.55 -3.65 9.09
CA MET A 23 -7.03 -2.54 8.30
C MET A 23 -5.99 -2.10 7.26
N GLN A 24 -6.48 -1.45 6.22
CA GLN A 24 -5.60 -0.97 5.16
C GLN A 24 -5.42 0.54 5.27
N VAL A 25 -4.28 1.00 4.77
CA VAL A 25 -3.97 2.42 4.80
C VAL A 25 -3.48 2.86 3.42
N LYS A 26 -3.74 4.12 3.11
CA LYS A 26 -3.33 4.68 1.83
C LYS A 26 -2.13 5.61 2.05
N CYS A 27 -1.12 5.40 1.22
CA CYS A 27 0.09 6.20 1.30
C CYS A 27 0.55 6.53 -0.11
N ARG A 28 1.01 7.77 -0.29
CA ARG A 28 1.48 8.22 -1.58
C ARG A 28 3.00 8.36 -1.57
N ILE A 29 3.60 7.97 -2.68
CA ILE A 29 5.05 8.05 -2.82
C ILE A 29 5.51 9.49 -2.55
N LEU A 30 6.58 9.60 -1.81
CA LEU A 30 7.13 10.91 -1.47
C LEU A 30 8.39 11.16 -2.29
N ASP A 31 8.90 10.08 -2.87
CA ASP A 31 10.10 10.16 -3.69
C ASP A 31 10.22 8.90 -4.54
N GLY A 32 10.82 9.07 -5.71
CA GLY A 32 11.01 7.95 -6.62
C GLY A 32 10.51 8.30 -8.03
N ARG A 33 10.95 7.50 -8.99
CA ARG A 33 10.55 7.71 -10.38
C ARG A 33 9.04 7.57 -10.54
N ASP A 34 8.43 6.93 -9.54
CA ASP A 34 6.99 6.72 -9.56
C ASP A 34 6.32 7.81 -8.73
N LYS A 35 7.12 8.77 -8.30
CA LYS A 35 6.61 9.87 -7.50
C LYS A 35 5.11 10.02 -7.75
N GLY A 36 4.37 10.13 -6.66
CA GLY A 36 2.92 10.28 -6.74
C GLY A 36 2.23 8.92 -6.71
N ARG A 37 3.03 7.87 -6.80
CA ARG A 37 2.52 6.52 -6.79
C ARG A 37 1.83 6.23 -5.46
N ILE A 38 0.57 5.83 -5.55
CA ILE A 38 -0.21 5.51 -4.36
C ILE A 38 -0.61 4.04 -4.40
N LEU A 39 -0.40 3.37 -3.27
CA LEU A 39 -0.73 1.96 -3.16
C LEU A 39 -1.27 1.68 -1.75
N THR A 40 -2.26 0.80 -1.70
CA THR A 40 -2.88 0.44 -0.44
C THR A 40 -2.32 -0.90 0.05
N ARG A 41 -2.09 -0.96 1.35
CA ARG A 41 -1.56 -2.17 1.96
C ARG A 41 -2.32 -2.50 3.24
N ASN A 42 -2.43 -3.79 3.53
CA ASN A 42 -3.13 -4.24 4.71
C ASN A 42 -2.15 -4.27 5.90
N VAL A 43 -2.48 -3.50 6.91
CA VAL A 43 -1.65 -3.43 8.11
C VAL A 43 -2.54 -3.44 9.35
N MET A 44 -2.16 -4.27 10.31
CA MET A 44 -2.92 -4.37 11.55
C MET A 44 -2.33 -3.47 12.63
N GLY A 45 -3.19 -2.64 13.20
CA GLY A 45 -2.76 -1.72 14.24
C GLY A 45 -3.27 -0.30 13.96
N PRO A 46 -3.13 0.57 14.98
CA PRO A 46 -3.57 1.95 14.85
C PRO A 46 -2.58 2.75 14.00
N ILE A 47 -2.83 2.76 12.70
CA ILE A 47 -1.99 3.48 11.77
C ILE A 47 -2.84 4.45 10.94
N ARG A 48 -2.46 5.71 11.00
CA ARG A 48 -3.18 6.74 10.25
C ARG A 48 -2.21 7.57 9.41
N GLU A 49 -2.78 8.31 8.47
CA GLU A 49 -1.98 9.14 7.59
C GLU A 49 -0.82 9.79 8.37
N GLY A 50 0.35 9.78 7.75
CA GLY A 50 1.52 10.36 8.36
C GLY A 50 2.59 9.29 8.62
N ASP A 51 2.12 8.07 8.80
CA ASP A 51 3.02 6.95 9.05
C ASP A 51 3.88 6.70 7.81
N ILE A 52 5.03 6.07 8.04
CA ILE A 52 5.94 5.78 6.96
C ILE A 52 5.66 4.37 6.42
N LEU A 53 5.74 4.25 5.10
CA LEU A 53 5.48 2.98 4.45
C LEU A 53 6.56 2.74 3.39
N MET A 54 6.67 1.48 2.98
CA MET A 54 7.66 1.11 1.98
C MET A 54 6.97 0.68 0.68
N LEU A 55 7.36 1.35 -0.40
CA LEU A 55 6.79 1.05 -1.70
C LEU A 55 7.77 0.19 -2.50
N LEU A 56 7.40 -1.07 -2.66
CA LEU A 56 8.24 -2.02 -3.39
C LEU A 56 7.61 -2.29 -4.75
N ASP A 57 8.47 -2.40 -5.75
CA ASP A 57 8.01 -2.67 -7.11
C ASP A 57 7.10 -3.90 -7.10
N THR A 58 5.87 -3.68 -7.54
CA THR A 58 4.89 -4.76 -7.59
C THR A 58 4.78 -5.30 -9.02
N ILE A 59 5.27 -6.52 -9.19
CA ILE A 59 5.22 -7.17 -10.49
C ILE A 59 3.80 -7.68 -10.76
N ARG A 60 3.43 -7.65 -12.03
CA ARG A 60 2.11 -8.10 -12.43
C ARG A 60 2.00 -9.62 -12.29
N GLU A 61 0.88 -10.06 -11.75
CA GLU A 61 0.64 -11.48 -11.56
C GLU A 61 -0.25 -12.03 -12.67
N ALA A 62 -0.06 -13.30 -12.98
CA ALA A 62 -0.84 -13.95 -14.02
C ALA A 62 -2.24 -14.25 -13.49
N LYS A 63 -3.23 -13.80 -14.24
CA LYS A 63 -4.62 -14.01 -13.85
C LYS A 63 -4.98 -15.48 -14.03
N GLU A 64 -5.37 -16.10 -12.92
CA GLU A 64 -5.73 -17.51 -12.94
C GLU A 64 -7.25 -17.66 -12.86
N ILE A 65 -7.77 -18.58 -13.66
CA ILE A 65 -9.20 -18.83 -13.70
C ILE A 65 -9.59 -19.66 -12.47
N ARG A 66 -10.31 -19.01 -11.56
CA ARG A 66 -10.75 -19.66 -10.35
C ARG A 66 -12.11 -20.32 -10.57
N THR A 67 -12.28 -21.47 -9.93
CA THR A 67 -13.53 -22.21 -10.05
C THR A 67 -14.20 -22.36 -8.68
N PRO A 68 -15.56 -22.37 -8.70
CA PRO A 68 -16.34 -22.50 -7.48
C PRO A 68 -16.29 -23.94 -6.95
N MET A 1 17.24 2.02 0.61
CA MET A 1 16.48 0.89 0.09
C MET A 1 15.70 1.29 -1.16
N ASP A 2 15.97 0.58 -2.25
CA ASP A 2 15.30 0.85 -3.51
C ASP A 2 14.11 -0.09 -3.66
N ASP A 3 14.24 -1.26 -3.03
CA ASP A 3 13.19 -2.25 -3.09
C ASP A 3 11.84 -1.58 -2.88
N ALA A 4 11.70 -0.96 -1.71
CA ALA A 4 10.47 -0.26 -1.37
C ALA A 4 10.74 1.25 -1.29
N THR A 5 9.74 2.02 -1.68
CA THR A 5 9.85 3.46 -1.65
C THR A 5 9.24 4.02 -0.37
N PRO A 6 10.04 4.84 0.35
CA PRO A 6 9.59 5.45 1.60
C PRO A 6 8.62 6.60 1.33
N ALA A 7 7.44 6.48 1.92
CA ALA A 7 6.41 7.48 1.76
C ALA A 7 5.60 7.61 3.05
N GLU A 8 4.97 8.76 3.21
CA GLU A 8 4.17 9.02 4.40
C GLU A 8 2.68 8.81 4.08
N VAL A 9 2.01 8.09 4.96
CA VAL A 9 0.60 7.82 4.80
C VAL A 9 -0.14 9.13 4.51
N ILE A 10 -0.98 9.10 3.49
CA ILE A 10 -1.74 10.26 3.11
C ILE A 10 -3.24 9.99 3.33
N GLU A 11 -3.64 8.77 3.01
CA GLU A 11 -5.03 8.38 3.17
C GLU A 11 -5.11 7.02 3.87
N VAL A 12 -6.13 6.88 4.71
CA VAL A 12 -6.33 5.65 5.45
C VAL A 12 -7.73 5.11 5.16
N LEU A 13 -7.80 3.83 4.88
CA LEU A 13 -9.07 3.18 4.59
C LEU A 13 -9.49 2.33 5.79
N LYS A 14 -10.58 2.73 6.41
CA LYS A 14 -11.10 2.02 7.57
C LYS A 14 -12.59 1.78 7.39
N ARG A 15 -12.95 0.51 7.23
CA ARG A 15 -14.35 0.14 7.06
C ARG A 15 -14.80 -0.77 8.20
N THR A 16 -15.89 -0.37 8.84
CA THR A 16 -16.44 -1.15 9.94
C THR A 16 -16.62 -2.60 9.53
N GLY A 17 -17.56 -2.82 8.63
CA GLY A 17 -17.83 -4.16 8.14
C GLY A 17 -17.75 -5.19 9.28
N MET A 18 -17.11 -6.31 8.98
CA MET A 18 -16.94 -7.36 9.96
C MET A 18 -16.16 -8.54 9.38
N THR A 19 -14.88 -8.30 9.14
CA THR A 19 -14.02 -9.32 8.59
C THR A 19 -12.57 -8.83 8.53
N GLY A 20 -11.66 -9.77 8.40
CA GLY A 20 -10.24 -9.44 8.32
C GLY A 20 -9.63 -9.33 9.72
N GLU A 21 -8.41 -8.84 9.76
CA GLU A 21 -7.70 -8.68 11.01
C GLU A 21 -6.98 -7.32 11.05
N VAL A 22 -6.18 -7.09 10.02
CA VAL A 22 -5.43 -5.85 9.92
C VAL A 22 -6.16 -4.90 8.96
N MET A 23 -6.10 -3.62 9.29
CA MET A 23 -6.73 -2.60 8.47
C MET A 23 -5.84 -2.17 7.32
N GLN A 24 -6.45 -1.58 6.31
CA GLN A 24 -5.72 -1.12 5.15
C GLN A 24 -5.58 0.41 5.17
N VAL A 25 -4.37 0.85 4.83
CA VAL A 25 -4.09 2.28 4.81
C VAL A 25 -3.55 2.68 3.44
N LYS A 26 -3.70 3.95 3.13
CA LYS A 26 -3.23 4.47 1.85
C LYS A 26 -2.04 5.41 2.09
N CYS A 27 -1.02 5.24 1.26
CA CYS A 27 0.17 6.06 1.37
C CYS A 27 0.64 6.42 -0.04
N ARG A 28 0.99 7.68 -0.21
CA ARG A 28 1.46 8.16 -1.51
C ARG A 28 2.97 8.35 -1.48
N ILE A 29 3.60 7.93 -2.58
CA ILE A 29 5.04 8.05 -2.70
C ILE A 29 5.47 9.50 -2.43
N LEU A 30 6.59 9.64 -1.75
CA LEU A 30 7.10 10.95 -1.42
C LEU A 30 8.37 11.22 -2.23
N ASP A 31 8.91 10.14 -2.79
CA ASP A 31 10.12 10.24 -3.59
C ASP A 31 10.28 8.97 -4.42
N GLY A 32 10.95 9.12 -5.56
CA GLY A 32 11.17 8.00 -6.45
C GLY A 32 10.76 8.35 -7.88
N ARG A 33 11.20 7.50 -8.81
CA ARG A 33 10.88 7.70 -10.21
C ARG A 33 9.37 7.62 -10.42
N ASP A 34 8.70 7.05 -9.44
CA ASP A 34 7.24 6.91 -9.51
C ASP A 34 6.59 7.97 -8.63
N LYS A 35 7.41 8.91 -8.17
CA LYS A 35 6.92 9.97 -7.32
C LYS A 35 5.43 10.19 -7.59
N GLY A 36 4.68 10.33 -6.50
CA GLY A 36 3.25 10.55 -6.60
C GLY A 36 2.49 9.22 -6.64
N ARG A 37 3.25 8.15 -6.77
CA ARG A 37 2.67 6.82 -6.81
C ARG A 37 1.96 6.50 -5.49
N ILE A 38 0.71 6.09 -5.62
CA ILE A 38 -0.08 5.74 -4.45
C ILE A 38 -0.45 4.26 -4.50
N LEU A 39 -0.23 3.60 -3.38
CA LEU A 39 -0.53 2.17 -3.27
C LEU A 39 -1.24 1.90 -1.94
N THR A 40 -2.01 0.83 -1.93
CA THR A 40 -2.73 0.44 -0.74
C THR A 40 -2.32 -0.97 -0.29
N ARG A 41 -2.08 -1.10 1.00
CA ARG A 41 -1.68 -2.38 1.57
C ARG A 41 -2.31 -2.56 2.95
N ASN A 42 -2.44 -3.83 3.33
CA ASN A 42 -3.02 -4.16 4.63
C ASN A 42 -1.93 -4.14 5.70
N VAL A 43 -2.13 -3.27 6.68
CA VAL A 43 -1.17 -3.14 7.76
C VAL A 43 -1.89 -3.34 9.10
N MET A 44 -1.16 -3.93 10.03
CA MET A 44 -1.71 -4.19 11.35
C MET A 44 -1.22 -3.15 12.37
N GLY A 45 -2.15 -2.71 13.20
CA GLY A 45 -1.82 -1.73 14.23
C GLY A 45 -2.47 -0.38 13.92
N PRO A 46 -2.41 0.53 14.93
CA PRO A 46 -3.01 1.85 14.77
C PRO A 46 -2.13 2.74 13.88
N ILE A 47 -2.38 2.65 12.59
CA ILE A 47 -1.63 3.43 11.62
C ILE A 47 -2.60 4.23 10.74
N ARG A 48 -2.43 5.55 10.78
CA ARG A 48 -3.29 6.43 10.00
C ARG A 48 -2.43 7.43 9.23
N GLU A 49 -3.07 8.07 8.26
CA GLU A 49 -2.40 9.07 7.44
C GLU A 49 -1.40 9.86 8.29
N GLY A 50 -0.22 10.08 7.71
CA GLY A 50 0.81 10.83 8.40
C GLY A 50 1.96 9.91 8.82
N ASP A 51 1.64 8.63 8.91
CA ASP A 51 2.64 7.65 9.30
C ASP A 51 3.54 7.34 8.10
N ILE A 52 4.49 6.44 8.34
CA ILE A 52 5.42 6.05 7.29
C ILE A 52 5.16 4.59 6.90
N LEU A 53 5.10 4.36 5.60
CA LEU A 53 4.86 3.03 5.09
C LEU A 53 5.82 2.75 3.92
N MET A 54 5.99 1.47 3.64
CA MET A 54 6.88 1.06 2.56
C MET A 54 6.09 0.84 1.26
N LEU A 55 6.58 1.46 0.20
CA LEU A 55 5.94 1.34 -1.10
C LEU A 55 6.71 0.31 -1.94
N LEU A 56 6.06 -0.83 -2.15
CA LEU A 56 6.66 -1.89 -2.93
C LEU A 56 5.99 -1.94 -4.31
N ASP A 57 6.82 -2.16 -5.32
CA ASP A 57 6.34 -2.23 -6.69
C ASP A 57 5.51 -3.51 -6.87
N THR A 58 4.26 -3.31 -7.27
CA THR A 58 3.36 -4.43 -7.49
C THR A 58 3.75 -5.20 -8.75
N ILE A 59 3.93 -6.50 -8.57
CA ILE A 59 4.31 -7.36 -9.68
C ILE A 59 3.07 -7.64 -10.54
N ARG A 60 3.24 -7.45 -11.84
CA ARG A 60 2.16 -7.69 -12.78
C ARG A 60 2.31 -9.06 -13.44
N GLU A 61 1.18 -9.59 -13.90
CA GLU A 61 1.17 -10.89 -14.55
C GLU A 61 1.14 -10.72 -16.07
N ALA A 62 1.96 -11.52 -16.73
CA ALA A 62 2.03 -11.48 -18.18
C ALA A 62 0.92 -12.33 -18.78
N LYS A 63 0.25 -11.76 -19.78
CA LYS A 63 -0.84 -12.46 -20.44
C LYS A 63 -0.27 -13.48 -21.43
N GLU A 64 -0.67 -14.72 -21.25
CA GLU A 64 -0.20 -15.79 -22.13
C GLU A 64 -1.18 -15.98 -23.29
N ILE A 65 -0.60 -16.15 -24.48
CA ILE A 65 -1.40 -16.34 -25.68
C ILE A 65 -1.76 -17.83 -25.82
N ARG A 66 -2.94 -18.07 -26.34
CA ARG A 66 -3.41 -19.43 -26.53
C ARG A 66 -3.16 -19.88 -27.97
N THR A 67 -2.83 -21.16 -28.11
CA THR A 67 -2.57 -21.73 -29.42
C THR A 67 -3.49 -22.92 -29.68
N PRO A 68 -3.84 -23.09 -30.98
CA PRO A 68 -4.72 -24.19 -31.37
C PRO A 68 -3.96 -25.52 -31.37
N MET A 1 16.43 0.88 2.26
CA MET A 1 15.80 0.00 1.29
C MET A 1 15.49 0.73 -0.01
N ASP A 2 16.05 0.22 -1.09
CA ASP A 2 15.85 0.81 -2.40
C ASP A 2 14.66 0.13 -3.09
N ASP A 3 14.53 -1.16 -2.82
CA ASP A 3 13.44 -1.93 -3.40
C ASP A 3 12.13 -1.16 -3.25
N ALA A 4 11.80 -0.88 -1.99
CA ALA A 4 10.58 -0.16 -1.69
C ALA A 4 10.90 1.32 -1.49
N THR A 5 9.96 2.16 -1.89
CA THR A 5 10.13 3.60 -1.76
C THR A 5 9.46 4.11 -0.50
N PRO A 6 10.14 5.07 0.18
CA PRO A 6 9.62 5.65 1.41
C PRO A 6 8.49 6.63 1.10
N ALA A 7 7.40 6.48 1.87
CA ALA A 7 6.25 7.35 1.69
C ALA A 7 5.50 7.47 3.02
N GLU A 8 4.75 8.55 3.14
CA GLU A 8 3.98 8.80 4.35
C GLU A 8 2.49 8.67 4.07
N VAL A 9 1.81 7.93 4.94
CA VAL A 9 0.38 7.73 4.79
C VAL A 9 -0.31 9.08 4.60
N ILE A 10 -1.18 9.12 3.60
CA ILE A 10 -1.90 10.35 3.29
C ILE A 10 -3.40 10.12 3.51
N GLU A 11 -3.84 8.93 3.16
CA GLU A 11 -5.24 8.56 3.32
C GLU A 11 -5.36 7.21 4.02
N VAL A 12 -6.45 7.05 4.76
CA VAL A 12 -6.70 5.82 5.49
C VAL A 12 -8.00 5.19 4.97
N LEU A 13 -7.96 3.86 4.82
CA LEU A 13 -9.10 3.13 4.34
C LEU A 13 -9.76 2.39 5.52
N LYS A 14 -10.92 2.89 5.91
CA LYS A 14 -11.66 2.29 7.01
C LYS A 14 -13.12 2.11 6.61
N ARG A 15 -13.62 0.90 6.85
CA ARG A 15 -15.00 0.59 6.51
C ARG A 15 -15.73 0.04 7.74
N THR A 16 -16.94 0.54 7.94
CA THR A 16 -17.75 0.11 9.07
C THR A 16 -18.49 -1.18 8.73
N GLY A 17 -18.12 -2.24 9.44
CA GLY A 17 -18.73 -3.54 9.23
C GLY A 17 -17.69 -4.58 8.81
N MET A 18 -18.15 -5.56 8.06
CA MET A 18 -17.28 -6.62 7.58
C MET A 18 -16.35 -7.09 8.69
N THR A 19 -15.35 -7.88 8.29
CA THR A 19 -14.38 -8.40 9.24
C THR A 19 -12.98 -8.40 8.62
N GLY A 20 -12.24 -7.34 8.90
CA GLY A 20 -10.89 -7.21 8.39
C GLY A 20 -9.86 -7.48 9.49
N GLU A 21 -9.08 -8.54 9.28
CA GLU A 21 -8.05 -8.92 10.23
C GLU A 21 -7.04 -7.78 10.39
N VAL A 22 -6.55 -7.30 9.26
CA VAL A 22 -5.57 -6.23 9.26
C VAL A 22 -6.18 -5.00 8.59
N MET A 23 -5.82 -3.83 9.12
CA MET A 23 -6.32 -2.58 8.58
C MET A 23 -5.44 -2.10 7.43
N GLN A 24 -6.09 -1.56 6.41
CA GLN A 24 -5.38 -1.05 5.24
C GLN A 24 -5.34 0.47 5.28
N VAL A 25 -4.20 1.01 4.89
CA VAL A 25 -4.01 2.46 4.86
C VAL A 25 -3.49 2.88 3.48
N LYS A 26 -3.74 4.15 3.16
CA LYS A 26 -3.30 4.68 1.89
C LYS A 26 -2.10 5.61 2.11
N CYS A 27 -1.07 5.39 1.31
CA CYS A 27 0.14 6.19 1.41
C CYS A 27 0.63 6.51 0.00
N ARG A 28 0.79 7.81 -0.26
CA ARG A 28 1.25 8.25 -1.58
C ARG A 28 2.77 8.43 -1.56
N ILE A 29 3.39 8.00 -2.64
CA ILE A 29 4.83 8.10 -2.78
C ILE A 29 5.27 9.53 -2.45
N LEU A 30 6.40 9.63 -1.77
CA LEU A 30 6.93 10.92 -1.38
C LEU A 30 8.14 11.26 -2.26
N ASP A 31 8.83 10.21 -2.69
CA ASP A 31 9.99 10.38 -3.53
C ASP A 31 10.39 9.02 -4.13
N GLY A 32 10.54 9.01 -5.44
CA GLY A 32 10.91 7.80 -6.14
C GLY A 32 10.78 7.97 -7.65
N ARG A 33 10.98 6.87 -8.37
CA ARG A 33 10.89 6.89 -9.82
C ARG A 33 9.46 7.22 -10.25
N ASP A 34 8.52 6.84 -9.42
CA ASP A 34 7.11 7.09 -9.71
C ASP A 34 6.72 8.46 -9.15
N LYS A 35 7.25 8.76 -7.98
CA LYS A 35 6.98 10.04 -7.33
C LYS A 35 5.51 10.40 -7.56
N GLY A 36 4.69 10.06 -6.57
CA GLY A 36 3.27 10.35 -6.65
C GLY A 36 2.45 9.06 -6.67
N ARG A 37 3.17 7.95 -6.73
CA ARG A 37 2.51 6.65 -6.75
C ARG A 37 1.70 6.42 -5.48
N ILE A 38 0.45 6.02 -5.67
CA ILE A 38 -0.44 5.78 -4.55
C ILE A 38 -0.86 4.31 -4.56
N LEU A 39 -0.55 3.64 -3.46
CA LEU A 39 -0.89 2.23 -3.32
C LEU A 39 -1.34 1.96 -1.88
N THR A 40 -2.08 0.87 -1.73
CA THR A 40 -2.58 0.49 -0.41
C THR A 40 -1.71 -0.62 0.19
N ARG A 41 -1.35 -0.42 1.45
CA ARG A 41 -0.53 -1.40 2.14
C ARG A 41 -1.27 -1.96 3.36
N ASN A 42 -1.07 -3.23 3.61
CA ASN A 42 -1.71 -3.90 4.74
C ASN A 42 -0.85 -3.71 5.99
N VAL A 43 -1.47 -3.16 7.02
CA VAL A 43 -0.78 -2.93 8.27
C VAL A 43 -1.74 -3.18 9.44
N MET A 44 -1.27 -3.95 10.41
CA MET A 44 -2.08 -4.27 11.57
C MET A 44 -1.74 -3.34 12.74
N GLY A 45 -2.78 -2.71 13.27
CA GLY A 45 -2.62 -1.80 14.38
C GLY A 45 -3.19 -0.41 14.04
N PRO A 46 -3.13 0.49 15.06
CA PRO A 46 -3.63 1.85 14.89
C PRO A 46 -2.66 2.68 14.05
N ILE A 47 -2.88 2.66 12.74
CA ILE A 47 -2.03 3.41 11.83
C ILE A 47 -2.91 4.32 10.96
N ARG A 48 -2.63 5.60 11.03
CA ARG A 48 -3.38 6.59 10.25
C ARG A 48 -2.43 7.50 9.48
N GLU A 49 -2.98 8.20 8.51
CA GLU A 49 -2.20 9.11 7.70
C GLU A 49 -1.11 9.76 8.55
N GLY A 50 0.08 9.81 7.98
CA GLY A 50 1.22 10.40 8.67
C GLY A 50 2.31 9.36 8.91
N ASP A 51 1.91 8.11 8.90
CA ASP A 51 2.85 7.01 9.11
C ASP A 51 3.67 6.78 7.84
N ILE A 52 4.82 6.17 8.02
CA ILE A 52 5.71 5.89 6.90
C ILE A 52 5.59 4.40 6.54
N LEU A 53 5.39 4.16 5.25
CA LEU A 53 5.26 2.79 4.76
C LEU A 53 6.17 2.61 3.54
N MET A 54 6.44 1.34 3.24
CA MET A 54 7.30 1.02 2.12
C MET A 54 6.47 0.65 0.89
N LEU A 55 6.77 1.32 -0.23
CA LEU A 55 6.06 1.07 -1.46
C LEU A 55 6.90 0.13 -2.34
N LEU A 56 6.40 -1.09 -2.49
CA LEU A 56 7.10 -2.08 -3.30
C LEU A 56 6.37 -2.22 -4.64
N ASP A 57 7.17 -2.36 -5.69
CA ASP A 57 6.61 -2.51 -7.03
C ASP A 57 5.67 -3.70 -7.06
N THR A 58 4.43 -3.43 -7.46
CA THR A 58 3.42 -4.47 -7.53
C THR A 58 3.69 -5.40 -8.71
N ILE A 59 3.65 -6.69 -8.42
CA ILE A 59 3.88 -7.69 -9.45
C ILE A 59 2.56 -8.34 -9.84
N ARG A 60 2.42 -8.58 -11.13
CA ARG A 60 1.20 -9.20 -11.65
C ARG A 60 1.13 -10.66 -11.22
N GLU A 61 -0.10 -11.16 -11.13
CA GLU A 61 -0.33 -12.53 -10.72
C GLU A 61 -0.71 -13.39 -11.94
N ALA A 62 -0.14 -14.58 -11.99
CA ALA A 62 -0.40 -15.49 -13.09
C ALA A 62 -1.51 -16.46 -12.67
N LYS A 63 -2.53 -16.53 -13.52
CA LYS A 63 -3.67 -17.41 -13.25
C LYS A 63 -3.26 -18.86 -13.56
N GLU A 64 -3.39 -19.70 -12.54
CA GLU A 64 -3.05 -21.10 -12.69
C GLU A 64 -4.31 -21.95 -12.88
N ILE A 65 -4.16 -23.01 -13.66
CA ILE A 65 -5.28 -23.90 -13.94
C ILE A 65 -5.29 -25.03 -12.91
N ARG A 66 -6.42 -25.18 -12.25
CA ARG A 66 -6.58 -26.22 -11.23
C ARG A 66 -7.24 -27.45 -11.85
N THR A 67 -6.75 -28.62 -11.42
CA THR A 67 -7.29 -29.87 -11.91
C THR A 67 -7.76 -30.74 -10.74
N PRO A 68 -8.82 -31.54 -11.03
CA PRO A 68 -9.39 -32.42 -10.02
C PRO A 68 -8.49 -33.64 -9.79
N MET A 1 15.37 1.00 -7.75
CA MET A 1 14.67 0.25 -8.78
C MET A 1 13.62 -0.68 -8.16
N ASP A 2 14.09 -1.56 -7.29
CA ASP A 2 13.21 -2.50 -6.61
C ASP A 2 13.03 -2.07 -5.17
N ASP A 3 14.10 -1.53 -4.60
CA ASP A 3 14.07 -1.09 -3.22
C ASP A 3 12.76 -0.35 -2.95
N ALA A 4 12.45 -0.22 -1.67
CA ALA A 4 11.23 0.46 -1.27
C ALA A 4 11.49 1.96 -1.15
N THR A 5 10.48 2.74 -1.50
CA THR A 5 10.59 4.19 -1.43
C THR A 5 9.94 4.71 -0.15
N PRO A 6 10.60 5.76 0.44
CA PRO A 6 10.10 6.36 1.66
C PRO A 6 8.89 7.24 1.37
N ALA A 7 7.75 6.81 1.90
CA ALA A 7 6.51 7.55 1.71
C ALA A 7 5.77 7.65 3.04
N GLU A 8 4.93 8.67 3.15
CA GLU A 8 4.16 8.89 4.35
C GLU A 8 2.66 8.73 4.06
N VAL A 9 2.00 7.97 4.92
CA VAL A 9 0.57 7.73 4.77
C VAL A 9 -0.15 9.07 4.60
N ILE A 10 -1.02 9.11 3.60
CA ILE A 10 -1.78 10.32 3.33
C ILE A 10 -3.27 10.05 3.56
N GLU A 11 -3.67 8.84 3.19
CA GLU A 11 -5.06 8.45 3.36
C GLU A 11 -5.15 7.10 4.09
N VAL A 12 -6.23 6.93 4.83
CA VAL A 12 -6.44 5.70 5.58
C VAL A 12 -7.77 5.07 5.14
N LEU A 13 -7.72 3.77 4.88
CA LEU A 13 -8.90 3.05 4.46
C LEU A 13 -9.33 2.10 5.59
N LYS A 14 -10.40 2.50 6.28
CA LYS A 14 -10.92 1.71 7.37
C LYS A 14 -12.45 1.67 7.28
N ARG A 15 -13.03 0.69 7.95
CA ARG A 15 -14.48 0.53 7.95
C ARG A 15 -14.99 0.47 9.39
N THR A 16 -15.83 1.45 9.73
CA THR A 16 -16.40 1.51 11.05
C THR A 16 -15.33 1.20 12.12
N GLY A 17 -15.80 0.92 13.33
CA GLY A 17 -14.91 0.60 14.43
C GLY A 17 -14.01 -0.58 14.07
N MET A 18 -13.26 -1.03 15.07
CA MET A 18 -12.35 -2.16 14.87
C MET A 18 -13.11 -3.40 14.41
N THR A 19 -13.04 -3.65 13.12
CA THR A 19 -13.71 -4.80 12.55
C THR A 19 -12.79 -5.52 11.55
N GLY A 20 -13.14 -6.76 11.25
CA GLY A 20 -12.35 -7.55 10.32
C GLY A 20 -11.18 -8.22 11.02
N GLU A 21 -9.99 -7.97 10.49
CA GLU A 21 -8.78 -8.55 11.06
C GLU A 21 -7.62 -7.56 10.96
N VAL A 22 -7.28 -7.22 9.72
CA VAL A 22 -6.20 -6.28 9.47
C VAL A 22 -6.75 -5.04 8.77
N MET A 23 -6.22 -3.89 9.15
CA MET A 23 -6.65 -2.63 8.57
C MET A 23 -5.68 -2.18 7.48
N GLN A 24 -6.25 -1.60 6.43
CA GLN A 24 -5.45 -1.12 5.32
C GLN A 24 -5.35 0.40 5.36
N VAL A 25 -4.19 0.90 4.92
CA VAL A 25 -3.95 2.33 4.90
C VAL A 25 -3.45 2.74 3.51
N LYS A 26 -3.61 4.02 3.21
CA LYS A 26 -3.18 4.55 1.93
C LYS A 26 -1.99 5.49 2.16
N CYS A 27 -0.98 5.32 1.31
CA CYS A 27 0.21 6.14 1.40
C CYS A 27 0.65 6.50 -0.01
N ARG A 28 0.96 7.78 -0.18
CA ARG A 28 1.40 8.28 -1.49
C ARG A 28 2.92 8.41 -1.52
N ILE A 29 3.48 8.02 -2.66
CA ILE A 29 4.93 8.09 -2.84
C ILE A 29 5.39 9.52 -2.58
N LEU A 30 6.51 9.62 -1.86
CA LEU A 30 7.08 10.92 -1.54
C LEU A 30 8.34 11.15 -2.38
N ASP A 31 8.82 10.06 -2.96
CA ASP A 31 10.01 10.13 -3.79
C ASP A 31 10.12 8.85 -4.63
N GLY A 32 10.76 8.99 -5.78
CA GLY A 32 10.94 7.87 -6.67
C GLY A 32 10.48 8.21 -8.09
N ARG A 33 10.88 7.37 -9.04
CA ARG A 33 10.53 7.58 -10.42
C ARG A 33 9.01 7.53 -10.60
N ASP A 34 8.36 6.94 -9.61
CA ASP A 34 6.91 6.82 -9.64
C ASP A 34 6.28 7.92 -8.77
N LYS A 35 7.13 8.85 -8.36
CA LYS A 35 6.68 9.96 -7.53
C LYS A 35 5.19 10.18 -7.75
N GLY A 36 4.47 10.28 -6.65
CA GLY A 36 3.03 10.49 -6.70
C GLY A 36 2.28 9.15 -6.68
N ARG A 37 3.04 8.09 -6.83
CA ARG A 37 2.46 6.75 -6.82
C ARG A 37 1.83 6.45 -5.47
N ILE A 38 0.58 6.02 -5.52
CA ILE A 38 -0.15 5.70 -4.30
C ILE A 38 -0.50 4.20 -4.30
N LEU A 39 -0.05 3.52 -3.26
CA LEU A 39 -0.32 2.10 -3.13
C LEU A 39 -1.02 1.84 -1.80
N THR A 40 -1.72 0.71 -1.75
CA THR A 40 -2.44 0.33 -0.55
C THR A 40 -1.83 -0.93 0.07
N ARG A 41 -1.77 -0.93 1.40
CA ARG A 41 -1.20 -2.06 2.11
C ARG A 41 -2.04 -2.35 3.37
N ASN A 42 -2.10 -3.63 3.71
CA ASN A 42 -2.86 -4.06 4.88
C ASN A 42 -1.92 -4.13 6.08
N VAL A 43 -2.26 -3.35 7.09
CA VAL A 43 -1.47 -3.32 8.31
C VAL A 43 -2.39 -3.34 9.53
N MET A 44 -2.09 -4.24 10.45
CA MET A 44 -2.88 -4.37 11.65
C MET A 44 -2.41 -3.39 12.73
N GLY A 45 -3.37 -2.70 13.32
CA GLY A 45 -3.08 -1.73 14.37
C GLY A 45 -3.59 -0.34 13.99
N PRO A 46 -3.61 0.56 15.00
CA PRO A 46 -4.07 1.92 14.80
C PRO A 46 -3.03 2.75 14.03
N ILE A 47 -3.17 2.73 12.71
CA ILE A 47 -2.25 3.47 11.86
C ILE A 47 -3.05 4.43 10.96
N ARG A 48 -2.69 5.70 11.04
CA ARG A 48 -3.36 6.72 10.25
C ARG A 48 -2.33 7.54 9.47
N GLU A 49 -2.84 8.27 8.49
CA GLU A 49 -1.97 9.10 7.66
C GLU A 49 -0.87 9.74 8.51
N GLY A 50 0.33 9.78 7.94
CA GLY A 50 1.47 10.35 8.63
C GLY A 50 2.55 9.29 8.87
N ASP A 51 2.12 8.04 8.84
CA ASP A 51 3.04 6.93 9.06
C ASP A 51 3.88 6.72 7.79
N ILE A 52 5.03 6.10 8.00
CA ILE A 52 5.94 5.84 6.89
C ILE A 52 5.68 4.42 6.36
N LEU A 53 5.44 4.34 5.05
CA LEU A 53 5.19 3.06 4.42
C LEU A 53 6.25 2.81 3.35
N MET A 54 6.36 1.55 2.96
CA MET A 54 7.34 1.16 1.96
C MET A 54 6.65 0.70 0.67
N LEU A 55 7.04 1.31 -0.43
CA LEU A 55 6.47 0.97 -1.72
C LEU A 55 7.43 0.05 -2.48
N LEU A 56 7.03 -1.21 -2.59
CA LEU A 56 7.84 -2.20 -3.28
C LEU A 56 7.22 -2.49 -4.65
N ASP A 57 8.06 -2.46 -5.66
CA ASP A 57 7.61 -2.72 -7.02
C ASP A 57 6.93 -4.09 -7.07
N THR A 58 5.69 -4.08 -7.51
CA THR A 58 4.91 -5.31 -7.61
C THR A 58 5.17 -5.99 -8.96
N ILE A 59 5.38 -7.29 -8.90
CA ILE A 59 5.64 -8.07 -10.10
C ILE A 59 4.38 -8.88 -10.46
N ARG A 60 4.08 -8.88 -11.74
CA ARG A 60 2.92 -9.60 -12.24
C ARG A 60 3.16 -11.11 -12.16
N GLU A 61 2.18 -11.82 -11.63
CA GLU A 61 2.27 -13.26 -11.49
C GLU A 61 2.06 -13.93 -12.86
N ALA A 62 2.79 -15.01 -13.07
CA ALA A 62 2.69 -15.75 -14.32
C ALA A 62 1.39 -16.56 -14.32
N LYS A 63 0.65 -16.40 -15.41
CA LYS A 63 -0.62 -17.10 -15.55
C LYS A 63 -0.39 -18.39 -16.34
N GLU A 64 -0.79 -19.50 -15.75
CA GLU A 64 -0.64 -20.79 -16.39
C GLU A 64 -1.85 -21.09 -17.27
N ILE A 65 -1.56 -21.36 -18.54
CA ILE A 65 -2.61 -21.66 -19.50
C ILE A 65 -2.93 -23.16 -19.44
N ARG A 66 -4.21 -23.46 -19.64
CA ARG A 66 -4.65 -24.84 -19.61
C ARG A 66 -4.18 -25.58 -20.87
N THR A 67 -3.75 -26.82 -20.66
CA THR A 67 -3.26 -27.63 -21.75
C THR A 67 -4.32 -28.67 -22.16
N PRO A 68 -4.35 -28.99 -23.48
CA PRO A 68 -5.29 -29.97 -24.00
C PRO A 68 -4.89 -31.38 -23.62
#